data_6NAQ
#
_entry.id   6NAQ
#
_cell.length_a   98.584
_cell.length_b   127.945
_cell.length_c   120.195
_cell.angle_alpha   90.00
_cell.angle_beta   90.19
_cell.angle_gamma   90.00
#
_symmetry.space_group_name_H-M   'P 1 21 1'
#
loop_
_entity.id
_entity.type
_entity.pdbx_description
1 polymer 'ATP-dependent Clp protease proteolytic subunit'
2 non-polymer 'POTASSIUM ION'
3 water water
#
_entity_poly.entity_id   1
_entity_poly.type   'polypeptide(L)'
_entity_poly.pdbx_seq_one_letter_code
;HHHHHHENLYFQSNMSFDNYLVPTVIEQSGRGERAFDIYSRLLKERIVFLVGPVTDESANLVVAQLLFLESENPDKDIFF
YINSPGGSVTAGMSIYDTMNFIKPDVSTLCLGQAASMGAFLLSAGEKGKRFALPNSRIMIHQPLISGGLGGQASDIEIHA
RELLKIKEKLNRLMAKHCDRDLADLERDTDRDNFMSAEEAKEYGLIDQILENRASLRL
;
_entity_poly.pdbx_strand_id   A,B,C,D,E,F,G,H,I,J,K,L,M,N
#
loop_
_chem_comp.id
_chem_comp.type
_chem_comp.name
_chem_comp.formula
K non-polymer 'POTASSIUM ION' 'K 1'
#
# COMPACT_ATOMS: atom_id res chain seq x y z
N VAL A 22 -1.45 -18.51 -27.63
CA VAL A 22 -0.43 -19.30 -28.32
C VAL A 22 -1.02 -20.03 -29.53
N PRO A 23 -0.43 -19.82 -30.71
CA PRO A 23 -0.91 -20.33 -32.01
C PRO A 23 -1.14 -21.85 -32.05
N THR A 24 -2.30 -22.25 -32.59
CA THR A 24 -2.61 -23.66 -32.83
C THR A 24 -2.35 -24.03 -34.29
N VAL A 25 -1.84 -25.23 -34.54
CA VAL A 25 -1.50 -25.65 -35.90
C VAL A 25 -1.95 -27.08 -36.19
N PHE A 36 -3.41 -28.87 -32.26
CA PHE A 36 -2.06 -29.04 -31.67
C PHE A 36 -1.40 -27.64 -31.61
N ASP A 37 -1.13 -27.13 -30.41
CA ASP A 37 -0.55 -25.79 -30.24
C ASP A 37 0.92 -25.80 -30.70
N ILE A 38 1.49 -24.61 -30.94
CA ILE A 38 2.81 -24.50 -31.60
C ILE A 38 3.98 -25.15 -30.85
N TYR A 39 4.01 -25.05 -29.52
CA TYR A 39 5.13 -25.61 -28.78
C TYR A 39 5.00 -27.13 -28.73
N SER A 40 3.77 -27.60 -28.60
CA SER A 40 3.52 -29.02 -28.72
C SER A 40 3.84 -29.55 -30.12
N ARG A 41 3.52 -28.72 -31.11
CA ARG A 41 3.86 -29.09 -32.47
C ARG A 41 5.36 -29.28 -32.63
N LEU A 42 6.17 -28.41 -32.02
CA LEU A 42 7.64 -28.51 -32.12
C LEU A 42 8.15 -29.68 -31.28
N LEU A 43 7.37 -30.07 -30.29
CA LEU A 43 7.70 -31.22 -29.45
C LEU A 43 7.71 -32.49 -30.31
N LYS A 44 6.90 -32.51 -31.36
CA LYS A 44 6.90 -33.64 -32.31
C LYS A 44 8.21 -33.74 -33.05
N GLU A 45 8.91 -32.62 -33.15
CA GLU A 45 10.20 -32.64 -33.79
C GLU A 45 11.30 -32.81 -32.77
N ARG A 46 10.89 -33.18 -31.56
CA ARG A 46 11.79 -33.42 -30.43
C ARG A 46 12.54 -32.14 -30.04
N ILE A 47 11.90 -31.00 -30.25
CA ILE A 47 12.37 -29.69 -29.75
C ILE A 47 11.77 -29.41 -28.37
N VAL A 48 12.63 -29.15 -27.39
CA VAL A 48 12.22 -28.75 -26.05
C VAL A 48 12.83 -27.39 -25.70
N PHE A 49 12.01 -26.48 -25.18
CA PHE A 49 12.45 -25.12 -24.82
C PHE A 49 12.63 -24.94 -23.33
N LEU A 50 13.69 -24.21 -22.97
CA LEU A 50 13.83 -23.60 -21.65
C LEU A 50 13.92 -22.09 -21.87
N VAL A 51 12.88 -21.36 -21.47
CA VAL A 51 12.84 -19.91 -21.71
C VAL A 51 12.55 -19.17 -20.40
N GLY A 52 13.37 -18.17 -20.10
CA GLY A 52 13.22 -17.39 -18.88
C GLY A 52 13.84 -18.07 -17.67
N PRO A 53 13.55 -17.54 -16.47
CA PRO A 53 14.13 -18.04 -15.22
C PRO A 53 13.88 -19.53 -15.01
N VAL A 54 14.89 -20.22 -14.50
CA VAL A 54 14.73 -21.60 -14.13
C VAL A 54 14.03 -21.72 -12.78
N THR A 55 12.82 -22.26 -12.78
CA THR A 55 12.09 -22.48 -11.54
C THR A 55 11.77 -23.96 -11.38
N ASP A 56 11.30 -24.35 -10.19
CA ASP A 56 10.85 -25.73 -9.97
C ASP A 56 9.85 -26.13 -11.05
N GLU A 57 8.89 -25.25 -11.31
CA GLU A 57 7.86 -25.55 -12.27
C GLU A 57 8.37 -25.55 -13.71
N SER A 58 9.20 -24.56 -14.08
CA SER A 58 9.68 -24.52 -15.46
C SER A 58 10.67 -25.67 -15.70
N ALA A 59 11.49 -25.99 -14.71
CA ALA A 59 12.44 -27.09 -14.84
C ALA A 59 11.73 -28.43 -14.93
N ASN A 60 10.73 -28.65 -14.07
CA ASN A 60 10.10 -29.96 -14.13
C ASN A 60 9.32 -30.19 -15.41
N LEU A 61 8.80 -29.13 -16.00
CA LEU A 61 8.14 -29.24 -17.30
C LEU A 61 9.13 -29.70 -18.39
N VAL A 62 10.36 -29.21 -18.31
CA VAL A 62 11.41 -29.66 -19.21
C VAL A 62 11.72 -31.13 -18.95
N VAL A 63 11.89 -31.49 -17.69
CA VAL A 63 12.15 -32.88 -17.32
C VAL A 63 11.05 -33.79 -17.88
N ALA A 64 9.80 -33.36 -17.74
CA ALA A 64 8.66 -34.12 -18.24
C ALA A 64 8.75 -34.34 -19.76
N GLN A 65 9.12 -33.30 -20.48
CA GLN A 65 9.24 -33.39 -21.95
C GLN A 65 10.38 -34.33 -22.35
N LEU A 66 11.49 -34.25 -21.62
CA LEU A 66 12.63 -35.11 -21.87
C LEU A 66 12.25 -36.57 -21.62
N LEU A 67 11.56 -36.84 -20.51
CA LEU A 67 11.14 -38.19 -20.20
C LEU A 67 10.14 -38.67 -21.26
N PHE A 68 9.25 -37.78 -21.68
CA PHE A 68 8.29 -38.11 -22.71
C PHE A 68 8.95 -38.52 -24.04
N LEU A 69 9.90 -37.70 -24.49
CA LEU A 69 10.60 -37.93 -25.75
C LEU A 69 11.39 -39.23 -25.74
N GLU A 70 12.04 -39.51 -24.61
CA GLU A 70 12.75 -40.78 -24.46
C GLU A 70 11.77 -41.95 -24.59
N SER A 71 10.62 -41.85 -23.91
CA SER A 71 9.61 -42.89 -23.97
C SER A 71 9.08 -43.11 -25.40
N GLU A 72 8.86 -42.02 -26.14
CA GLU A 72 8.42 -42.10 -27.54
C GLU A 72 9.50 -42.71 -28.44
N ASN A 73 10.75 -42.33 -28.22
CA ASN A 73 11.87 -42.87 -28.99
C ASN A 73 13.20 -42.67 -28.26
N PRO A 74 13.70 -43.72 -27.60
CA PRO A 74 14.92 -43.68 -26.78
C PRO A 74 16.22 -43.57 -27.58
N ASP A 75 16.10 -43.66 -28.91
CA ASP A 75 17.26 -43.76 -29.79
C ASP A 75 17.55 -42.50 -30.58
N LYS A 76 16.59 -41.59 -30.67
CA LYS A 76 16.76 -40.32 -31.39
C LYS A 76 17.17 -39.15 -30.50
N ASP A 77 18.00 -38.29 -31.05
CA ASP A 77 18.47 -37.08 -30.36
C ASP A 77 17.31 -36.17 -29.96
N ILE A 78 17.52 -35.47 -28.86
CA ILE A 78 16.61 -34.43 -28.40
C ILE A 78 17.29 -33.07 -28.58
N PHE A 79 16.52 -32.09 -29.01
CA PHE A 79 17.07 -30.76 -29.21
C PHE A 79 16.52 -29.78 -28.15
N PHE A 80 17.41 -29.40 -27.24
CA PHE A 80 17.08 -28.56 -26.08
C PHE A 80 17.50 -27.11 -26.37
N TYR A 81 16.52 -26.27 -26.70
CA TYR A 81 16.77 -24.86 -27.02
C TYR A 81 16.71 -24.05 -25.73
N ILE A 82 17.80 -23.32 -25.44
CA ILE A 82 17.93 -22.59 -24.17
C ILE A 82 18.04 -21.09 -24.40
N ASN A 83 17.10 -20.35 -23.84
CA ASN A 83 17.15 -18.89 -23.73
C ASN A 83 16.75 -18.52 -22.29
N SER A 84 17.74 -18.42 -21.41
CA SER A 84 17.52 -18.35 -19.96
C SER A 84 18.61 -17.61 -19.20
N PRO A 85 18.22 -16.82 -18.18
CA PRO A 85 19.21 -16.13 -17.35
C PRO A 85 19.64 -16.98 -16.16
N GLY A 86 19.11 -18.20 -16.09
CA GLY A 86 19.41 -19.08 -14.98
C GLY A 86 18.26 -19.05 -13.99
N GLY A 87 18.55 -19.39 -12.73
CA GLY A 87 17.52 -19.46 -11.69
C GLY A 87 17.92 -20.41 -10.58
N SER A 88 16.97 -21.20 -10.08
CA SER A 88 17.22 -22.13 -8.99
C SER A 88 18.24 -23.21 -9.34
N VAL A 89 19.24 -23.37 -8.46
CA VAL A 89 20.28 -24.37 -8.65
C VAL A 89 19.76 -25.80 -8.62
N THR A 90 18.94 -26.13 -7.62
CA THR A 90 18.44 -27.48 -7.52
C THR A 90 17.52 -27.79 -8.70
N ALA A 91 16.75 -26.80 -9.13
CA ALA A 91 15.87 -26.98 -10.28
C ALA A 91 16.69 -27.28 -11.53
N GLY A 92 17.74 -26.48 -11.70
CA GLY A 92 18.64 -26.66 -12.84
C GLY A 92 19.28 -28.03 -12.80
N MET A 93 19.67 -28.47 -11.60
CA MET A 93 20.27 -29.80 -11.41
C MET A 93 19.29 -30.94 -11.75
N SER A 94 17.99 -30.75 -11.51
CA SER A 94 17.02 -31.80 -11.87
C SER A 94 17.00 -31.97 -13.40
N ILE A 95 17.10 -30.86 -14.14
CA ILE A 95 17.19 -30.93 -15.59
C ILE A 95 18.51 -31.61 -16.02
N TYR A 96 19.61 -31.16 -15.41
CA TYR A 96 20.94 -31.70 -15.69
C TYR A 96 21.00 -33.23 -15.53
N ASP A 97 20.60 -33.71 -14.36
CA ASP A 97 20.64 -35.13 -14.09
C ASP A 97 19.72 -35.92 -15.01
N THR A 98 18.61 -35.32 -15.44
CA THR A 98 17.70 -35.97 -16.37
C THR A 98 18.30 -36.04 -17.78
N MET A 99 18.96 -34.97 -18.22
CA MET A 99 19.68 -35.00 -19.50
C MET A 99 20.70 -36.14 -19.54
N ASN A 100 21.41 -36.34 -18.44
CA ASN A 100 22.45 -37.36 -18.40
C ASN A 100 21.89 -38.76 -18.20
N PHE A 101 20.71 -38.85 -17.58
CA PHE A 101 20.08 -40.14 -17.26
C PHE A 101 19.44 -40.84 -18.44
N ILE A 102 18.73 -40.07 -19.26
CA ILE A 102 17.96 -40.64 -20.34
C ILE A 102 18.88 -41.14 -21.44
N LYS A 103 18.42 -42.13 -22.19
CA LYS A 103 19.27 -42.68 -23.24
C LYS A 103 19.59 -41.73 -24.37
N PRO A 104 18.58 -41.03 -24.93
CA PRO A 104 18.91 -40.14 -26.05
C PRO A 104 19.93 -39.03 -25.74
N ASP A 105 20.75 -38.73 -26.74
CA ASP A 105 21.62 -37.57 -26.71
C ASP A 105 20.76 -36.32 -26.62
N VAL A 106 21.06 -35.47 -25.64
CA VAL A 106 20.40 -34.17 -25.58
C VAL A 106 21.35 -33.12 -26.16
N SER A 107 21.07 -32.70 -27.38
CA SER A 107 21.81 -31.64 -28.06
C SER A 107 21.28 -30.31 -27.58
N THR A 108 22.17 -29.34 -27.31
CA THR A 108 21.72 -28.03 -26.82
C THR A 108 21.98 -26.90 -27.81
N LEU A 109 21.07 -25.92 -27.81
CA LEU A 109 21.22 -24.72 -28.62
C LEU A 109 20.88 -23.49 -27.78
N CYS A 110 21.81 -22.55 -27.72
CA CYS A 110 21.57 -21.28 -27.08
C CYS A 110 21.02 -20.29 -28.10
N LEU A 111 19.87 -19.71 -27.78
CA LEU A 111 19.38 -18.57 -28.56
C LEU A 111 19.11 -17.44 -27.58
N GLY A 112 19.49 -16.21 -27.95
CA GLY A 112 19.37 -15.09 -27.02
C GLY A 112 20.43 -15.13 -25.95
N GLN A 113 20.20 -15.88 -24.88
CA GLN A 113 21.20 -15.97 -23.84
C GLN A 113 21.20 -17.30 -23.11
N ALA A 114 22.34 -17.61 -22.51
CA ALA A 114 22.43 -18.67 -21.51
C ALA A 114 23.35 -18.17 -20.41
N ALA A 115 22.79 -17.77 -19.29
CA ALA A 115 23.58 -17.23 -18.21
C ALA A 115 23.39 -18.07 -16.98
N SER A 116 24.43 -18.16 -16.16
CA SER A 116 24.40 -18.91 -14.90
C SER A 116 23.92 -20.34 -15.12
N MET A 117 22.85 -20.76 -14.44
CA MET A 117 22.40 -22.15 -14.64
C MET A 117 22.03 -22.45 -16.12
N GLY A 118 21.60 -21.44 -16.85
CA GLY A 118 21.34 -21.58 -18.28
C GLY A 118 22.60 -22.00 -19.04
N ALA A 119 23.73 -21.38 -18.70
CA ALA A 119 25.01 -21.72 -19.34
C ALA A 119 25.49 -23.09 -18.90
N PHE A 120 25.25 -23.42 -17.63
CA PHE A 120 25.59 -24.74 -17.13
C PHE A 120 24.87 -25.80 -17.97
N LEU A 121 23.57 -25.63 -18.14
CA LEU A 121 22.78 -26.59 -18.91
C LEU A 121 23.21 -26.60 -20.38
N LEU A 122 23.48 -25.44 -20.95
CA LEU A 122 23.98 -25.37 -22.32
C LEU A 122 25.23 -26.21 -22.47
N SER A 123 26.15 -26.06 -21.53
CA SER A 123 27.43 -26.76 -21.59
C SER A 123 27.31 -28.24 -21.27
N ALA A 124 26.15 -28.64 -20.77
CA ALA A 124 25.89 -30.02 -20.38
C ALA A 124 25.35 -30.90 -21.50
N GLY A 125 25.06 -30.29 -22.64
CA GLY A 125 24.58 -31.05 -23.80
C GLY A 125 25.63 -32.08 -24.21
N GLU A 126 25.18 -33.11 -24.91
CA GLU A 126 26.06 -34.17 -25.36
C GLU A 126 27.28 -33.55 -26.09
N LYS A 127 28.48 -33.92 -25.65
CA LYS A 127 29.71 -33.37 -26.22
C LYS A 127 29.72 -33.54 -27.75
N GLY A 128 29.95 -32.45 -28.47
CA GLY A 128 29.84 -32.52 -29.92
C GLY A 128 28.54 -31.99 -30.45
N LYS A 129 27.53 -31.87 -29.57
CA LYS A 129 26.20 -31.43 -29.99
C LYS A 129 25.69 -30.20 -29.21
N ARG A 130 26.62 -29.37 -28.77
CA ARG A 130 26.30 -28.13 -28.06
C ARG A 130 26.51 -26.94 -28.98
N PHE A 131 25.45 -26.20 -29.23
CA PHE A 131 25.53 -25.11 -30.19
C PHE A 131 25.06 -23.76 -29.65
N ALA A 132 25.43 -22.69 -30.34
CA ALA A 132 24.87 -21.38 -30.08
C ALA A 132 24.64 -20.66 -31.38
N LEU A 133 23.60 -19.82 -31.41
CA LEU A 133 23.39 -18.94 -32.54
C LEU A 133 24.41 -17.78 -32.39
N PRO A 134 24.74 -17.09 -33.49
CA PRO A 134 25.92 -16.21 -33.50
C PRO A 134 25.93 -15.07 -32.47
N ASN A 135 24.78 -14.46 -32.21
CA ASN A 135 24.74 -13.31 -31.32
C ASN A 135 24.20 -13.64 -29.93
N SER A 136 24.31 -14.92 -29.57
CA SER A 136 23.98 -15.38 -28.24
C SER A 136 24.87 -14.74 -27.17
N ARG A 137 24.33 -14.51 -25.98
CA ARG A 137 25.14 -13.99 -24.88
C ARG A 137 25.27 -15.09 -23.84
N ILE A 138 26.49 -15.44 -23.50
CA ILE A 138 26.76 -16.47 -22.52
C ILE A 138 27.43 -15.81 -21.33
N MET A 139 27.06 -16.23 -20.14
CA MET A 139 27.66 -15.66 -18.95
C MET A 139 27.78 -16.73 -17.89
N ILE A 140 28.94 -16.76 -17.22
CA ILE A 140 29.14 -17.68 -16.11
C ILE A 140 29.60 -16.90 -14.87
N HIS A 141 29.27 -17.40 -13.71
CA HIS A 141 29.70 -16.82 -12.45
C HIS A 141 29.48 -17.75 -11.25
N GLN A 142 29.94 -17.35 -10.07
CA GLN A 142 29.76 -18.17 -8.87
C GLN A 142 28.33 -18.04 -8.33
N PRO A 143 27.94 -18.94 -7.42
CA PRO A 143 26.56 -18.82 -6.93
C PRO A 143 26.28 -17.46 -6.30
N LEU A 144 25.03 -17.04 -6.45
CA LEU A 144 24.51 -15.79 -5.93
C LEU A 144 23.26 -16.11 -5.15
N ILE A 145 23.16 -15.60 -3.93
CA ILE A 145 21.98 -15.85 -3.11
C ILE A 145 21.00 -14.70 -3.17
N SER A 146 19.75 -15.05 -3.46
CA SER A 146 18.65 -14.09 -3.38
C SER A 146 18.07 -14.10 -1.99
N GLY A 147 17.67 -12.92 -1.53
CA GLY A 147 17.15 -12.79 -0.18
C GLY A 147 18.32 -12.87 0.76
N GLY A 148 18.19 -13.65 1.81
CA GLY A 148 19.26 -13.75 2.79
C GLY A 148 19.38 -15.07 3.50
N LEU A 149 20.49 -15.22 4.23
CA LEU A 149 20.66 -16.30 5.19
C LEU A 149 20.35 -15.80 6.60
N GLY A 150 19.26 -16.30 7.18
CA GLY A 150 18.82 -15.81 8.48
C GLY A 150 18.49 -16.84 9.55
N GLY A 151 19.13 -16.69 10.70
CA GLY A 151 18.92 -17.58 11.83
C GLY A 151 20.07 -17.48 12.81
N GLN A 152 20.25 -18.51 13.61
CA GLN A 152 21.37 -18.57 14.57
C GLN A 152 22.68 -18.76 13.83
N ALA A 153 23.78 -18.34 14.47
CA ALA A 153 25.10 -18.50 13.87
C ALA A 153 25.38 -19.96 13.50
N SER A 154 24.93 -20.90 14.35
CA SER A 154 25.07 -22.33 14.05
C SER A 154 24.43 -22.67 12.70
N ASP A 155 23.24 -22.14 12.45
CA ASP A 155 22.52 -22.42 11.22
C ASP A 155 23.19 -21.77 10.02
N ILE A 156 23.70 -20.56 10.22
CA ILE A 156 24.36 -19.83 9.14
C ILE A 156 25.66 -20.53 8.74
N GLU A 157 26.35 -21.11 9.72
CA GLU A 157 27.54 -21.90 9.47
C GLU A 157 27.27 -23.11 8.57
N ILE A 158 26.21 -23.84 8.90
CA ILE A 158 25.77 -25.00 8.15
C ILE A 158 25.44 -24.62 6.72
N HIS A 159 24.70 -23.53 6.56
CA HIS A 159 24.29 -23.12 5.23
C HIS A 159 25.44 -22.53 4.42
N ALA A 160 26.38 -21.87 5.10
CA ALA A 160 27.58 -21.35 4.43
C ALA A 160 28.48 -22.49 3.95
N ARG A 161 28.64 -23.51 4.77
CA ARG A 161 29.42 -24.69 4.40
C ARG A 161 28.80 -25.38 3.19
N GLU A 162 27.46 -25.42 3.17
CA GLU A 162 26.75 -26.05 2.06
C GLU A 162 26.94 -25.26 0.77
N LEU A 163 26.91 -23.94 0.89
CA LEU A 163 27.09 -23.05 -0.27
C LEU A 163 28.47 -23.23 -0.89
N LEU A 164 29.47 -23.48 -0.05
CA LEU A 164 30.83 -23.72 -0.53
C LEU A 164 30.94 -25.03 -1.33
N LYS A 165 30.26 -26.06 -0.85
CA LYS A 165 30.23 -27.33 -1.57
C LYS A 165 29.49 -27.18 -2.90
N ILE A 166 28.39 -26.43 -2.87
CA ILE A 166 27.64 -26.16 -4.09
C ILE A 166 28.56 -25.46 -5.09
N LYS A 167 29.24 -24.42 -4.63
CA LYS A 167 30.17 -23.68 -5.47
C LYS A 167 31.28 -24.54 -6.06
N GLU A 168 31.87 -25.38 -5.22
CA GLU A 168 32.94 -26.25 -5.67
C GLU A 168 32.43 -27.29 -6.67
N LYS A 169 31.30 -27.91 -6.33
CA LYS A 169 30.68 -28.92 -7.17
C LYS A 169 30.39 -28.41 -8.56
N LEU A 170 29.76 -27.24 -8.66
CA LEU A 170 29.45 -26.62 -9.95
C LEU A 170 30.72 -26.28 -10.76
N ASN A 171 31.77 -25.83 -10.09
CA ASN A 171 33.01 -25.50 -10.80
C ASN A 171 33.68 -26.76 -11.35
N ARG A 172 33.62 -27.84 -10.57
CA ARG A 172 34.15 -29.13 -10.99
C ARG A 172 33.35 -29.69 -12.15
N LEU A 173 32.02 -29.60 -12.07
CA LEU A 173 31.18 -30.12 -13.16
C LEU A 173 31.39 -29.28 -14.40
N MET A 174 31.50 -27.97 -14.22
CA MET A 174 31.71 -27.07 -15.34
C MET A 174 33.08 -27.30 -16.00
N ALA A 175 34.09 -27.55 -15.16
CA ALA A 175 35.46 -27.78 -15.65
C ALA A 175 35.47 -29.02 -16.52
N LYS A 176 34.71 -30.02 -16.10
CA LYS A 176 34.52 -31.24 -16.86
C LYS A 176 33.80 -30.98 -18.18
N HIS A 177 32.70 -30.24 -18.14
CA HIS A 177 31.99 -29.91 -19.38
C HIS A 177 32.89 -29.18 -20.37
N CYS A 178 33.74 -28.29 -19.86
CA CYS A 178 34.53 -27.40 -20.69
C CYS A 178 35.90 -27.95 -21.08
N ASP A 179 36.25 -29.11 -20.57
CA ASP A 179 37.57 -29.70 -20.77
C ASP A 179 38.65 -28.71 -20.38
N ARG A 180 38.50 -28.17 -19.17
CA ARG A 180 39.39 -27.15 -18.65
C ARG A 180 39.78 -27.49 -17.24
N ASP A 181 40.81 -26.82 -16.73
CA ASP A 181 41.24 -27.06 -15.37
C ASP A 181 40.24 -26.50 -14.41
N LEU A 182 40.04 -27.20 -13.31
CA LEU A 182 39.24 -26.70 -12.21
C LEU A 182 39.72 -25.31 -11.81
N ALA A 183 41.03 -25.12 -11.80
CA ALA A 183 41.62 -23.85 -11.37
C ALA A 183 41.15 -22.71 -12.25
N ASP A 184 40.97 -23.01 -13.53
CA ASP A 184 40.50 -22.01 -14.47
C ASP A 184 39.07 -21.60 -14.16
N LEU A 185 38.21 -22.59 -13.90
CA LEU A 185 36.80 -22.29 -13.63
C LEU A 185 36.62 -21.48 -12.37
N GLU A 186 37.38 -21.83 -11.34
CA GLU A 186 37.33 -21.11 -10.08
C GLU A 186 37.73 -19.65 -10.25
N ARG A 187 38.81 -19.41 -10.99
CA ARG A 187 39.27 -18.06 -11.26
C ARG A 187 38.27 -17.29 -12.15
N ASP A 188 37.72 -17.96 -13.15
CA ASP A 188 36.94 -17.29 -14.19
C ASP A 188 35.48 -17.05 -13.84
N THR A 189 35.03 -17.59 -12.72
CA THR A 189 33.64 -17.42 -12.29
C THR A 189 33.59 -16.60 -11.01
N ASP A 190 34.73 -16.02 -10.62
CA ASP A 190 34.74 -15.22 -9.38
C ASP A 190 33.80 -14.04 -9.50
N ARG A 191 33.79 -13.40 -10.67
CA ARG A 191 32.82 -12.35 -10.96
C ARG A 191 32.18 -12.63 -12.31
N ASP A 192 31.10 -11.90 -12.62
CA ASP A 192 30.39 -12.09 -13.87
C ASP A 192 31.34 -12.11 -15.04
N ASN A 193 31.25 -13.19 -15.80
CA ASN A 193 32.12 -13.44 -16.94
C ASN A 193 31.28 -13.64 -18.21
N PHE A 194 31.21 -12.59 -19.02
CA PHE A 194 30.45 -12.59 -20.27
C PHE A 194 31.24 -13.14 -21.45
N MET A 195 30.59 -13.96 -22.25
CA MET A 195 31.20 -14.52 -23.46
C MET A 195 30.30 -14.42 -24.69
N SER A 196 30.88 -14.03 -25.81
CA SER A 196 30.21 -14.20 -27.10
C SER A 196 30.18 -15.69 -27.44
N ALA A 197 29.44 -16.05 -28.48
CA ALA A 197 29.38 -17.46 -28.88
C ALA A 197 30.77 -18.01 -29.23
N GLU A 198 31.54 -17.25 -29.99
CA GLU A 198 32.87 -17.72 -30.36
C GLU A 198 33.76 -17.85 -29.14
N GLU A 199 33.66 -16.91 -28.20
CA GLU A 199 34.48 -17.02 -27.00
C GLU A 199 34.05 -18.26 -26.22
N ALA A 200 32.76 -18.53 -26.20
CA ALA A 200 32.24 -19.70 -25.49
C ALA A 200 32.72 -21.00 -26.16
N LYS A 201 32.83 -21.00 -27.49
CA LYS A 201 33.38 -22.17 -28.18
C LYS A 201 34.84 -22.36 -27.77
N GLU A 202 35.59 -21.27 -27.84
CA GLU A 202 37.00 -21.28 -27.46
C GLU A 202 37.20 -21.72 -26.00
N TYR A 203 36.28 -21.30 -25.14
CA TYR A 203 36.34 -21.66 -23.72
C TYR A 203 36.03 -23.12 -23.52
N GLY A 204 35.32 -23.70 -24.48
CA GLY A 204 34.98 -25.11 -24.41
C GLY A 204 33.57 -25.35 -23.90
N LEU A 205 32.77 -24.29 -23.83
CA LEU A 205 31.43 -24.36 -23.27
C LEU A 205 30.44 -24.95 -24.27
N ILE A 206 30.66 -24.63 -25.55
CA ILE A 206 29.91 -25.21 -26.66
C ILE A 206 30.87 -25.76 -27.70
N ASP A 207 30.34 -26.44 -28.70
CA ASP A 207 31.18 -27.05 -29.74
C ASP A 207 31.19 -26.25 -31.05
N GLN A 208 30.03 -25.77 -31.47
CA GLN A 208 30.02 -25.07 -32.75
C GLN A 208 29.07 -23.89 -32.72
N ILE A 209 29.38 -22.88 -33.51
CA ILE A 209 28.45 -21.77 -33.74
C ILE A 209 27.73 -22.00 -35.06
N LEU A 210 26.41 -21.96 -35.01
CA LEU A 210 25.61 -22.14 -36.21
C LEU A 210 25.08 -20.79 -36.72
N GLU A 211 25.47 -20.44 -37.94
CA GLU A 211 24.96 -19.22 -38.57
C GLU A 211 23.67 -19.56 -39.33
N ASN A 212 23.68 -20.71 -40.00
CA ASN A 212 22.53 -21.18 -40.72
C ASN A 212 22.57 -22.69 -40.91
N ARG A 213 21.53 -23.24 -41.51
CA ARG A 213 21.51 -24.67 -41.84
C ARG A 213 22.52 -24.95 -42.95
N ALA A 214 23.79 -24.98 -42.58
CA ALA A 214 24.89 -25.27 -43.51
C ALA A 214 26.14 -25.33 -42.66
N SER A 215 26.13 -24.54 -41.58
CA SER A 215 27.20 -24.52 -40.60
C SER A 215 27.44 -25.91 -40.01
N VAL B 22 1.45 -25.94 -20.17
CA VAL B 22 1.56 -27.40 -20.21
C VAL B 22 1.25 -27.94 -21.61
N PRO B 23 2.25 -28.52 -22.27
CA PRO B 23 2.08 -28.93 -23.68
C PRO B 23 1.11 -30.10 -23.81
N THR B 24 0.55 -30.26 -25.01
CA THR B 24 -0.35 -31.36 -25.36
C THR B 24 0.38 -32.45 -26.15
N VAL B 25 -0.09 -33.69 -26.00
CA VAL B 25 0.43 -34.80 -26.80
C VAL B 25 -0.70 -35.65 -27.37
N PHE B 36 -4.26 -34.77 -24.41
CA PHE B 36 -3.37 -35.13 -23.30
C PHE B 36 -2.36 -34.04 -22.98
N ASP B 37 -2.39 -33.54 -21.75
CA ASP B 37 -1.31 -32.68 -21.31
C ASP B 37 -0.11 -33.58 -20.97
N ILE B 38 1.07 -32.99 -20.83
CA ILE B 38 2.32 -33.73 -20.69
C ILE B 38 2.31 -34.64 -19.45
N TYR B 39 1.72 -34.13 -18.36
CA TYR B 39 1.73 -34.87 -17.10
C TYR B 39 0.76 -36.04 -17.12
N SER B 40 -0.38 -35.86 -17.78
CA SER B 40 -1.31 -36.98 -18.02
C SER B 40 -0.68 -38.07 -18.85
N ARG B 41 0.12 -37.66 -19.83
CA ARG B 41 0.83 -38.62 -20.66
C ARG B 41 1.79 -39.46 -19.85
N LEU B 42 2.54 -38.84 -18.94
CA LEU B 42 3.49 -39.60 -18.13
C LEU B 42 2.78 -40.47 -17.10
N LEU B 43 1.56 -40.10 -16.78
CA LEU B 43 0.77 -40.86 -15.82
C LEU B 43 0.52 -42.24 -16.46
N LYS B 44 0.45 -42.27 -17.79
CA LYS B 44 0.27 -43.52 -18.51
C LYS B 44 1.47 -44.44 -18.29
N GLU B 45 2.64 -43.84 -18.02
CA GLU B 45 3.80 -44.64 -17.65
C GLU B 45 3.87 -44.78 -16.12
N ARG B 46 2.79 -44.43 -15.42
CA ARG B 46 2.72 -44.54 -13.97
C ARG B 46 3.75 -43.65 -13.26
N ILE B 47 4.08 -42.53 -13.89
CA ILE B 47 4.90 -41.50 -13.24
C ILE B 47 4.06 -40.44 -12.53
N VAL B 48 4.35 -40.21 -11.25
CA VAL B 48 3.69 -39.14 -10.48
C VAL B 48 4.73 -38.17 -9.92
N PHE B 49 4.49 -36.87 -10.08
CA PHE B 49 5.43 -35.85 -9.62
C PHE B 49 4.98 -35.16 -8.33
N LEU B 50 5.94 -34.90 -7.44
CA LEU B 50 5.74 -33.93 -6.37
C LEU B 50 6.79 -32.84 -6.60
N VAL B 51 6.35 -31.65 -6.99
CA VAL B 51 7.27 -30.57 -7.32
C VAL B 51 6.94 -29.32 -6.50
N GLY B 52 7.95 -28.78 -5.82
CA GLY B 52 7.74 -27.60 -5.00
C GLY B 52 7.11 -27.89 -3.64
N PRO B 53 6.69 -26.83 -2.94
CA PRO B 53 6.13 -26.93 -1.59
C PRO B 53 4.96 -27.91 -1.50
N VAL B 54 4.98 -28.74 -0.46
CA VAL B 54 3.85 -29.64 -0.20
C VAL B 54 2.71 -28.87 0.49
N THR B 55 1.59 -28.72 -0.21
CA THR B 55 0.39 -28.13 0.37
C THR B 55 -0.75 -29.14 0.34
N ASP B 56 -1.86 -28.81 1.02
CA ASP B 56 -3.06 -29.65 0.99
C ASP B 56 -3.43 -29.96 -0.46
N GLU B 57 -3.40 -28.93 -1.30
CA GLU B 57 -3.81 -29.09 -2.70
C GLU B 57 -2.78 -29.93 -3.50
N SER B 58 -1.49 -29.63 -3.34
CA SER B 58 -0.48 -30.36 -4.12
C SER B 58 -0.40 -31.80 -3.60
N ALA B 59 -0.54 -32.00 -2.28
CA ALA B 59 -0.52 -33.34 -1.71
C ALA B 59 -1.73 -34.18 -2.15
N ASN B 60 -2.93 -33.59 -2.10
CA ASN B 60 -4.11 -34.36 -2.46
C ASN B 60 -4.13 -34.70 -3.94
N LEU B 61 -3.51 -33.87 -4.77
CA LEU B 61 -3.38 -34.20 -6.20
C LEU B 61 -2.50 -35.45 -6.37
N VAL B 62 -1.46 -35.56 -5.54
CA VAL B 62 -0.63 -36.77 -5.54
C VAL B 62 -1.44 -37.98 -5.07
N VAL B 63 -2.17 -37.80 -3.97
CA VAL B 63 -3.03 -38.85 -3.47
C VAL B 63 -3.99 -39.34 -4.55
N ALA B 64 -4.63 -38.41 -5.24
CA ALA B 64 -5.59 -38.79 -6.27
C ALA B 64 -4.92 -39.65 -7.35
N GLN B 65 -3.72 -39.26 -7.77
CA GLN B 65 -3.02 -40.01 -8.81
C GLN B 65 -2.60 -41.39 -8.33
N LEU B 66 -2.14 -41.47 -7.07
CA LEU B 66 -1.79 -42.76 -6.52
C LEU B 66 -3.02 -43.69 -6.51
N LEU B 67 -4.17 -43.17 -6.08
CA LEU B 67 -5.39 -43.96 -6.04
C LEU B 67 -5.83 -44.37 -7.45
N PHE B 68 -5.73 -43.45 -8.39
CA PHE B 68 -6.08 -43.72 -9.80
C PHE B 68 -5.17 -44.79 -10.43
N LEU B 69 -3.86 -44.65 -10.25
CA LEU B 69 -2.94 -45.62 -10.83
C LEU B 69 -3.18 -47.01 -10.25
N GLU B 70 -3.49 -47.06 -8.95
CA GLU B 70 -3.85 -48.32 -8.28
C GLU B 70 -5.11 -48.98 -8.88
N SER B 71 -6.15 -48.17 -9.12
CA SER B 71 -7.39 -48.66 -9.73
C SER B 71 -7.12 -49.14 -11.17
N GLU B 72 -6.22 -48.47 -11.88
CA GLU B 72 -5.86 -48.87 -13.23
C GLU B 72 -5.17 -50.23 -13.24
N ASN B 73 -4.28 -50.45 -12.29
CA ASN B 73 -3.61 -51.73 -12.15
C ASN B 73 -2.99 -51.80 -10.76
N PRO B 74 -3.59 -52.59 -9.86
CA PRO B 74 -3.11 -52.68 -8.47
C PRO B 74 -1.79 -53.44 -8.34
N ASP B 75 -1.29 -53.99 -9.45
CA ASP B 75 -0.14 -54.88 -9.35
C ASP B 75 1.17 -54.29 -9.87
N LYS B 76 1.09 -53.24 -10.66
CA LYS B 76 2.27 -52.63 -11.29
C LYS B 76 2.86 -51.52 -10.41
N ASP B 77 4.19 -51.40 -10.38
CA ASP B 77 4.87 -50.34 -9.63
C ASP B 77 4.43 -48.94 -10.06
N ILE B 78 4.48 -48.01 -9.11
CA ILE B 78 4.28 -46.59 -9.42
C ILE B 78 5.60 -45.85 -9.20
N PHE B 79 5.90 -44.89 -10.07
CA PHE B 79 7.16 -44.16 -9.94
C PHE B 79 6.91 -42.73 -9.48
N PHE B 80 7.30 -42.44 -8.25
CA PHE B 80 7.02 -41.15 -7.57
C PHE B 80 8.27 -40.26 -7.63
N TYR B 81 8.26 -39.30 -8.54
CA TYR B 81 9.40 -38.41 -8.73
C TYR B 81 9.27 -37.20 -7.81
N ILE B 82 10.27 -37.01 -6.96
CA ILE B 82 10.20 -35.96 -5.95
C ILE B 82 11.25 -34.88 -6.16
N ASN B 83 10.78 -33.65 -6.36
CA ASN B 83 11.61 -32.44 -6.31
C ASN B 83 10.93 -31.40 -5.42
N SER B 84 11.22 -31.42 -4.13
CA SER B 84 10.44 -30.63 -3.18
C SER B 84 11.25 -30.23 -1.96
N PRO B 85 11.03 -29.00 -1.47
CA PRO B 85 11.68 -28.54 -0.24
C PRO B 85 10.88 -28.88 1.02
N GLY B 86 9.77 -29.59 0.84
CA GLY B 86 8.91 -29.94 1.95
C GLY B 86 7.71 -29.00 2.05
N GLY B 87 7.12 -28.93 3.24
CA GLY B 87 5.94 -28.09 3.44
C GLY B 87 5.09 -28.58 4.58
N SER B 88 3.77 -28.55 4.37
CA SER B 88 2.82 -28.97 5.40
C SER B 88 3.02 -30.41 5.83
N VAL B 89 3.15 -30.59 7.14
CA VAL B 89 3.35 -31.92 7.72
C VAL B 89 2.13 -32.81 7.53
N THR B 90 0.94 -32.28 7.80
CA THR B 90 -0.27 -33.09 7.65
C THR B 90 -0.51 -33.40 6.18
N ALA B 91 -0.22 -32.45 5.30
CA ALA B 91 -0.37 -32.70 3.86
C ALA B 91 0.57 -33.84 3.43
N GLY B 92 1.82 -33.77 3.89
CA GLY B 92 2.80 -34.80 3.60
C GLY B 92 2.39 -36.17 4.08
N MET B 93 1.83 -36.23 5.30
CA MET B 93 1.35 -37.49 5.88
C MET B 93 0.24 -38.09 5.04
N SER B 94 -0.60 -37.26 4.43
CA SER B 94 -1.66 -37.80 3.59
C SER B 94 -1.08 -38.59 2.40
N ILE B 95 0.04 -38.10 1.85
CA ILE B 95 0.74 -38.84 0.78
C ILE B 95 1.35 -40.11 1.31
N TYR B 96 2.07 -39.97 2.42
CA TYR B 96 2.74 -41.09 3.08
C TYR B 96 1.82 -42.27 3.35
N ASP B 97 0.72 -42.00 4.05
CA ASP B 97 -0.20 -43.05 4.41
C ASP B 97 -0.84 -43.68 3.17
N THR B 98 -1.02 -42.89 2.13
CA THR B 98 -1.57 -43.39 0.87
C THR B 98 -0.58 -44.29 0.15
N MET B 99 0.70 -43.91 0.17
CA MET B 99 1.76 -44.73 -0.41
C MET B 99 1.77 -46.11 0.24
N ASN B 100 1.59 -46.16 1.54
CA ASN B 100 1.62 -47.40 2.28
C ASN B 100 0.31 -48.18 2.21
N PHE B 101 -0.79 -47.46 1.99
CA PHE B 101 -2.12 -48.06 1.96
C PHE B 101 -2.36 -48.84 0.66
N ILE B 102 -1.97 -48.25 -0.46
CA ILE B 102 -2.27 -48.85 -1.75
C ILE B 102 -1.42 -50.09 -2.03
N LYS B 103 -1.95 -50.97 -2.86
CA LYS B 103 -1.28 -52.22 -3.19
C LYS B 103 0.02 -52.06 -4.00
N PRO B 104 0.03 -51.23 -5.05
CA PRO B 104 1.29 -51.10 -5.80
C PRO B 104 2.48 -50.61 -4.96
N ASP B 105 3.66 -51.11 -5.29
CA ASP B 105 4.91 -50.55 -4.76
C ASP B 105 5.06 -49.11 -5.24
N VAL B 106 5.35 -48.19 -4.33
CA VAL B 106 5.69 -46.86 -4.77
C VAL B 106 7.18 -46.64 -4.66
N SER B 107 7.83 -46.67 -5.81
CA SER B 107 9.24 -46.37 -5.96
C SER B 107 9.40 -44.85 -5.99
N THR B 108 10.41 -44.35 -5.31
CA THR B 108 10.67 -42.90 -5.27
C THR B 108 11.98 -42.55 -5.96
N LEU B 109 12.00 -41.39 -6.60
CA LEU B 109 13.21 -40.87 -7.22
C LEU B 109 13.38 -39.40 -6.85
N CYS B 110 14.53 -39.06 -6.30
CA CYS B 110 14.80 -37.65 -6.06
C CYS B 110 15.51 -37.04 -7.26
N LEU B 111 14.96 -35.95 -7.80
CA LEU B 111 15.69 -35.11 -8.74
C LEU B 111 15.64 -33.67 -8.23
N GLY B 112 16.76 -32.96 -8.36
CA GLY B 112 16.85 -31.62 -7.81
C GLY B 112 17.06 -31.65 -6.30
N GLN B 113 15.97 -31.77 -5.54
CA GLN B 113 16.11 -31.86 -4.08
C GLN B 113 14.95 -32.62 -3.41
N ALA B 114 15.25 -33.18 -2.25
CA ALA B 114 14.21 -33.72 -1.39
C ALA B 114 14.56 -33.26 0.02
N ALA B 115 13.85 -32.23 0.49
CA ALA B 115 14.18 -31.66 1.80
C ALA B 115 12.98 -31.73 2.74
N SER B 116 13.27 -31.93 4.02
CA SER B 116 12.25 -32.02 5.06
C SER B 116 11.19 -33.06 4.67
N MET B 117 9.93 -32.64 4.53
CA MET B 117 8.87 -33.59 4.16
C MET B 117 9.16 -34.27 2.81
N GLY B 118 9.87 -33.56 1.94
CA GLY B 118 10.29 -34.16 0.68
C GLY B 118 11.21 -35.34 0.92
N ALA B 119 12.18 -35.17 1.83
CA ALA B 119 13.11 -36.25 2.16
C ALA B 119 12.37 -37.37 2.90
N PHE B 120 11.40 -37.00 3.74
CA PHE B 120 10.58 -37.98 4.45
C PHE B 120 9.89 -38.90 3.45
N LEU B 121 9.22 -38.31 2.46
CA LEU B 121 8.51 -39.08 1.45
C LEU B 121 9.46 -39.91 0.55
N LEU B 122 10.60 -39.33 0.17
CA LEU B 122 11.62 -40.06 -0.57
C LEU B 122 12.05 -41.29 0.22
N SER B 123 12.31 -41.12 1.52
CA SER B 123 12.78 -42.23 2.33
C SER B 123 11.65 -43.23 2.55
N ALA B 124 10.43 -42.85 2.22
CA ALA B 124 9.26 -43.70 2.45
C ALA B 124 8.95 -44.63 1.29
N GLY B 125 9.69 -44.51 0.18
CA GLY B 125 9.48 -45.38 -0.96
C GLY B 125 9.68 -46.84 -0.62
N GLU B 126 9.08 -47.75 -1.40
CA GLU B 126 9.25 -49.18 -1.14
C GLU B 126 10.72 -49.51 -1.02
N LYS B 127 11.11 -50.15 0.08
CA LYS B 127 12.50 -50.51 0.35
C LYS B 127 13.09 -51.30 -0.81
N GLY B 128 14.24 -50.87 -1.31
CA GLY B 128 14.86 -51.48 -2.47
C GLY B 128 14.59 -50.67 -3.72
N LYS B 129 13.57 -49.82 -3.65
CA LYS B 129 13.16 -49.03 -4.81
C LYS B 129 13.19 -47.51 -4.55
N ARG B 130 14.06 -47.06 -3.66
CA ARG B 130 14.24 -45.62 -3.40
C ARG B 130 15.51 -45.09 -4.08
N PHE B 131 15.35 -44.15 -5.00
CA PHE B 131 16.49 -43.71 -5.78
C PHE B 131 16.78 -42.21 -5.75
N ALA B 132 17.99 -41.84 -6.15
CA ALA B 132 18.31 -40.44 -6.38
C ALA B 132 19.22 -40.26 -7.59
N LEU B 133 19.03 -39.16 -8.30
CA LEU B 133 19.94 -38.79 -9.38
C LEU B 133 21.19 -38.21 -8.73
N PRO B 134 22.33 -38.25 -9.45
CA PRO B 134 23.65 -38.05 -8.85
C PRO B 134 23.84 -36.73 -8.14
N ASN B 135 23.25 -35.67 -8.65
CA ASN B 135 23.46 -34.34 -8.08
C ASN B 135 22.28 -33.85 -7.25
N SER B 136 21.49 -34.80 -6.76
CA SER B 136 20.37 -34.54 -5.88
C SER B 136 20.84 -33.94 -4.56
N ARG B 137 20.02 -33.07 -3.98
CA ARG B 137 20.33 -32.55 -2.66
C ARG B 137 19.27 -33.06 -1.69
N ILE B 138 19.71 -33.73 -0.64
CA ILE B 138 18.80 -34.23 0.37
C ILE B 138 19.02 -33.45 1.68
N MET B 139 17.95 -33.14 2.40
CA MET B 139 18.11 -32.45 3.67
C MET B 139 17.06 -32.88 4.66
N ILE B 140 17.50 -33.18 5.87
CA ILE B 140 16.59 -33.51 6.96
C ILE B 140 16.81 -32.58 8.14
N HIS B 141 15.78 -32.36 8.93
CA HIS B 141 15.84 -31.53 10.12
C HIS B 141 14.58 -31.67 10.93
N GLN B 142 14.57 -31.08 12.11
CA GLN B 142 13.41 -31.13 12.98
C GLN B 142 12.33 -30.15 12.53
N PRO B 143 11.09 -30.32 13.05
CA PRO B 143 10.01 -29.39 12.66
C PRO B 143 10.33 -27.94 13.03
N LEU B 144 9.86 -27.02 12.21
CA LEU B 144 10.01 -25.59 12.46
C LEU B 144 8.63 -25.00 12.17
N ILE B 145 8.20 -24.03 12.97
CA ILE B 145 6.86 -23.52 12.78
C ILE B 145 6.77 -22.29 11.89
N SER B 146 5.89 -22.40 10.89
CA SER B 146 5.48 -21.29 10.07
C SER B 146 4.72 -20.26 10.88
N GLY B 147 5.02 -18.98 10.68
CA GLY B 147 4.32 -17.97 11.44
C GLY B 147 4.80 -18.05 12.87
N GLY B 148 3.83 -18.06 13.77
CA GLY B 148 4.09 -18.13 15.20
C GLY B 148 2.96 -18.84 15.94
N LEU B 149 3.20 -19.12 17.20
CA LEU B 149 2.18 -19.57 18.16
C LEU B 149 1.66 -18.39 18.97
N GLY B 150 0.39 -18.06 18.77
CA GLY B 150 -0.21 -16.92 19.45
C GLY B 150 -1.56 -17.19 20.08
N GLY B 151 -1.67 -16.88 21.37
CA GLY B 151 -2.90 -17.07 22.10
C GLY B 151 -2.64 -17.08 23.59
N GLN B 152 -3.57 -17.66 24.34
CA GLN B 152 -3.37 -17.80 25.77
C GLN B 152 -2.30 -18.84 26.04
N ALA B 153 -1.66 -18.71 27.19
CA ALA B 153 -0.62 -19.63 27.60
C ALA B 153 -1.07 -21.07 27.59
N SER B 154 -2.32 -21.33 27.99
CA SER B 154 -2.89 -22.67 27.94
C SER B 154 -2.87 -23.26 26.54
N ASP B 155 -3.26 -22.46 25.55
CA ASP B 155 -3.32 -22.90 24.15
C ASP B 155 -1.91 -23.13 23.60
N ILE B 156 -0.99 -22.27 24.00
CA ILE B 156 0.38 -22.37 23.58
C ILE B 156 1.02 -23.65 24.11
N GLU B 157 0.65 -24.02 25.33
CA GLU B 157 1.11 -25.26 25.94
C GLU B 157 0.60 -26.47 25.17
N ILE B 158 -0.68 -26.46 24.81
CA ILE B 158 -1.28 -27.54 24.05
C ILE B 158 -0.57 -27.74 22.71
N HIS B 159 -0.33 -26.65 22.00
CA HIS B 159 0.28 -26.74 20.68
C HIS B 159 1.77 -27.07 20.73
N ALA B 160 2.44 -26.64 21.80
CA ALA B 160 3.84 -27.00 21.97
C ALA B 160 3.97 -28.50 22.22
N ARG B 161 3.08 -29.04 23.04
CA ARG B 161 3.07 -30.46 23.35
C ARG B 161 2.83 -31.23 22.06
N GLU B 162 1.94 -30.69 21.23
CA GLU B 162 1.58 -31.36 20.02
C GLU B 162 2.76 -31.37 19.06
N LEU B 163 3.47 -30.25 19.00
CA LEU B 163 4.63 -30.14 18.11
C LEU B 163 5.72 -31.14 18.51
N LEU B 164 5.91 -31.31 19.81
CA LEU B 164 6.90 -32.27 20.33
C LEU B 164 6.53 -33.71 19.99
N LYS B 165 5.24 -34.05 20.00
CA LYS B 165 4.81 -35.38 19.59
C LYS B 165 5.08 -35.59 18.09
N ILE B 166 4.79 -34.57 17.30
CA ILE B 166 5.08 -34.62 15.87
C ILE B 166 6.60 -34.83 15.61
N LYS B 167 7.43 -34.07 16.33
CA LYS B 167 8.89 -34.21 16.20
C LYS B 167 9.32 -35.62 16.54
N GLU B 168 8.77 -36.16 17.63
CA GLU B 168 9.11 -37.52 18.04
C GLU B 168 8.61 -38.57 17.04
N LYS B 169 7.34 -38.48 16.61
CA LYS B 169 6.84 -39.42 15.60
C LYS B 169 7.65 -39.38 14.30
N LEU B 170 7.96 -38.17 13.82
CA LEU B 170 8.72 -38.05 12.58
C LEU B 170 10.10 -38.70 12.71
N ASN B 171 10.72 -38.56 13.89
CA ASN B 171 12.02 -39.21 14.12
C ASN B 171 11.91 -40.74 14.19
N ARG B 172 10.82 -41.23 14.78
CA ARG B 172 10.58 -42.67 14.86
C ARG B 172 10.38 -43.27 13.47
N LEU B 173 9.54 -42.63 12.67
CA LEU B 173 9.25 -43.15 11.34
C LEU B 173 10.51 -43.07 10.49
N MET B 174 11.23 -41.95 10.60
CA MET B 174 12.43 -41.78 9.81
C MET B 174 13.48 -42.81 10.21
N ALA B 175 13.51 -43.13 11.51
CA ALA B 175 14.47 -44.14 11.96
C ALA B 175 14.17 -45.49 11.33
N LYS B 176 12.88 -45.83 11.23
CA LYS B 176 12.44 -47.07 10.60
C LYS B 176 12.76 -47.11 9.12
N HIS B 177 12.43 -46.04 8.40
CA HIS B 177 12.74 -45.99 6.96
C HIS B 177 14.23 -46.20 6.70
N CYS B 178 15.05 -45.61 7.55
CA CYS B 178 16.50 -45.60 7.34
C CYS B 178 17.23 -46.78 7.97
N ASP B 179 16.48 -47.65 8.67
CA ASP B 179 17.05 -48.75 9.42
C ASP B 179 18.14 -48.28 10.38
N ARG B 180 17.81 -47.26 11.16
CA ARG B 180 18.75 -46.64 12.09
C ARG B 180 18.07 -46.48 13.44
N ASP B 181 18.87 -46.18 14.47
CA ASP B 181 18.35 -45.97 15.81
C ASP B 181 17.65 -44.64 15.90
N LEU B 182 16.58 -44.60 16.68
CA LEU B 182 15.87 -43.36 16.96
C LEU B 182 16.80 -42.26 17.47
N ALA B 183 17.74 -42.63 18.34
CA ALA B 183 18.65 -41.67 18.94
C ALA B 183 19.52 -40.99 17.89
N ASP B 184 19.86 -41.74 16.84
CA ASP B 184 20.66 -41.22 15.73
C ASP B 184 19.89 -40.13 14.97
N LEU B 185 18.64 -40.41 14.67
CA LEU B 185 17.79 -39.46 13.96
C LEU B 185 17.56 -38.18 14.81
N GLU B 186 17.41 -38.36 16.12
CA GLU B 186 17.25 -37.21 17.01
C GLU B 186 18.47 -36.30 16.94
N ARG B 187 19.65 -36.91 16.97
CA ARG B 187 20.91 -36.21 16.88
C ARG B 187 21.08 -35.51 15.53
N ASP B 188 20.77 -36.22 14.45
CA ASP B 188 21.11 -35.79 13.10
C ASP B 188 20.09 -34.85 12.51
N THR B 189 19.00 -34.58 13.23
CA THR B 189 17.99 -33.67 12.70
C THR B 189 17.85 -32.41 13.53
N ASP B 190 18.73 -32.26 14.53
CA ASP B 190 18.62 -31.12 15.45
C ASP B 190 18.78 -29.80 14.70
N ARG B 191 19.68 -29.79 13.72
CA ARG B 191 19.77 -28.66 12.82
C ARG B 191 19.79 -29.17 11.39
N ASP B 192 19.64 -28.26 10.43
CA ASP B 192 19.65 -28.63 9.01
C ASP B 192 20.79 -29.60 8.68
N ASN B 193 20.44 -30.74 8.11
CA ASN B 193 21.44 -31.75 7.80
C ASN B 193 21.42 -32.04 6.30
N PHE B 194 22.38 -31.45 5.56
CA PHE B 194 22.46 -31.65 4.11
C PHE B 194 23.24 -32.91 3.74
N MET B 195 22.70 -33.66 2.78
CA MET B 195 23.32 -34.89 2.30
C MET B 195 23.38 -34.96 0.79
N SER B 196 24.52 -35.39 0.28
CA SER B 196 24.66 -35.79 -1.11
C SER B 196 23.90 -37.08 -1.31
N ALA B 197 23.78 -37.50 -2.57
CA ALA B 197 23.11 -38.77 -2.88
C ALA B 197 23.79 -39.93 -2.15
N GLU B 198 25.12 -39.96 -2.17
CA GLU B 198 25.91 -41.01 -1.52
C GLU B 198 25.77 -41.01 -0.01
N GLU B 199 25.77 -39.84 0.60
CA GLU B 199 25.59 -39.78 2.02
C GLU B 199 24.20 -40.28 2.38
N ALA B 200 23.22 -39.93 1.56
CA ALA B 200 21.85 -40.37 1.77
C ALA B 200 21.71 -41.89 1.62
N LYS B 201 22.43 -42.46 0.67
CA LYS B 201 22.46 -43.91 0.52
C LYS B 201 23.10 -44.55 1.75
N GLU B 202 24.24 -44.02 2.13
CA GLU B 202 24.97 -44.45 3.33
C GLU B 202 24.12 -44.34 4.62
N TYR B 203 23.32 -43.28 4.69
CA TYR B 203 22.50 -43.05 5.88
C TYR B 203 21.36 -44.06 5.96
N GLY B 204 20.95 -44.59 4.81
CA GLY B 204 19.86 -45.53 4.75
C GLY B 204 18.58 -44.84 4.28
N LEU B 205 18.72 -43.62 3.80
CA LEU B 205 17.57 -42.83 3.36
C LEU B 205 17.12 -43.27 1.95
N ILE B 206 18.07 -43.65 1.10
CA ILE B 206 17.77 -44.26 -0.21
C ILE B 206 18.55 -45.56 -0.45
N ASP B 207 18.21 -46.26 -1.53
CA ASP B 207 18.83 -47.55 -1.84
C ASP B 207 19.94 -47.43 -2.91
N GLN B 208 19.68 -46.67 -3.98
CA GLN B 208 20.66 -46.54 -5.04
C GLN B 208 20.71 -45.16 -5.68
N ILE B 209 21.88 -44.82 -6.18
CA ILE B 209 22.07 -43.67 -7.04
C ILE B 209 22.04 -44.14 -8.47
N LEU B 210 21.20 -43.53 -9.28
CA LEU B 210 21.14 -43.84 -10.72
C LEU B 210 21.82 -42.73 -11.52
N GLU B 211 22.85 -43.09 -12.27
CA GLU B 211 23.51 -42.11 -13.15
C GLU B 211 22.84 -42.10 -14.53
N ASN B 212 22.45 -43.27 -14.99
CA ASN B 212 21.68 -43.43 -16.23
C ASN B 212 20.91 -44.73 -16.09
N ARG B 213 20.11 -45.08 -17.10
CA ARG B 213 19.27 -46.27 -16.98
C ARG B 213 20.03 -47.60 -16.85
N ALA B 214 21.34 -47.58 -17.07
CA ALA B 214 22.16 -48.77 -16.84
C ALA B 214 22.06 -49.20 -15.38
N PRO C 23 -2.94 -33.32 -14.59
CA PRO C 23 -3.55 -34.65 -14.52
C PRO C 23 -4.99 -34.67 -15.04
N THR C 24 -5.10 -34.78 -16.36
CA THR C 24 -6.35 -35.15 -17.02
C THR C 24 -6.18 -36.67 -17.25
N VAL C 25 -7.26 -37.41 -17.44
CA VAL C 25 -7.12 -38.88 -17.52
C VAL C 25 -7.83 -39.49 -18.72
N PHE C 36 -12.31 -35.45 -19.17
CA PHE C 36 -11.79 -36.14 -18.00
C PHE C 36 -10.71 -35.33 -17.27
N ASP C 37 -10.74 -35.41 -15.93
CA ASP C 37 -9.66 -34.93 -15.08
C ASP C 37 -9.60 -35.95 -13.95
N ILE C 38 -8.55 -35.91 -13.15
CA ILE C 38 -8.35 -36.95 -12.15
C ILE C 38 -9.50 -37.04 -11.12
N TYR C 39 -10.04 -35.90 -10.70
CA TYR C 39 -11.07 -35.93 -9.66
C TYR C 39 -12.38 -36.43 -10.23
N SER C 40 -12.66 -36.06 -11.48
CA SER C 40 -13.80 -36.59 -12.21
C SER C 40 -13.71 -38.09 -12.34
N ARG C 41 -12.51 -38.58 -12.60
CA ARG C 41 -12.31 -40.02 -12.77
C ARG C 41 -12.60 -40.75 -11.45
N LEU C 42 -12.12 -40.21 -10.35
CA LEU C 42 -12.31 -40.86 -9.05
C LEU C 42 -13.76 -40.73 -8.60
N LEU C 43 -14.46 -39.74 -9.10
CA LEU C 43 -15.87 -39.57 -8.80
C LEU C 43 -16.65 -40.76 -9.38
N LYS C 44 -16.13 -41.31 -10.47
CA LYS C 44 -16.68 -42.52 -11.09
C LYS C 44 -16.53 -43.70 -10.15
N GLU C 45 -15.55 -43.65 -9.26
CA GLU C 45 -15.40 -44.72 -8.28
C GLU C 45 -16.16 -44.34 -6.99
N ARG C 46 -16.99 -43.31 -7.09
CA ARG C 46 -17.79 -42.78 -5.98
C ARG C 46 -16.94 -42.22 -4.83
N ILE C 47 -15.75 -41.71 -5.18
CA ILE C 47 -14.87 -40.98 -4.27
C ILE C 47 -15.09 -39.47 -4.34
N VAL C 48 -15.40 -38.87 -3.19
CA VAL C 48 -15.55 -37.43 -3.06
C VAL C 48 -14.51 -36.89 -2.06
N PHE C 49 -13.82 -35.81 -2.43
CA PHE C 49 -12.79 -35.20 -1.57
C PHE C 49 -13.27 -33.89 -0.90
N LEU C 50 -12.90 -33.73 0.36
CA LEU C 50 -12.96 -32.44 1.04
C LEU C 50 -11.54 -32.09 1.45
N VAL C 51 -10.98 -31.07 0.81
CA VAL C 51 -9.59 -30.65 1.02
C VAL C 51 -9.49 -29.18 1.37
N GLY C 52 -8.78 -28.87 2.44
CA GLY C 52 -8.59 -27.48 2.82
C GLY C 52 -9.82 -26.92 3.50
N PRO C 53 -9.85 -25.59 3.71
CA PRO C 53 -10.91 -24.89 4.45
C PRO C 53 -12.30 -25.15 3.90
N VAL C 54 -13.23 -25.38 4.82
CA VAL C 54 -14.63 -25.54 4.44
C VAL C 54 -15.26 -24.16 4.20
N THR C 55 -15.60 -23.88 2.95
CA THR C 55 -16.30 -22.66 2.61
C THR C 55 -17.64 -23.00 1.96
N ASP C 56 -18.48 -21.99 1.78
CA ASP C 56 -19.74 -22.18 1.08
C ASP C 56 -19.51 -22.86 -0.29
N GLU C 57 -18.48 -22.42 -1.02
CA GLU C 57 -18.23 -22.98 -2.35
C GLU C 57 -17.67 -24.41 -2.29
N SER C 58 -16.73 -24.66 -1.40
CA SER C 58 -16.15 -26.01 -1.34
C SER C 58 -17.17 -27.00 -0.78
N ALA C 59 -17.97 -26.54 0.20
CA ALA C 59 -18.98 -27.41 0.81
C ALA C 59 -20.07 -27.77 -0.19
N ASN C 60 -20.57 -26.76 -0.91
CA ASN C 60 -21.65 -27.02 -1.85
C ASN C 60 -21.19 -27.86 -3.03
N LEU C 61 -19.91 -27.76 -3.37
CA LEU C 61 -19.34 -28.62 -4.39
C LEU C 61 -19.40 -30.09 -3.91
N VAL C 62 -19.13 -30.29 -2.62
CA VAL C 62 -19.24 -31.62 -2.04
C VAL C 62 -20.69 -32.08 -2.03
N VAL C 63 -21.59 -31.18 -1.65
CA VAL C 63 -23.03 -31.46 -1.68
C VAL C 63 -23.48 -31.89 -3.09
N ALA C 64 -23.05 -31.15 -4.12
CA ALA C 64 -23.45 -31.48 -5.49
C ALA C 64 -22.98 -32.89 -5.91
N GLN C 65 -21.75 -33.22 -5.54
CA GLN C 65 -21.21 -34.54 -5.85
C GLN C 65 -21.98 -35.62 -5.10
N LEU C 66 -22.38 -35.33 -3.87
CA LEU C 66 -23.16 -36.32 -3.12
C LEU C 66 -24.50 -36.60 -3.79
N LEU C 67 -25.21 -35.53 -4.13
CA LEU C 67 -26.51 -35.66 -4.78
C LEU C 67 -26.31 -36.37 -6.14
N PHE C 68 -25.22 -36.02 -6.81
CA PHE C 68 -24.94 -36.65 -8.09
C PHE C 68 -24.74 -38.17 -7.94
N LEU C 69 -23.90 -38.57 -6.99
CA LEU C 69 -23.63 -40.00 -6.79
C LEU C 69 -24.89 -40.75 -6.35
N GLU C 70 -25.72 -40.12 -5.51
CA GLU C 70 -27.00 -40.73 -5.14
C GLU C 70 -27.89 -40.92 -6.36
N SER C 71 -27.94 -39.89 -7.22
CA SER C 71 -28.75 -39.95 -8.43
C SER C 71 -28.30 -41.09 -9.36
N GLU C 72 -26.98 -41.28 -9.46
CA GLU C 72 -26.44 -42.35 -10.26
C GLU C 72 -26.79 -43.71 -9.71
N ASN C 73 -26.70 -43.84 -8.40
CA ASN C 73 -27.00 -45.08 -7.73
C ASN C 73 -27.24 -44.81 -6.26
N PRO C 74 -28.51 -44.89 -5.83
CA PRO C 74 -28.91 -44.54 -4.46
C PRO C 74 -28.51 -45.60 -3.43
N ASP C 75 -28.02 -46.76 -3.89
CA ASP C 75 -27.80 -47.86 -2.97
C ASP C 75 -26.35 -48.16 -2.63
N LYS C 76 -25.42 -47.69 -3.47
CA LYS C 76 -24.01 -48.00 -3.29
C LYS C 76 -23.36 -46.98 -2.36
N ASP C 77 -22.40 -47.45 -1.57
CA ASP C 77 -21.68 -46.58 -0.65
C ASP C 77 -20.94 -45.44 -1.35
N ILE C 78 -20.81 -44.32 -0.65
CA ILE C 78 -19.98 -43.21 -1.12
C ILE C 78 -18.76 -43.08 -0.21
N PHE C 79 -17.60 -42.79 -0.80
CA PHE C 79 -16.38 -42.68 -0.03
C PHE C 79 -15.93 -41.23 0.04
N PHE C 80 -16.09 -40.66 1.23
CA PHE C 80 -15.84 -39.25 1.49
C PHE C 80 -14.46 -39.13 2.15
N TYR C 81 -13.48 -38.68 1.36
CA TYR C 81 -12.11 -38.49 1.84
C TYR C 81 -11.95 -37.08 2.38
N ILE C 82 -11.55 -36.97 3.64
CA ILE C 82 -11.47 -35.67 4.30
C ILE C 82 -10.04 -35.32 4.71
N ASN C 83 -9.54 -34.23 4.13
CA ASN C 83 -8.30 -33.62 4.59
C ASN C 83 -8.52 -32.12 4.79
N SER C 84 -8.93 -31.72 6.00
CA SER C 84 -9.43 -30.37 6.20
C SER C 84 -9.24 -29.88 7.63
N PRO C 85 -8.90 -28.58 7.79
CA PRO C 85 -8.76 -27.96 9.11
C PRO C 85 -10.10 -27.38 9.60
N GLY C 86 -11.14 -27.57 8.82
CA GLY C 86 -12.45 -27.01 9.14
C GLY C 86 -12.75 -25.75 8.33
N GLY C 87 -13.62 -24.91 8.87
CA GLY C 87 -14.07 -23.69 8.21
C GLY C 87 -15.43 -23.24 8.69
N SER C 88 -16.27 -22.79 7.77
CA SER C 88 -17.62 -22.29 8.07
C SER C 88 -18.53 -23.35 8.69
N VAL C 89 -19.15 -23.01 9.83
CA VAL C 89 -20.03 -23.95 10.51
C VAL C 89 -21.25 -24.24 9.66
N THR C 90 -21.86 -23.19 9.11
CA THR C 90 -23.05 -23.41 8.31
C THR C 90 -22.71 -24.15 7.00
N ALA C 91 -21.56 -23.86 6.39
CA ALA C 91 -21.15 -24.59 5.19
C ALA C 91 -20.96 -26.06 5.52
N GLY C 92 -20.31 -26.31 6.66
CA GLY C 92 -20.10 -27.66 7.13
C GLY C 92 -21.41 -28.37 7.38
N MET C 93 -22.37 -27.67 7.98
CA MET C 93 -23.68 -28.26 8.24
C MET C 93 -24.37 -28.66 6.94
N SER C 94 -24.17 -27.92 5.85
CA SER C 94 -24.84 -28.28 4.60
C SER C 94 -24.36 -29.66 4.13
N ILE C 95 -23.07 -29.93 4.32
CA ILE C 95 -22.53 -31.23 3.96
C ILE C 95 -23.12 -32.32 4.87
N TYR C 96 -23.08 -32.04 6.17
CA TYR C 96 -23.59 -32.96 7.17
C TYR C 96 -25.02 -33.41 6.92
N ASP C 97 -25.93 -32.45 6.75
CA ASP C 97 -27.33 -32.78 6.54
C ASP C 97 -27.53 -33.52 5.20
N THR C 98 -26.70 -33.20 4.22
CA THR C 98 -26.81 -33.91 2.94
C THR C 98 -26.35 -35.35 3.12
N MET C 99 -25.28 -35.57 3.87
CA MET C 99 -24.79 -36.92 4.17
C MET C 99 -25.87 -37.78 4.80
N ASN C 100 -26.65 -37.18 5.70
CA ASN C 100 -27.72 -37.87 6.39
C ASN C 100 -28.98 -37.93 5.53
N PHE C 101 -29.15 -36.98 4.63
CA PHE C 101 -30.37 -36.91 3.84
C PHE C 101 -30.42 -37.98 2.74
N ILE C 102 -29.31 -38.15 2.05
CA ILE C 102 -29.26 -39.07 0.91
C ILE C 102 -29.28 -40.54 1.32
N LYS C 103 -29.80 -41.37 0.42
CA LYS C 103 -29.95 -42.80 0.71
C LYS C 103 -28.61 -43.54 0.87
N PRO C 104 -27.63 -43.31 -0.05
CA PRO C 104 -26.37 -44.05 0.13
C PRO C 104 -25.67 -43.83 1.47
N ASP C 105 -25.06 -44.89 2.01
CA ASP C 105 -24.15 -44.75 3.12
C ASP C 105 -22.94 -43.89 2.74
N VAL C 106 -22.64 -42.87 3.53
CA VAL C 106 -21.41 -42.12 3.29
C VAL C 106 -20.30 -42.57 4.22
N SER C 107 -19.34 -43.31 3.67
CA SER C 107 -18.16 -43.75 4.39
C SER C 107 -17.20 -42.58 4.46
N THR C 108 -16.54 -42.37 5.60
CA THR C 108 -15.58 -41.27 5.70
C THR C 108 -14.17 -41.80 5.94
N LEU C 109 -13.20 -41.11 5.36
CA LEU C 109 -11.79 -41.44 5.56
C LEU C 109 -10.99 -40.18 5.84
N CYS C 110 -10.27 -40.16 6.96
CA CYS C 110 -9.38 -39.03 7.25
C CYS C 110 -7.97 -39.29 6.72
N LEU C 111 -7.47 -38.42 5.86
CA LEU C 111 -6.07 -38.49 5.47
C LEU C 111 -5.45 -37.14 5.73
N GLY C 112 -4.25 -37.13 6.27
CA GLY C 112 -3.62 -35.90 6.69
C GLY C 112 -4.24 -35.39 7.99
N GLN C 113 -5.32 -34.65 7.88
CA GLN C 113 -5.97 -34.19 9.08
C GLN C 113 -7.44 -33.98 8.88
N ALA C 114 -8.16 -34.07 10.00
CA ALA C 114 -9.54 -33.64 10.07
C ALA C 114 -9.67 -32.89 11.40
N ALA C 115 -9.77 -31.56 11.31
CA ALA C 115 -9.80 -30.70 12.49
C ALA C 115 -11.10 -29.92 12.50
N SER C 116 -11.62 -29.64 13.70
CA SER C 116 -12.86 -28.87 13.88
C SER C 116 -13.99 -29.47 13.04
N MET C 117 -14.58 -28.67 12.15
CA MET C 117 -15.67 -29.13 11.29
C MET C 117 -15.21 -30.31 10.41
N GLY C 118 -13.91 -30.35 10.10
CA GLY C 118 -13.38 -31.52 9.39
C GLY C 118 -13.56 -32.77 10.23
N ALA C 119 -13.26 -32.65 11.52
CA ALA C 119 -13.41 -33.75 12.45
C ALA C 119 -14.88 -34.09 12.66
N PHE C 120 -15.72 -33.05 12.70
CA PHE C 120 -17.16 -33.23 12.81
C PHE C 120 -17.70 -34.07 11.65
N LEU C 121 -17.35 -33.69 10.43
CA LEU C 121 -17.84 -34.42 9.26
C LEU C 121 -17.32 -35.85 9.25
N LEU C 122 -16.05 -36.02 9.61
CA LEU C 122 -15.45 -37.34 9.73
C LEU C 122 -16.27 -38.23 10.67
N SER C 123 -16.64 -37.68 11.84
CA SER C 123 -17.35 -38.45 12.85
C SER C 123 -18.79 -38.70 12.43
N ALA C 124 -19.22 -37.99 11.39
CA ALA C 124 -20.59 -38.10 10.91
C ALA C 124 -20.77 -39.21 9.86
N GLY C 125 -19.67 -39.84 9.47
CA GLY C 125 -19.79 -40.93 8.49
C GLY C 125 -20.66 -42.04 9.03
N GLU C 126 -21.28 -42.81 8.14
CA GLU C 126 -22.12 -43.94 8.52
C GLU C 126 -21.38 -44.78 9.56
N LYS C 127 -22.06 -45.04 10.68
CA LYS C 127 -21.46 -45.78 11.80
C LYS C 127 -20.94 -47.13 11.35
N GLY C 128 -19.68 -47.42 11.65
CA GLY C 128 -19.03 -48.64 11.18
C GLY C 128 -18.18 -48.38 9.96
N LYS C 129 -18.43 -47.27 9.27
CA LYS C 129 -17.70 -47.00 8.04
C LYS C 129 -16.89 -45.70 8.09
N ARG C 130 -16.46 -45.34 9.30
CA ARG C 130 -15.61 -44.17 9.55
C ARG C 130 -14.16 -44.60 9.78
N PHE C 131 -13.27 -44.17 8.89
CA PHE C 131 -11.89 -44.64 8.94
C PHE C 131 -10.88 -43.47 9.01
N ALA C 132 -9.67 -43.79 9.43
CA ALA C 132 -8.55 -42.86 9.33
C ALA C 132 -7.32 -43.65 8.94
N LEU C 133 -6.44 -43.04 8.17
CA LEU C 133 -5.14 -43.61 7.84
C LEU C 133 -4.22 -43.44 9.06
N PRO C 134 -3.20 -44.30 9.18
CA PRO C 134 -2.48 -44.44 10.47
C PRO C 134 -1.88 -43.16 11.05
N ASN C 135 -1.37 -42.25 10.22
CA ASN C 135 -0.73 -41.05 10.75
C ASN C 135 -1.59 -39.80 10.57
N SER C 136 -2.90 -39.98 10.42
CA SER C 136 -3.85 -38.88 10.36
C SER C 136 -3.87 -38.12 11.68
N ARG C 137 -4.17 -36.82 11.60
CA ARG C 137 -4.31 -36.01 12.79
C ARG C 137 -5.76 -35.57 12.96
N ILE C 138 -6.35 -35.83 14.13
CA ILE C 138 -7.71 -35.40 14.40
C ILE C 138 -7.69 -34.33 15.49
N MET C 139 -8.52 -33.31 15.37
CA MET C 139 -8.65 -32.29 16.43
C MET C 139 -10.07 -31.75 16.57
N ILE C 140 -10.54 -31.67 17.82
CA ILE C 140 -11.85 -31.10 18.12
C ILE C 140 -11.69 -29.95 19.11
N HIS C 141 -12.62 -29.02 19.05
CA HIS C 141 -12.65 -27.86 19.93
C HIS C 141 -13.98 -27.11 19.87
N GLN C 142 -14.13 -26.12 20.72
CA GLN C 142 -15.36 -25.35 20.71
C GLN C 142 -15.35 -24.32 19.58
N PRO C 143 -16.51 -23.75 19.22
CA PRO C 143 -16.55 -22.77 18.14
C PRO C 143 -15.64 -21.56 18.39
N LEU C 144 -15.18 -20.96 17.30
CA LEU C 144 -14.32 -19.77 17.27
C LEU C 144 -14.85 -18.69 16.35
N ILE C 145 -14.88 -17.47 16.86
CA ILE C 145 -15.14 -16.31 16.03
C ILE C 145 -13.83 -15.53 15.99
N SER C 146 -13.36 -15.15 14.82
CA SER C 146 -12.26 -14.19 14.78
C SER C 146 -12.37 -13.39 13.51
N GLY C 147 -11.80 -12.19 13.55
CA GLY C 147 -12.43 -11.00 13.02
C GLY C 147 -13.31 -10.63 14.21
N GLY C 148 -14.54 -10.21 14.01
CA GLY C 148 -15.29 -9.81 15.19
C GLY C 148 -16.81 -9.80 15.28
N LEU C 149 -17.29 -9.61 16.51
CA LEU C 149 -18.67 -9.22 16.77
C LEU C 149 -18.66 -7.71 16.97
N GLY C 150 -19.25 -6.98 16.03
CA GLY C 150 -19.24 -5.54 16.10
C GLY C 150 -20.62 -4.94 15.87
N GLY C 151 -21.06 -4.12 16.81
CA GLY C 151 -22.34 -3.45 16.68
C GLY C 151 -22.82 -2.95 18.02
N GLN C 152 -24.13 -2.74 18.13
CA GLN C 152 -24.72 -2.34 19.39
C GLN C 152 -24.71 -3.53 20.32
N ALA C 153 -24.71 -3.22 21.61
CA ALA C 153 -24.73 -4.23 22.65
C ALA C 153 -25.88 -5.22 22.44
N SER C 154 -27.05 -4.71 22.04
CA SER C 154 -28.20 -5.57 21.76
C SER C 154 -27.91 -6.61 20.69
N ASP C 155 -27.21 -6.17 19.63
CA ASP C 155 -26.89 -7.07 18.55
C ASP C 155 -25.85 -8.08 19.00
N ILE C 156 -24.88 -7.61 19.78
CA ILE C 156 -23.81 -8.47 20.24
C ILE C 156 -24.40 -9.54 21.15
N GLU C 157 -25.40 -9.17 21.94
CA GLU C 157 -26.09 -10.14 22.77
C GLU C 157 -26.74 -11.23 21.93
N ILE C 158 -27.44 -10.81 20.90
CA ILE C 158 -28.12 -11.73 20.00
C ILE C 158 -27.14 -12.73 19.39
N HIS C 159 -26.01 -12.21 18.89
CA HIS C 159 -25.03 -13.05 18.22
C HIS C 159 -24.23 -13.92 19.19
N ALA C 160 -24.06 -13.43 20.41
CA ALA C 160 -23.40 -14.23 21.42
C ALA C 160 -24.30 -15.41 21.79
N ARG C 161 -25.60 -15.16 21.94
CA ARG C 161 -26.53 -16.24 22.27
C ARG C 161 -26.57 -17.29 21.17
N GLU C 162 -26.51 -16.84 19.92
CA GLU C 162 -26.53 -17.76 18.82
C GLU C 162 -25.28 -18.63 18.81
N LEU C 163 -24.14 -18.03 19.10
CA LEU C 163 -22.89 -18.78 19.11
C LEU C 163 -22.91 -19.85 20.19
N LEU C 164 -23.53 -19.53 21.32
CA LEU C 164 -23.65 -20.49 22.40
C LEU C 164 -24.59 -21.62 22.02
N LYS C 165 -25.65 -21.31 21.27
CA LYS C 165 -26.54 -22.38 20.77
C LYS C 165 -25.78 -23.31 19.83
N ILE C 166 -24.97 -22.72 18.95
CA ILE C 166 -24.14 -23.53 18.05
C ILE C 166 -23.21 -24.45 18.85
N LYS C 167 -22.52 -23.90 19.86
CA LYS C 167 -21.63 -24.68 20.71
C LYS C 167 -22.39 -25.85 21.35
N GLU C 168 -23.59 -25.61 21.88
CA GLU C 168 -24.31 -26.72 22.52
C GLU C 168 -24.78 -27.76 21.48
N LYS C 169 -25.37 -27.30 20.38
CA LYS C 169 -25.81 -28.22 19.32
C LYS C 169 -24.69 -29.13 18.80
N LEU C 170 -23.53 -28.54 18.50
CA LEU C 170 -22.39 -29.33 18.00
C LEU C 170 -21.88 -30.33 19.01
N ASN C 171 -21.85 -29.95 20.29
CA ASN C 171 -21.45 -30.90 21.32
C ASN C 171 -22.46 -32.02 21.46
N ARG C 172 -23.76 -31.71 21.37
CA ARG C 172 -24.78 -32.76 21.43
C ARG C 172 -24.68 -33.71 20.22
N LEU C 173 -24.51 -33.15 19.04
CA LEU C 173 -24.41 -33.97 17.83
C LEU C 173 -23.16 -34.83 17.86
N MET C 174 -22.06 -34.24 18.30
CA MET C 174 -20.79 -34.94 18.37
C MET C 174 -20.88 -36.06 19.39
N ALA C 175 -21.59 -35.80 20.50
CA ALA C 175 -21.73 -36.81 21.55
C ALA C 175 -22.48 -38.01 20.98
N LYS C 176 -23.48 -37.74 20.16
CA LYS C 176 -24.23 -38.79 19.50
C LYS C 176 -23.32 -39.60 18.55
N HIS C 177 -22.53 -38.91 17.73
CA HIS C 177 -21.62 -39.60 16.80
C HIS C 177 -20.66 -40.54 17.51
N CYS C 178 -20.14 -40.10 18.65
CA CYS C 178 -19.08 -40.81 19.34
C CYS C 178 -19.59 -41.81 20.38
N ASP C 179 -20.91 -41.91 20.52
CA ASP C 179 -21.54 -42.67 21.62
C ASP C 179 -20.98 -42.20 22.96
N ARG C 180 -21.04 -40.90 23.19
CA ARG C 180 -20.40 -40.34 24.37
C ARG C 180 -21.39 -39.40 25.06
N ASP C 181 -21.11 -39.00 26.29
CA ASP C 181 -22.00 -38.05 26.95
C ASP C 181 -21.72 -36.61 26.55
N LEU C 182 -22.76 -35.80 26.46
CA LEU C 182 -22.64 -34.38 26.20
C LEU C 182 -21.62 -33.73 27.13
N ALA C 183 -21.67 -34.11 28.41
CA ALA C 183 -20.75 -33.54 29.40
C ALA C 183 -19.30 -33.82 29.05
N ASP C 184 -19.02 -34.98 28.48
CA ASP C 184 -17.66 -35.31 28.07
C ASP C 184 -17.22 -34.40 26.92
N LEU C 185 -18.08 -34.25 25.92
CA LEU C 185 -17.74 -33.43 24.76
C LEU C 185 -17.52 -31.98 25.18
N GLU C 186 -18.37 -31.48 26.08
CA GLU C 186 -18.18 -30.12 26.58
C GLU C 186 -16.81 -29.99 27.25
N ARG C 187 -16.46 -30.98 28.05
CA ARG C 187 -15.18 -30.98 28.75
C ARG C 187 -14.00 -31.03 27.76
N ASP C 188 -14.13 -31.89 26.76
CA ASP C 188 -13.01 -32.24 25.91
C ASP C 188 -12.79 -31.30 24.71
N THR C 189 -13.67 -30.32 24.55
CA THR C 189 -13.57 -29.38 23.44
C THR C 189 -13.32 -27.95 23.93
N ASP C 190 -13.11 -27.78 25.22
CA ASP C 190 -12.95 -26.44 25.81
C ASP C 190 -11.74 -25.72 25.21
N ARG C 191 -10.66 -26.47 25.00
CA ARG C 191 -9.51 -26.00 24.24
C ARG C 191 -9.15 -27.04 23.16
N ASP C 192 -8.30 -26.64 22.23
CA ASP C 192 -7.84 -27.52 21.14
C ASP C 192 -7.45 -28.88 21.67
N ASN C 193 -8.10 -29.92 21.16
CA ASN C 193 -7.89 -31.27 21.66
C ASN C 193 -7.42 -32.19 20.54
N PHE C 194 -6.12 -32.42 20.49
CA PHE C 194 -5.51 -33.23 19.44
C PHE C 194 -5.54 -34.71 19.74
N MET C 195 -5.86 -35.51 18.72
CA MET C 195 -5.91 -36.96 18.87
C MET C 195 -5.19 -37.68 17.73
N SER C 196 -4.42 -38.70 18.07
CA SER C 196 -3.93 -39.64 17.05
C SER C 196 -5.11 -40.47 16.53
N ALA C 197 -4.90 -41.21 15.46
CA ALA C 197 -5.97 -42.07 14.94
C ALA C 197 -6.48 -43.05 15.99
N GLU C 198 -5.55 -43.72 16.68
CA GLU C 198 -5.93 -44.69 17.67
C GLU C 198 -6.72 -44.01 18.81
N GLU C 199 -6.32 -42.81 19.21
CA GLU C 199 -7.09 -42.05 20.19
C GLU C 199 -8.47 -41.67 19.66
N ALA C 200 -8.57 -41.33 18.37
CA ALA C 200 -9.86 -40.97 17.79
C ALA C 200 -10.77 -42.19 17.78
N LYS C 201 -10.19 -43.36 17.54
CA LYS C 201 -10.96 -44.60 17.59
C LYS C 201 -11.52 -44.86 18.99
N GLU C 202 -10.65 -44.80 19.98
CA GLU C 202 -11.02 -45.00 21.38
C GLU C 202 -12.10 -44.01 21.83
N TYR C 203 -12.04 -42.78 21.33
CA TYR C 203 -13.02 -41.77 21.74
C TYR C 203 -14.41 -42.05 21.16
N GLY C 204 -14.42 -42.74 20.01
CA GLY C 204 -15.64 -43.06 19.27
C GLY C 204 -15.88 -42.19 18.04
N LEU C 205 -14.84 -41.46 17.63
CA LEU C 205 -14.95 -40.54 16.53
C LEU C 205 -14.83 -41.28 15.18
N ILE C 206 -14.00 -42.32 15.15
CA ILE C 206 -13.91 -43.20 13.98
C ILE C 206 -14.10 -44.63 14.42
N ASP C 207 -14.23 -45.53 13.45
CA ASP C 207 -14.45 -46.93 13.78
C ASP C 207 -13.18 -47.77 13.68
N GLN C 208 -12.40 -47.60 12.62
CA GLN C 208 -11.16 -48.38 12.46
C GLN C 208 -10.04 -47.56 11.81
N ILE C 209 -8.80 -47.93 12.09
CA ILE C 209 -7.64 -47.37 11.42
C ILE C 209 -7.23 -48.32 10.31
N LEU C 210 -7.10 -47.80 9.11
CA LEU C 210 -6.66 -48.61 7.97
C LEU C 210 -5.22 -48.34 7.63
N GLU C 211 -4.36 -49.35 7.75
CA GLU C 211 -2.98 -49.21 7.29
C GLU C 211 -2.92 -49.61 5.81
N ASN C 212 -3.69 -50.64 5.47
CA ASN C 212 -3.87 -51.14 4.09
C ASN C 212 -5.25 -51.83 4.05
N ARG C 213 -5.61 -52.43 2.92
CA ARG C 213 -6.97 -52.96 2.77
C ARG C 213 -7.41 -54.04 3.78
N ALA C 214 -6.48 -54.61 4.55
CA ALA C 214 -6.89 -55.40 5.70
C ALA C 214 -7.38 -54.48 6.81
N VAL D 22 -14.44 -27.63 -10.86
CA VAL D 22 -15.33 -28.21 -11.87
C VAL D 22 -14.98 -29.69 -12.04
N PRO D 23 -15.76 -30.57 -11.39
CA PRO D 23 -15.71 -32.01 -11.70
C PRO D 23 -16.64 -32.29 -12.87
N THR D 24 -16.19 -33.10 -13.83
CA THR D 24 -16.94 -33.36 -15.05
C THR D 24 -17.62 -34.74 -14.98
N VAL D 25 -18.81 -34.85 -15.56
CA VAL D 25 -19.52 -36.12 -15.59
C VAL D 25 -20.11 -36.38 -16.99
N PHE D 36 -19.83 -32.78 -18.98
CA PHE D 36 -20.69 -31.90 -18.20
C PHE D 36 -20.12 -31.68 -16.80
N ASP D 37 -20.01 -30.42 -16.38
CA ASP D 37 -19.63 -30.15 -15.00
C ASP D 37 -20.78 -30.59 -14.09
N ILE D 38 -20.48 -30.75 -12.81
CA ILE D 38 -21.41 -31.35 -11.87
C ILE D 38 -22.72 -30.55 -11.77
N TYR D 39 -22.63 -29.22 -11.83
CA TYR D 39 -23.79 -28.38 -11.64
C TYR D 39 -24.70 -28.41 -12.85
N SER D 40 -24.10 -28.47 -14.04
CA SER D 40 -24.87 -28.66 -15.27
C SER D 40 -25.63 -29.97 -15.26
N ARG D 41 -24.98 -31.02 -14.75
CA ARG D 41 -25.58 -32.34 -14.61
C ARG D 41 -26.77 -32.30 -13.66
N LEU D 42 -26.64 -31.58 -12.55
CA LEU D 42 -27.74 -31.51 -11.60
C LEU D 42 -28.87 -30.66 -12.18
N LEU D 43 -28.53 -29.75 -13.08
CA LEU D 43 -29.56 -28.93 -13.73
C LEU D 43 -30.50 -29.83 -14.54
N LYS D 44 -29.99 -30.97 -15.00
CA LYS D 44 -30.81 -31.98 -15.69
C LYS D 44 -31.86 -32.55 -14.74
N GLU D 45 -31.58 -32.52 -13.44
CA GLU D 45 -32.49 -33.00 -12.42
C GLU D 45 -33.39 -31.86 -11.95
N ARG D 46 -33.32 -30.73 -12.67
CA ARG D 46 -34.08 -29.51 -12.35
C ARG D 46 -33.70 -28.92 -10.97
N ILE D 47 -32.46 -29.16 -10.55
CA ILE D 47 -31.89 -28.53 -9.36
C ILE D 47 -31.15 -27.26 -9.70
N VAL D 48 -31.51 -26.17 -9.03
CA VAL D 48 -30.81 -24.91 -9.16
C VAL D 48 -30.25 -24.47 -7.79
N PHE D 49 -29.00 -24.04 -7.75
CA PHE D 49 -28.38 -23.58 -6.50
C PHE D 49 -28.28 -22.06 -6.41
N LEU D 50 -28.55 -21.53 -5.22
CA LEU D 50 -28.15 -20.17 -4.84
C LEU D 50 -27.17 -20.31 -3.67
N VAL D 51 -25.91 -19.99 -3.91
CA VAL D 51 -24.87 -20.20 -2.91
C VAL D 51 -24.06 -18.95 -2.65
N GLY D 52 -23.93 -18.54 -1.39
CA GLY D 52 -23.13 -17.36 -1.09
C GLY D 52 -23.89 -16.08 -1.39
N PRO D 53 -23.20 -14.93 -1.36
CA PRO D 53 -23.87 -13.63 -1.52
C PRO D 53 -24.69 -13.48 -2.80
N VAL D 54 -25.89 -12.91 -2.67
CA VAL D 54 -26.72 -12.59 -3.81
C VAL D 54 -26.24 -11.31 -4.46
N THR D 55 -25.75 -11.45 -5.68
CA THR D 55 -25.31 -10.33 -6.49
C THR D 55 -26.10 -10.28 -7.79
N ASP D 56 -25.95 -9.21 -8.55
CA ASP D 56 -26.61 -9.14 -9.85
C ASP D 56 -26.24 -10.36 -10.70
N GLU D 57 -24.96 -10.74 -10.73
CA GLU D 57 -24.56 -11.85 -11.58
C GLU D 57 -25.05 -13.18 -11.06
N SER D 58 -24.91 -13.42 -9.76
CA SER D 58 -25.32 -14.71 -9.22
C SER D 58 -26.84 -14.85 -9.30
N ALA D 59 -27.57 -13.74 -9.11
CA ALA D 59 -29.03 -13.76 -9.19
C ALA D 59 -29.49 -14.01 -10.62
N ASN D 60 -28.85 -13.34 -11.58
CA ASN D 60 -29.27 -13.48 -12.96
C ASN D 60 -28.94 -14.85 -13.48
N LEU D 61 -27.89 -15.47 -12.93
CA LEU D 61 -27.57 -16.84 -13.31
C LEU D 61 -28.70 -17.76 -12.88
N VAL D 62 -29.24 -17.49 -11.69
CA VAL D 62 -30.39 -18.25 -11.20
C VAL D 62 -31.62 -18.00 -12.09
N VAL D 63 -31.87 -16.73 -12.40
CA VAL D 63 -32.99 -16.38 -13.28
C VAL D 63 -32.88 -17.15 -14.61
N ALA D 64 -31.69 -17.16 -15.20
CA ALA D 64 -31.45 -17.83 -16.48
C ALA D 64 -31.77 -19.33 -16.39
N GLN D 65 -31.37 -19.93 -15.27
CA GLN D 65 -31.61 -21.33 -15.06
C GLN D 65 -33.10 -21.63 -14.88
N LEU D 66 -33.81 -20.75 -14.15
CA LEU D 66 -35.26 -20.92 -13.97
C LEU D 66 -36.00 -20.84 -15.32
N LEU D 67 -35.63 -19.87 -16.14
CA LEU D 67 -36.26 -19.68 -17.45
C LEU D 67 -35.97 -20.88 -18.34
N PHE D 68 -34.74 -21.38 -18.23
CA PHE D 68 -34.33 -22.54 -18.99
C PHE D 68 -35.15 -23.77 -18.67
N LEU D 69 -35.28 -24.07 -17.38
CA LEU D 69 -36.00 -25.26 -16.96
C LEU D 69 -37.47 -25.18 -17.37
N GLU D 70 -38.03 -23.98 -17.27
CA GLU D 70 -39.40 -23.73 -17.70
C GLU D 70 -39.54 -23.99 -19.20
N SER D 71 -38.58 -23.54 -19.99
CA SER D 71 -38.61 -23.77 -21.42
C SER D 71 -38.58 -25.28 -21.72
N GLU D 72 -37.75 -26.01 -20.97
CA GLU D 72 -37.64 -27.47 -21.13
C GLU D 72 -38.91 -28.21 -20.75
N ASN D 73 -39.55 -27.79 -19.68
CA ASN D 73 -40.80 -28.40 -19.22
C ASN D 73 -41.50 -27.44 -18.26
N PRO D 74 -42.55 -26.75 -18.75
CA PRO D 74 -43.22 -25.73 -17.92
C PRO D 74 -44.10 -26.33 -16.82
N ASP D 75 -44.25 -27.64 -16.76
CA ASP D 75 -45.18 -28.26 -15.82
C ASP D 75 -44.48 -28.97 -14.67
N LYS D 76 -43.20 -29.28 -14.82
CA LYS D 76 -42.51 -29.99 -13.75
C LYS D 76 -41.90 -29.01 -12.77
N ASP D 77 -41.94 -29.40 -11.49
CA ASP D 77 -41.38 -28.61 -10.40
C ASP D 77 -39.90 -28.33 -10.62
N ILE D 78 -39.47 -27.19 -10.11
CA ILE D 78 -38.05 -26.85 -10.05
C ILE D 78 -37.63 -26.87 -8.58
N PHE D 79 -36.43 -27.36 -8.32
CA PHE D 79 -35.93 -27.46 -6.97
C PHE D 79 -34.81 -26.44 -6.76
N PHE D 80 -35.12 -25.42 -5.97
CA PHE D 80 -34.23 -24.29 -5.76
C PHE D 80 -33.51 -24.46 -4.40
N TYR D 81 -32.25 -24.86 -4.43
CA TYR D 81 -31.45 -25.08 -3.20
C TYR D 81 -30.73 -23.82 -2.78
N ILE D 82 -30.95 -23.40 -1.53
CA ILE D 82 -30.41 -22.12 -1.07
C ILE D 82 -29.43 -22.26 0.11
N ASN D 83 -28.21 -21.80 -0.09
CA ASN D 83 -27.27 -21.64 1.00
C ASN D 83 -26.64 -20.27 0.87
N SER D 84 -27.26 -19.28 1.52
CA SER D 84 -26.91 -17.88 1.25
C SER D 84 -27.18 -16.96 2.46
N PRO D 85 -26.27 -15.99 2.72
CA PRO D 85 -26.46 -14.99 3.78
C PRO D 85 -27.21 -13.77 3.26
N GLY D 86 -27.61 -13.81 2.00
CA GLY D 86 -28.32 -12.69 1.38
C GLY D 86 -27.42 -11.84 0.49
N GLY D 87 -27.83 -10.58 0.28
CA GLY D 87 -27.10 -9.71 -0.61
C GLY D 87 -27.95 -8.58 -1.20
N SER D 88 -27.75 -8.29 -2.48
CA SER D 88 -28.48 -7.19 -3.09
C SER D 88 -29.99 -7.44 -3.12
N VAL D 89 -30.75 -6.48 -2.57
CA VAL D 89 -32.21 -6.62 -2.55
C VAL D 89 -32.81 -6.61 -3.96
N THR D 90 -32.37 -5.70 -4.84
CA THR D 90 -32.93 -5.68 -6.19
C THR D 90 -32.52 -6.98 -6.90
N ALA D 91 -31.32 -7.48 -6.65
CA ALA D 91 -30.91 -8.75 -7.27
C ALA D 91 -31.82 -9.88 -6.78
N GLY D 92 -32.12 -9.87 -5.49
CA GLY D 92 -33.03 -10.83 -4.91
C GLY D 92 -34.42 -10.75 -5.51
N MET D 93 -34.90 -9.54 -5.72
CA MET D 93 -36.24 -9.38 -6.27
C MET D 93 -36.36 -9.96 -7.69
N SER D 94 -35.29 -9.88 -8.48
CA SER D 94 -35.32 -10.42 -9.83
C SER D 94 -35.53 -11.94 -9.77
N ILE D 95 -34.93 -12.59 -8.78
CA ILE D 95 -35.16 -14.01 -8.55
C ILE D 95 -36.59 -14.25 -8.07
N TYR D 96 -37.01 -13.46 -7.08
CA TYR D 96 -38.35 -13.56 -6.52
C TYR D 96 -39.44 -13.47 -7.60
N ASP D 97 -39.39 -12.39 -8.38
CA ASP D 97 -40.40 -12.17 -9.41
C ASP D 97 -40.34 -13.24 -10.49
N THR D 98 -39.15 -13.77 -10.75
CA THR D 98 -39.03 -14.83 -11.75
C THR D 98 -39.65 -16.13 -11.20
N MET D 99 -39.40 -16.43 -9.94
CA MET D 99 -40.02 -17.59 -9.27
C MET D 99 -41.56 -17.56 -9.34
N ASN D 100 -42.13 -16.38 -9.17
CA ASN D 100 -43.58 -16.26 -9.21
C ASN D 100 -44.15 -16.21 -10.64
N PHE D 101 -43.34 -15.73 -11.59
CA PHE D 101 -43.77 -15.52 -12.97
C PHE D 101 -43.87 -16.80 -13.81
N ILE D 102 -42.87 -17.68 -13.67
CA ILE D 102 -42.80 -18.89 -14.50
C ILE D 102 -43.87 -19.88 -14.08
N LYS D 103 -44.26 -20.75 -15.01
CA LYS D 103 -45.33 -21.70 -14.74
C LYS D 103 -44.97 -22.76 -13.69
N PRO D 104 -43.79 -23.39 -13.80
CA PRO D 104 -43.52 -24.43 -12.79
C PRO D 104 -43.51 -23.95 -11.33
N ASP D 105 -43.96 -24.82 -10.43
CA ASP D 105 -43.77 -24.63 -9.00
C ASP D 105 -42.29 -24.59 -8.67
N VAL D 106 -41.84 -23.57 -7.95
CA VAL D 106 -40.45 -23.55 -7.50
C VAL D 106 -40.38 -23.99 -6.05
N SER D 107 -39.92 -25.21 -5.83
CA SER D 107 -39.73 -25.71 -4.49
C SER D 107 -38.40 -25.21 -3.94
N THR D 108 -38.38 -24.82 -2.66
CA THR D 108 -37.14 -24.33 -2.07
C THR D 108 -36.65 -25.29 -0.98
N LEU D 109 -35.33 -25.39 -0.85
CA LEU D 109 -34.72 -26.18 0.20
C LEU D 109 -33.58 -25.40 0.83
N CYS D 110 -33.63 -25.26 2.16
CA CYS D 110 -32.52 -24.60 2.84
C CYS D 110 -31.48 -25.63 3.29
N LEU D 111 -30.24 -25.43 2.86
CA LEU D 111 -29.12 -26.17 3.45
C LEU D 111 -28.03 -25.20 3.90
N GLY D 112 -27.40 -25.50 5.04
CA GLY D 112 -26.45 -24.58 5.65
C GLY D 112 -27.18 -23.41 6.30
N GLN D 113 -27.48 -22.39 5.50
CA GLN D 113 -28.21 -21.25 6.01
C GLN D 113 -29.03 -20.51 4.94
N ALA D 114 -30.07 -19.82 5.40
CA ALA D 114 -30.75 -18.84 4.55
C ALA D 114 -31.02 -17.59 5.39
N ALA D 115 -30.23 -16.54 5.15
CA ALA D 115 -30.37 -15.31 5.95
C ALA D 115 -30.72 -14.14 5.07
N SER D 116 -31.50 -13.23 5.65
CA SER D 116 -31.93 -12.02 4.96
C SER D 116 -32.58 -12.35 3.60
N MET D 117 -32.04 -11.83 2.50
CA MET D 117 -32.64 -12.08 1.18
C MET D 117 -32.64 -13.60 0.87
N GLY D 118 -31.70 -14.32 1.44
CA GLY D 118 -31.71 -15.77 1.35
C GLY D 118 -32.95 -16.38 1.99
N ALA D 119 -33.28 -15.89 3.19
CA ALA D 119 -34.46 -16.35 3.92
C ALA D 119 -35.73 -15.91 3.22
N PHE D 120 -35.71 -14.70 2.67
CA PHE D 120 -36.83 -14.20 1.88
C PHE D 120 -37.15 -15.15 0.72
N LEU D 121 -36.12 -15.50 -0.06
CA LEU D 121 -36.33 -16.40 -1.22
C LEU D 121 -36.78 -17.79 -0.79
N LEU D 122 -36.22 -18.32 0.30
CA LEU D 122 -36.64 -19.60 0.87
C LEU D 122 -38.15 -19.59 1.17
N SER D 123 -38.61 -18.51 1.80
CA SER D 123 -40.01 -18.38 2.18
C SER D 123 -40.92 -18.12 0.96
N ALA D 124 -40.32 -17.76 -0.17
CA ALA D 124 -41.07 -17.45 -1.40
C ALA D 124 -41.35 -18.68 -2.26
N GLY D 125 -40.81 -19.83 -1.86
CA GLY D 125 -41.08 -21.06 -2.57
C GLY D 125 -42.57 -21.35 -2.58
N GLU D 126 -43.02 -22.16 -3.53
CA GLU D 126 -44.42 -22.55 -3.63
C GLU D 126 -44.92 -23.10 -2.30
N LYS D 127 -46.01 -22.54 -1.80
CA LYS D 127 -46.58 -22.95 -0.52
C LYS D 127 -46.82 -24.45 -0.49
N GLY D 128 -46.31 -25.12 0.55
CA GLY D 128 -46.39 -26.56 0.66
C GLY D 128 -45.11 -27.27 0.24
N LYS D 129 -44.27 -26.57 -0.52
CA LYS D 129 -43.03 -27.12 -1.06
C LYS D 129 -41.78 -26.33 -0.62
N ARG D 130 -41.85 -25.73 0.57
CA ARG D 130 -40.71 -25.02 1.14
C ARG D 130 -40.09 -25.88 2.24
N PHE D 131 -38.83 -26.25 2.08
CA PHE D 131 -38.20 -27.19 3.01
C PHE D 131 -36.91 -26.68 3.66
N ALA D 132 -36.49 -27.37 4.72
CA ALA D 132 -35.17 -27.17 5.26
C ALA D 132 -34.62 -28.49 5.76
N LEU D 133 -33.31 -28.66 5.69
CA LEU D 133 -32.61 -29.76 6.32
C LEU D 133 -32.52 -29.51 7.85
N PRO D 134 -32.32 -30.57 8.66
CA PRO D 134 -32.52 -30.44 10.12
C PRO D 134 -31.64 -29.36 10.80
N ASN D 135 -30.40 -29.19 10.37
CA ASN D 135 -29.49 -28.25 11.03
C ASN D 135 -29.28 -26.96 10.24
N SER D 136 -30.21 -26.66 9.35
CA SER D 136 -30.22 -25.41 8.61
C SER D 136 -30.44 -24.23 9.55
N ARG D 137 -29.84 -23.09 9.21
CA ARG D 137 -30.04 -21.86 9.97
C ARG D 137 -30.79 -20.83 9.15
N ILE D 138 -31.86 -20.26 9.72
CA ILE D 138 -32.59 -19.19 9.06
C ILE D 138 -32.38 -17.91 9.87
N MET D 139 -32.27 -16.77 9.20
CA MET D 139 -32.20 -15.49 9.91
C MET D 139 -32.89 -14.39 9.10
N ILE D 140 -33.73 -13.59 9.77
CA ILE D 140 -34.42 -12.48 9.13
C ILE D 140 -34.12 -11.18 9.88
N HIS D 141 -34.26 -10.05 9.21
CA HIS D 141 -33.95 -8.74 9.73
C HIS D 141 -34.38 -7.64 8.79
N GLN D 142 -34.33 -6.42 9.27
CA GLN D 142 -34.67 -5.27 8.45
C GLN D 142 -33.50 -4.91 7.55
N PRO D 143 -33.74 -4.09 6.51
CA PRO D 143 -32.61 -3.75 5.64
C PRO D 143 -31.48 -3.05 6.39
N LEU D 144 -30.24 -3.28 5.95
CA LEU D 144 -29.09 -2.56 6.51
C LEU D 144 -28.25 -2.14 5.33
N ILE D 145 -27.74 -0.92 5.37
CA ILE D 145 -26.95 -0.40 4.27
C ILE D 145 -25.48 -0.65 4.54
N SER D 146 -24.81 -1.24 3.56
CA SER D 146 -23.37 -1.34 3.62
C SER D 146 -22.84 -0.07 3.00
N GLY D 147 -21.76 0.47 3.57
CA GLY D 147 -21.25 1.73 3.09
C GLY D 147 -22.16 2.81 3.64
N GLY D 148 -22.54 3.78 2.81
CA GLY D 148 -23.31 4.89 3.33
C GLY D 148 -24.27 5.67 2.45
N LEU D 149 -25.00 6.58 3.09
CA LEU D 149 -25.71 7.60 2.37
C LEU D 149 -24.84 8.85 2.39
N GLY D 150 -24.33 9.23 1.21
CA GLY D 150 -23.45 10.38 1.12
C GLY D 150 -23.88 11.31 0.01
N GLY D 151 -24.12 12.56 0.37
CA GLY D 151 -24.52 13.59 -0.58
C GLY D 151 -25.19 14.73 0.15
N GLN D 152 -25.97 15.51 -0.59
CA GLN D 152 -26.73 16.58 0.02
C GLN D 152 -27.86 15.99 0.86
N ALA D 153 -28.31 16.77 1.84
CA ALA D 153 -29.41 16.39 2.70
C ALA D 153 -30.64 16.04 1.87
N SER D 154 -30.87 16.79 0.78
CA SER D 154 -31.95 16.48 -0.15
C SER D 154 -31.82 15.07 -0.74
N ASP D 155 -30.61 14.72 -1.15
CA ASP D 155 -30.42 13.40 -1.74
C ASP D 155 -30.56 12.35 -0.67
N ILE D 156 -30.05 12.65 0.51
CA ILE D 156 -30.13 11.71 1.61
C ILE D 156 -31.57 11.47 2.03
N GLU D 157 -32.40 12.52 2.04
CA GLU D 157 -33.82 12.36 2.38
C GLU D 157 -34.49 11.43 1.35
N ILE D 158 -34.19 11.64 0.07
CA ILE D 158 -34.75 10.82 -0.99
C ILE D 158 -34.43 9.34 -0.78
N HIS D 159 -33.16 9.05 -0.52
CA HIS D 159 -32.74 7.67 -0.35
C HIS D 159 -33.17 7.07 0.98
N ALA D 160 -33.29 7.90 2.00
CA ALA D 160 -33.80 7.39 3.26
C ALA D 160 -35.27 6.99 3.11
N ARG D 161 -36.07 7.81 2.41
CA ARG D 161 -37.48 7.48 2.22
C ARG D 161 -37.66 6.17 1.46
N GLU D 162 -36.80 5.98 0.47
CA GLU D 162 -36.84 4.78 -0.36
C GLU D 162 -36.51 3.56 0.50
N LEU D 163 -35.55 3.71 1.40
CA LEU D 163 -35.14 2.61 2.25
C LEU D 163 -36.30 2.18 3.13
N LEU D 164 -37.06 3.16 3.61
CA LEU D 164 -38.22 2.88 4.43
C LEU D 164 -39.28 2.18 3.58
N LYS D 165 -39.42 2.56 2.31
CA LYS D 165 -40.38 1.86 1.44
C LYS D 165 -39.95 0.40 1.24
N ILE D 166 -38.66 0.19 1.02
CA ILE D 166 -38.11 -1.16 0.89
C ILE D 166 -38.40 -1.96 2.14
N LYS D 167 -38.17 -1.36 3.30
CA LYS D 167 -38.40 -2.02 4.58
C LYS D 167 -39.88 -2.42 4.72
N GLU D 168 -40.79 -1.53 4.36
CA GLU D 168 -42.21 -1.85 4.48
C GLU D 168 -42.61 -2.95 3.51
N LYS D 169 -42.19 -2.81 2.25
CA LYS D 169 -42.49 -3.81 1.23
C LYS D 169 -41.99 -5.20 1.65
N LEU D 170 -40.74 -5.30 2.10
CA LEU D 170 -40.23 -6.62 2.51
C LEU D 170 -41.01 -7.20 3.69
N ASN D 171 -41.42 -6.36 4.65
CA ASN D 171 -42.21 -6.88 5.77
C ASN D 171 -43.60 -7.35 5.31
N ARG D 172 -44.18 -6.60 4.38
CA ARG D 172 -45.48 -6.91 3.82
C ARG D 172 -45.44 -8.25 3.06
N LEU D 173 -44.43 -8.43 2.21
CA LEU D 173 -44.30 -9.66 1.43
C LEU D 173 -43.97 -10.84 2.34
N MET D 174 -43.12 -10.62 3.33
CA MET D 174 -42.72 -11.68 4.23
C MET D 174 -43.89 -12.16 5.09
N ALA D 175 -44.74 -11.23 5.51
CA ALA D 175 -45.93 -11.56 6.29
C ALA D 175 -46.88 -12.43 5.46
N LYS D 176 -47.00 -12.11 4.18
CA LYS D 176 -47.80 -12.92 3.26
C LYS D 176 -47.21 -14.32 3.09
N HIS D 177 -45.91 -14.40 2.84
CA HIS D 177 -45.24 -15.70 2.71
C HIS D 177 -45.45 -16.51 3.97
N CYS D 178 -45.36 -15.85 5.12
CA CYS D 178 -45.40 -16.60 6.35
C CYS D 178 -46.81 -16.76 6.89
N ASP D 179 -47.78 -16.16 6.20
CA ASP D 179 -49.16 -16.12 6.70
C ASP D 179 -49.20 -15.56 8.12
N ARG D 180 -48.60 -14.40 8.31
CA ARG D 180 -48.47 -13.80 9.65
C ARG D 180 -48.87 -12.33 9.54
N ASP D 181 -49.06 -11.66 10.67
CA ASP D 181 -49.40 -10.24 10.62
C ASP D 181 -48.21 -9.39 10.27
N LEU D 182 -48.47 -8.32 9.53
CA LEU D 182 -47.47 -7.31 9.23
C LEU D 182 -46.79 -6.78 10.49
N ALA D 183 -47.58 -6.54 11.54
CA ALA D 183 -47.06 -6.03 12.80
C ALA D 183 -46.07 -7.02 13.43
N ASP D 184 -46.30 -8.32 13.22
CA ASP D 184 -45.38 -9.33 13.74
C ASP D 184 -44.02 -9.32 13.04
N LEU D 185 -44.01 -9.19 11.72
CA LEU D 185 -42.76 -9.15 10.97
C LEU D 185 -41.97 -7.89 11.33
N GLU D 186 -42.69 -6.78 11.49
CA GLU D 186 -42.08 -5.51 11.85
C GLU D 186 -41.34 -5.67 13.17
N ARG D 187 -42.03 -6.32 14.10
CA ARG D 187 -41.48 -6.64 15.41
C ARG D 187 -40.31 -7.60 15.34
N ASP D 188 -40.45 -8.64 14.53
CA ASP D 188 -39.49 -9.74 14.57
C ASP D 188 -38.26 -9.50 13.71
N THR D 189 -38.24 -8.39 12.97
CA THR D 189 -37.08 -8.08 12.14
C THR D 189 -36.35 -6.80 12.55
N ASP D 190 -36.74 -6.25 13.70
CA ASP D 190 -36.11 -5.02 14.15
C ASP D 190 -34.60 -5.22 14.35
N ARG D 191 -34.25 -6.37 14.91
CA ARG D 191 -32.85 -6.81 14.98
C ARG D 191 -32.74 -8.24 14.45
N ASP D 192 -31.51 -8.69 14.17
CA ASP D 192 -31.25 -10.05 13.68
C ASP D 192 -32.01 -11.10 14.45
N ASN D 193 -32.79 -11.91 13.74
CA ASN D 193 -33.61 -12.92 14.38
C ASN D 193 -33.25 -14.30 13.82
N PHE D 194 -32.46 -15.07 14.57
CA PHE D 194 -32.03 -16.41 14.17
C PHE D 194 -33.07 -17.45 14.51
N MET D 195 -33.32 -18.36 13.57
CA MET D 195 -34.28 -19.43 13.76
C MET D 195 -33.72 -20.80 13.40
N SER D 196 -34.02 -21.78 14.26
CA SER D 196 -33.79 -23.17 13.91
C SER D 196 -34.77 -23.56 12.81
N ALA D 197 -34.57 -24.74 12.23
CA ALA D 197 -35.49 -25.27 11.22
C ALA D 197 -36.90 -25.40 11.78
N GLU D 198 -37.00 -25.95 12.99
CA GLU D 198 -38.31 -26.07 13.62
C GLU D 198 -38.94 -24.72 13.89
N GLU D 199 -38.16 -23.76 14.37
CA GLU D 199 -38.69 -22.42 14.61
C GLU D 199 -39.15 -21.75 13.32
N ALA D 200 -38.41 -21.98 12.24
CA ALA D 200 -38.79 -21.40 10.97
C ALA D 200 -40.11 -22.01 10.51
N LYS D 201 -40.28 -23.29 10.75
CA LYS D 201 -41.53 -23.99 10.42
C LYS D 201 -42.69 -23.42 11.25
N GLU D 202 -42.47 -23.33 12.55
CA GLU D 202 -43.49 -22.79 13.43
C GLU D 202 -43.88 -21.37 13.00
N TYR D 203 -42.89 -20.60 12.55
CA TYR D 203 -43.12 -19.21 12.16
C TYR D 203 -43.94 -19.08 10.87
N GLY D 204 -43.92 -20.12 10.05
CA GLY D 204 -44.64 -20.14 8.79
C GLY D 204 -43.74 -19.85 7.60
N LEU D 205 -42.43 -19.88 7.84
CA LEU D 205 -41.44 -19.52 6.83
C LEU D 205 -41.17 -20.69 5.87
N ILE D 206 -41.22 -21.90 6.42
CA ILE D 206 -41.15 -23.11 5.61
C ILE D 206 -42.29 -24.04 5.98
N ASP D 207 -42.48 -25.10 5.20
CA ASP D 207 -43.57 -26.02 5.45
C ASP D 207 -43.08 -27.26 6.18
N GLN D 208 -41.93 -27.80 5.78
CA GLN D 208 -41.41 -29.02 6.40
C GLN D 208 -39.91 -29.10 6.55
N ILE D 209 -39.50 -29.86 7.55
CA ILE D 209 -38.12 -30.25 7.78
C ILE D 209 -37.87 -31.67 7.26
N LEU D 210 -36.87 -31.82 6.40
CA LEU D 210 -36.53 -33.14 5.85
C LEU D 210 -35.25 -33.71 6.45
N GLU D 211 -35.34 -34.87 7.11
CA GLU D 211 -34.11 -35.50 7.60
C GLU D 211 -33.50 -36.40 6.53
N ASN D 212 -34.37 -37.09 5.80
CA ASN D 212 -33.94 -37.96 4.70
C ASN D 212 -35.10 -38.09 3.72
N ARG D 213 -34.90 -38.84 2.64
CA ARG D 213 -35.93 -38.96 1.61
C ARG D 213 -37.22 -39.61 2.07
N ALA D 214 -37.17 -40.34 3.18
CA ALA D 214 -38.38 -40.91 3.77
C ALA D 214 -39.24 -39.83 4.43
N LEU E 21 -19.28 -21.60 -12.79
CA LEU E 21 -19.50 -20.19 -13.05
C LEU E 21 -20.67 -20.00 -14.03
N VAL E 22 -20.69 -20.78 -15.12
CA VAL E 22 -21.83 -20.77 -16.04
C VAL E 22 -22.19 -22.19 -16.52
N PRO E 23 -23.41 -22.67 -16.18
CA PRO E 23 -23.82 -24.02 -16.57
C PRO E 23 -23.97 -24.17 -18.08
N THR E 24 -23.75 -25.39 -18.56
CA THR E 24 -23.96 -25.72 -19.97
C THR E 24 -25.13 -26.69 -20.05
N VAL E 25 -25.85 -26.70 -21.18
CA VAL E 25 -27.09 -27.44 -21.27
C VAL E 25 -27.24 -28.18 -22.61
N PHE E 36 -23.82 -26.25 -24.95
CA PHE E 36 -23.88 -24.80 -25.10
C PHE E 36 -24.14 -24.18 -23.72
N ASP E 37 -23.59 -22.98 -23.45
CA ASP E 37 -23.77 -22.39 -22.13
C ASP E 37 -25.19 -21.85 -21.98
N ILE E 38 -25.61 -21.59 -20.74
CA ILE E 38 -27.01 -21.25 -20.47
C ILE E 38 -27.47 -19.98 -21.19
N TYR E 39 -26.60 -18.99 -21.30
CA TYR E 39 -26.98 -17.72 -21.91
C TYR E 39 -27.08 -17.81 -23.42
N SER E 40 -26.17 -18.58 -24.02
CA SER E 40 -26.26 -18.89 -25.45
C SER E 40 -27.56 -19.64 -25.72
N ARG E 41 -27.91 -20.52 -24.80
CA ARG E 41 -29.15 -21.29 -24.91
C ARG E 41 -30.41 -20.40 -24.92
N LEU E 42 -30.46 -19.40 -24.04
CA LEU E 42 -31.61 -18.52 -23.97
C LEU E 42 -31.63 -17.56 -25.14
N LEU E 43 -30.45 -17.34 -25.72
CA LEU E 43 -30.28 -16.51 -26.90
C LEU E 43 -31.02 -17.13 -28.11
N LYS E 44 -31.16 -18.45 -28.10
CA LYS E 44 -31.90 -19.14 -29.17
C LYS E 44 -33.38 -18.75 -29.10
N GLU E 45 -33.83 -18.38 -27.91
CA GLU E 45 -35.20 -17.90 -27.71
C GLU E 45 -35.27 -16.39 -27.83
N ARG E 46 -34.20 -15.81 -28.37
CA ARG E 46 -34.07 -14.39 -28.63
C ARG E 46 -34.10 -13.51 -27.35
N ILE E 47 -33.60 -14.05 -26.24
CA ILE E 47 -33.37 -13.28 -25.00
C ILE E 47 -31.94 -12.72 -24.94
N VAL E 48 -31.83 -11.41 -24.77
CA VAL E 48 -30.56 -10.73 -24.61
C VAL E 48 -30.60 -10.06 -23.24
N PHE E 49 -29.56 -10.25 -22.44
CA PHE E 49 -29.48 -9.68 -21.09
C PHE E 49 -28.57 -8.47 -21.00
N LEU E 50 -29.00 -7.48 -20.22
CA LEU E 50 -28.09 -6.44 -19.78
C LEU E 50 -28.07 -6.50 -18.27
N VAL E 51 -26.94 -6.92 -17.69
CA VAL E 51 -26.84 -7.10 -16.24
C VAL E 51 -25.65 -6.33 -15.63
N GLY E 52 -25.93 -5.51 -14.61
CA GLY E 52 -24.87 -4.74 -13.98
C GLY E 52 -24.51 -3.48 -14.75
N PRO E 53 -23.37 -2.86 -14.38
CA PRO E 53 -22.93 -1.61 -15.00
C PRO E 53 -22.84 -1.69 -16.50
N VAL E 54 -23.37 -0.67 -17.16
CA VAL E 54 -23.26 -0.58 -18.61
C VAL E 54 -21.89 -0.02 -18.95
N THR E 55 -21.06 -0.85 -19.58
CA THR E 55 -19.72 -0.45 -20.00
C THR E 55 -19.62 -0.55 -21.51
N ASP E 56 -18.54 -0.02 -22.09
CA ASP E 56 -18.32 -0.16 -23.53
C ASP E 56 -18.42 -1.61 -23.95
N GLU E 57 -17.75 -2.47 -23.20
CA GLU E 57 -17.69 -3.89 -23.51
C GLU E 57 -19.01 -4.59 -23.23
N SER E 58 -19.69 -4.23 -22.13
CA SER E 58 -20.97 -4.87 -21.82
C SER E 58 -22.02 -4.38 -22.81
N ALA E 59 -21.95 -3.11 -23.18
CA ALA E 59 -22.89 -2.55 -24.15
C ALA E 59 -22.70 -3.16 -25.55
N ASN E 60 -21.45 -3.25 -26.00
CA ASN E 60 -21.20 -3.74 -27.37
C ASN E 60 -21.50 -5.23 -27.51
N LEU E 61 -21.37 -5.99 -26.43
CA LEU E 61 -21.78 -7.39 -26.43
C LEU E 61 -23.29 -7.49 -26.66
N VAL E 62 -24.03 -6.53 -26.09
CA VAL E 62 -25.46 -6.46 -26.35
C VAL E 62 -25.71 -6.13 -27.82
N VAL E 63 -24.97 -5.14 -28.32
CA VAL E 63 -25.05 -4.73 -29.71
C VAL E 63 -24.79 -5.95 -30.62
N ALA E 64 -23.77 -6.73 -30.29
CA ALA E 64 -23.47 -7.93 -31.03
C ALA E 64 -24.64 -8.89 -31.04
N GLN E 65 -25.28 -9.07 -29.89
CA GLN E 65 -26.41 -9.99 -29.80
C GLN E 65 -27.63 -9.52 -30.57
N LEU E 66 -27.88 -8.21 -30.54
CA LEU E 66 -28.96 -7.62 -31.33
C LEU E 66 -28.73 -7.83 -32.84
N LEU E 67 -27.53 -7.53 -33.30
CA LEU E 67 -27.21 -7.68 -34.72
C LEU E 67 -27.29 -9.14 -35.16
N PHE E 68 -26.82 -10.05 -34.30
CA PHE E 68 -26.88 -11.48 -34.59
C PHE E 68 -28.29 -12.02 -34.76
N LEU E 69 -29.15 -11.68 -33.82
CA LEU E 69 -30.54 -12.11 -33.84
C LEU E 69 -31.26 -11.57 -35.06
N GLU E 70 -30.92 -10.34 -35.45
CA GLU E 70 -31.48 -9.75 -36.66
C GLU E 70 -31.07 -10.56 -37.88
N SER E 71 -29.79 -10.92 -37.94
CA SER E 71 -29.24 -11.73 -39.01
C SER E 71 -29.90 -13.10 -39.07
N GLU E 72 -30.16 -13.70 -37.91
CA GLU E 72 -30.86 -14.99 -37.83
C GLU E 72 -32.33 -14.92 -38.26
N ASN E 73 -33.02 -13.85 -37.88
CA ASN E 73 -34.39 -13.65 -38.30
C ASN E 73 -34.77 -12.20 -38.09
N PRO E 74 -34.82 -11.44 -39.18
CA PRO E 74 -35.09 -10.01 -39.15
C PRO E 74 -36.54 -9.71 -38.84
N ASP E 75 -37.39 -10.73 -38.70
CA ASP E 75 -38.83 -10.51 -38.55
C ASP E 75 -39.32 -10.74 -37.14
N LYS E 76 -38.57 -11.51 -36.35
CA LYS E 76 -39.04 -11.88 -35.01
C LYS E 76 -38.59 -10.92 -33.92
N ASP E 77 -39.46 -10.75 -32.92
CA ASP E 77 -39.16 -9.89 -31.79
C ASP E 77 -37.89 -10.33 -31.06
N ILE E 78 -37.20 -9.35 -30.49
CA ILE E 78 -36.08 -9.61 -29.58
C ILE E 78 -36.53 -9.20 -28.18
N PHE E 79 -36.15 -10.00 -27.18
CA PHE E 79 -36.52 -9.73 -25.79
C PHE E 79 -35.30 -9.34 -24.94
N PHE E 80 -35.24 -8.06 -24.57
CA PHE E 80 -34.08 -7.45 -23.89
C PHE E 80 -34.36 -7.37 -22.39
N TYR E 81 -33.76 -8.28 -21.61
CA TYR E 81 -33.99 -8.30 -20.16
C TYR E 81 -32.96 -7.39 -19.44
N ILE E 82 -33.46 -6.41 -18.70
CA ILE E 82 -32.59 -5.39 -18.10
C ILE E 82 -32.61 -5.43 -16.58
N ASN E 83 -31.43 -5.67 -15.98
CA ASN E 83 -31.19 -5.49 -14.56
C ASN E 83 -29.89 -4.73 -14.38
N SER E 84 -29.98 -3.42 -14.32
CA SER E 84 -28.79 -2.60 -14.44
C SER E 84 -28.92 -1.27 -13.71
N PRO E 85 -27.82 -0.84 -13.08
CA PRO E 85 -27.78 0.45 -12.37
C PRO E 85 -27.39 1.60 -13.29
N GLY E 86 -27.18 1.30 -14.57
CA GLY E 86 -26.75 2.31 -15.53
C GLY E 86 -25.28 2.23 -15.84
N GLY E 87 -24.72 3.34 -16.31
CA GLY E 87 -23.30 3.37 -16.66
C GLY E 87 -22.94 4.44 -17.68
N SER E 88 -22.02 4.12 -18.59
CA SER E 88 -21.53 5.08 -19.57
C SER E 88 -22.64 5.54 -20.49
N VAL E 89 -22.77 6.85 -20.66
CA VAL E 89 -23.84 7.39 -21.50
C VAL E 89 -23.62 7.01 -22.96
N THR E 90 -22.38 7.16 -23.45
CA THR E 90 -22.10 6.83 -24.84
C THR E 90 -22.27 5.33 -25.09
N ALA E 91 -21.91 4.52 -24.10
CA ALA E 91 -22.05 3.07 -24.25
C ALA E 91 -23.52 2.70 -24.41
N GLY E 92 -24.34 3.33 -23.58
CA GLY E 92 -25.77 3.18 -23.62
C GLY E 92 -26.40 3.60 -24.93
N MET E 93 -25.92 4.70 -25.51
CA MET E 93 -26.44 5.18 -26.80
C MET E 93 -26.19 4.18 -27.93
N SER E 94 -25.07 3.48 -27.86
CA SER E 94 -24.74 2.49 -28.89
C SER E 94 -25.77 1.38 -28.85
N ILE E 95 -26.21 1.02 -27.66
CA ILE E 95 -27.30 0.05 -27.55
C ILE E 95 -28.59 0.64 -28.08
N TYR E 96 -28.90 1.84 -27.59
CA TYR E 96 -30.10 2.56 -27.96
C TYR E 96 -30.28 2.71 -29.47
N ASP E 97 -29.27 3.26 -30.14
CA ASP E 97 -29.33 3.46 -31.58
C ASP E 97 -29.40 2.17 -32.37
N THR E 98 -28.79 1.12 -31.83
CA THR E 98 -28.85 -0.19 -32.47
C THR E 98 -30.25 -0.81 -32.30
N MET E 99 -30.85 -0.63 -31.13
CA MET E 99 -32.24 -1.06 -30.90
C MET E 99 -33.19 -0.46 -31.93
N ASN E 100 -32.98 0.82 -32.25
CA ASN E 100 -33.84 1.55 -33.17
C ASN E 100 -33.49 1.31 -34.63
N PHE E 101 -32.25 0.91 -34.89
CA PHE E 101 -31.72 0.70 -36.24
C PHE E 101 -32.19 -0.63 -36.84
N ILE E 102 -32.18 -1.68 -36.03
CA ILE E 102 -32.52 -3.00 -36.51
C ILE E 102 -34.02 -3.11 -36.74
N LYS E 103 -34.41 -4.01 -37.65
CA LYS E 103 -35.81 -4.27 -37.98
C LYS E 103 -36.64 -4.92 -36.89
N PRO E 104 -36.10 -5.99 -36.25
CA PRO E 104 -36.96 -6.61 -35.24
C PRO E 104 -37.35 -5.61 -34.16
N ASP E 105 -38.59 -5.71 -33.66
CA ASP E 105 -38.99 -4.97 -32.48
C ASP E 105 -38.19 -5.43 -31.28
N VAL E 106 -37.59 -4.50 -30.56
CA VAL E 106 -36.92 -4.85 -29.32
C VAL E 106 -37.85 -4.57 -28.17
N SER E 107 -38.40 -5.62 -27.63
CA SER E 107 -39.22 -5.58 -26.44
C SER E 107 -38.29 -5.57 -25.23
N THR E 108 -38.62 -4.78 -24.21
CA THR E 108 -37.80 -4.72 -23.00
C THR E 108 -38.55 -5.23 -21.78
N LEU E 109 -37.81 -5.86 -20.86
CA LEU E 109 -38.35 -6.33 -19.59
C LEU E 109 -37.42 -5.96 -18.43
N CYS E 110 -37.96 -5.30 -17.41
CA CYS E 110 -37.17 -4.97 -16.23
C CYS E 110 -37.30 -6.03 -15.15
N LEU E 111 -36.18 -6.59 -14.75
CA LEU E 111 -36.15 -7.46 -13.58
C LEU E 111 -35.09 -6.93 -12.64
N GLY E 112 -35.39 -6.98 -11.34
CA GLY E 112 -34.54 -6.38 -10.35
C GLY E 112 -34.67 -4.87 -10.40
N GLN E 113 -33.87 -4.22 -11.25
CA GLN E 113 -33.93 -2.78 -11.38
C GLN E 113 -33.46 -2.27 -12.75
N ALA E 114 -33.95 -1.08 -13.10
CA ALA E 114 -33.42 -0.34 -14.23
C ALA E 114 -33.28 1.11 -13.78
N ALA E 115 -32.05 1.53 -13.57
CA ALA E 115 -31.78 2.87 -13.06
C ALA E 115 -30.93 3.64 -14.05
N SER E 116 -31.16 4.95 -14.12
CA SER E 116 -30.40 5.82 -14.99
C SER E 116 -30.39 5.31 -16.45
N MET E 117 -29.21 5.10 -17.05
CA MET E 117 -29.11 4.66 -18.44
C MET E 117 -29.85 3.34 -18.62
N GLY E 118 -29.92 2.56 -17.54
CA GLY E 118 -30.73 1.34 -17.52
C GLY E 118 -32.19 1.64 -17.76
N ALA E 119 -32.71 2.66 -17.07
CA ALA E 119 -34.10 3.06 -17.23
C ALA E 119 -34.31 3.66 -18.62
N PHE E 120 -33.34 4.42 -19.09
CA PHE E 120 -33.40 4.97 -20.44
C PHE E 120 -33.60 3.86 -21.44
N LEU E 121 -32.77 2.83 -21.37
CA LEU E 121 -32.86 1.73 -22.30
C LEU E 121 -34.18 0.99 -22.18
N LEU E 122 -34.64 0.79 -20.95
CA LEU E 122 -35.92 0.15 -20.70
C LEU E 122 -37.05 0.89 -21.41
N SER E 123 -37.02 2.21 -21.29
CA SER E 123 -38.06 3.07 -21.86
C SER E 123 -37.96 3.17 -23.38
N ALA E 124 -36.85 2.68 -23.92
CA ALA E 124 -36.58 2.75 -25.35
C ALA E 124 -37.11 1.54 -26.13
N GLY E 125 -37.64 0.56 -25.40
CA GLY E 125 -38.21 -0.61 -26.03
C GLY E 125 -39.37 -0.22 -26.92
N GLU E 126 -39.68 -1.07 -27.91
CA GLU E 126 -40.78 -0.82 -28.83
C GLU E 126 -42.04 -0.58 -28.01
N LYS E 127 -42.67 0.57 -28.23
CA LYS E 127 -43.88 0.95 -27.50
C LYS E 127 -44.97 -0.09 -27.60
N GLY E 128 -45.52 -0.47 -26.45
CA GLY E 128 -46.49 -1.55 -26.37
C GLY E 128 -45.85 -2.83 -25.87
N LYS E 129 -44.53 -2.92 -25.97
CA LYS E 129 -43.79 -4.12 -25.57
C LYS E 129 -42.70 -3.83 -24.53
N ARG E 130 -42.92 -2.80 -23.70
CA ARG E 130 -42.02 -2.46 -22.61
C ARG E 130 -42.64 -2.93 -21.28
N PHE E 131 -41.95 -3.84 -20.60
CA PHE E 131 -42.46 -4.49 -19.40
C PHE E 131 -41.56 -4.40 -18.18
N ALA E 132 -42.15 -4.66 -17.04
CA ALA E 132 -41.43 -4.83 -15.79
C ALA E 132 -42.10 -5.91 -14.92
N LEU E 133 -41.29 -6.61 -14.14
CA LEU E 133 -41.84 -7.53 -13.16
C LEU E 133 -42.34 -6.71 -11.95
N PRO E 134 -43.27 -7.27 -11.15
CA PRO E 134 -44.01 -6.47 -10.16
C PRO E 134 -43.14 -5.75 -9.13
N ASN E 135 -42.04 -6.36 -8.71
CA ASN E 135 -41.23 -5.78 -7.65
C ASN E 135 -39.97 -5.11 -8.16
N SER E 136 -39.98 -4.74 -9.43
CA SER E 136 -38.90 -3.96 -10.05
C SER E 136 -38.79 -2.52 -9.54
N ARG E 137 -37.56 -2.02 -9.50
CA ARG E 137 -37.32 -0.63 -9.16
C ARG E 137 -36.79 0.14 -10.37
N ILE E 138 -37.45 1.25 -10.70
CA ILE E 138 -36.99 2.12 -11.77
C ILE E 138 -36.49 3.40 -11.10
N MET E 139 -35.41 3.98 -11.65
CA MET E 139 -34.90 5.26 -11.15
C MET E 139 -34.37 6.06 -12.32
N ILE E 140 -34.74 7.34 -12.33
CA ILE E 140 -34.24 8.26 -13.35
C ILE E 140 -33.61 9.50 -12.72
N HIS E 141 -32.64 10.11 -13.39
CA HIS E 141 -32.00 11.33 -12.89
C HIS E 141 -31.17 12.00 -13.97
N GLN E 142 -30.64 13.18 -13.67
CA GLN E 142 -29.79 13.90 -14.61
C GLN E 142 -28.40 13.28 -14.61
N PRO E 143 -27.55 13.64 -15.59
CA PRO E 143 -26.21 13.06 -15.60
C PRO E 143 -25.44 13.32 -14.31
N LEU E 144 -24.51 12.41 -14.00
CA LEU E 144 -23.65 12.49 -12.83
C LEU E 144 -22.25 12.33 -13.32
N ILE E 145 -21.32 13.16 -12.86
CA ILE E 145 -20.00 12.99 -13.37
C ILE E 145 -19.15 12.15 -12.44
N SER E 146 -18.60 11.11 -13.05
CA SER E 146 -17.60 10.25 -12.45
C SER E 146 -16.35 11.03 -12.19
N GLY E 147 -15.73 10.78 -11.04
CA GLY E 147 -14.49 11.44 -10.75
C GLY E 147 -14.66 12.95 -10.77
N GLY E 148 -13.87 13.55 -11.66
CA GLY E 148 -13.80 15.00 -11.77
C GLY E 148 -13.48 15.64 -13.11
N LEU E 149 -13.57 16.97 -13.07
CA LEU E 149 -13.12 17.82 -14.16
C LEU E 149 -11.68 18.34 -14.02
N GLY E 150 -10.73 17.90 -14.85
CA GLY E 150 -9.36 18.37 -14.67
C GLY E 150 -8.76 18.98 -15.94
N GLY E 151 -8.37 20.25 -15.80
CA GLY E 151 -7.76 21.02 -16.88
C GLY E 151 -7.86 22.53 -16.73
N GLN E 152 -7.65 23.22 -17.86
CA GLN E 152 -7.80 24.66 -17.91
C GLN E 152 -9.27 25.06 -17.89
N ALA E 153 -9.51 26.28 -17.48
CA ALA E 153 -10.84 26.85 -17.46
C ALA E 153 -11.50 26.75 -18.83
N SER E 154 -10.73 27.01 -19.89
CA SER E 154 -11.21 26.84 -21.26
C SER E 154 -11.73 25.41 -21.50
N ASP E 155 -10.94 24.44 -21.06
CA ASP E 155 -11.27 23.02 -21.25
C ASP E 155 -12.47 22.65 -20.40
N ILE E 156 -12.51 23.24 -19.23
CA ILE E 156 -13.62 23.06 -18.31
C ILE E 156 -14.93 23.63 -18.85
N GLU E 157 -14.84 24.75 -19.53
CA GLU E 157 -16.00 25.35 -20.17
C GLU E 157 -16.56 24.44 -21.26
N ILE E 158 -15.67 23.94 -22.10
CA ILE E 158 -16.07 23.08 -23.21
C ILE E 158 -16.79 21.84 -22.69
N HIS E 159 -16.26 21.21 -21.66
CA HIS E 159 -16.87 19.98 -21.16
C HIS E 159 -18.17 20.23 -20.40
N ALA E 160 -18.30 21.37 -19.73
CA ALA E 160 -19.57 21.71 -19.07
C ALA E 160 -20.68 21.97 -20.10
N ARG E 161 -20.33 22.67 -21.19
CA ARG E 161 -21.28 22.94 -22.28
C ARG E 161 -21.72 21.59 -22.88
N GLU E 162 -20.78 20.67 -23.02
CA GLU E 162 -21.08 19.34 -23.56
C GLU E 162 -21.97 18.53 -22.61
N LEU E 163 -21.66 18.58 -21.31
CA LEU E 163 -22.47 17.85 -20.33
C LEU E 163 -23.89 18.39 -20.29
N LEU E 164 -24.04 19.70 -20.49
CA LEU E 164 -25.37 20.29 -20.53
C LEU E 164 -26.14 19.84 -21.79
N LYS E 165 -25.44 19.68 -22.92
CA LYS E 165 -26.10 19.20 -24.14
C LYS E 165 -26.64 17.79 -23.93
N ILE E 166 -25.81 16.95 -23.32
CA ILE E 166 -26.19 15.57 -23.00
C ILE E 166 -27.40 15.56 -22.08
N LYS E 167 -27.37 16.43 -21.07
CA LYS E 167 -28.48 16.52 -20.14
C LYS E 167 -29.80 16.87 -20.85
N GLU E 168 -29.79 17.86 -21.72
CA GLU E 168 -31.01 18.21 -22.46
C GLU E 168 -31.41 17.12 -23.44
N LYS E 169 -30.42 16.59 -24.17
CA LYS E 169 -30.64 15.51 -25.13
C LYS E 169 -31.35 14.31 -24.49
N LEU E 170 -30.85 13.89 -23.34
CA LEU E 170 -31.45 12.76 -22.61
C LEU E 170 -32.86 13.06 -22.13
N ASN E 171 -33.10 14.30 -21.71
CA ASN E 171 -34.43 14.69 -21.26
C ASN E 171 -35.44 14.73 -22.39
N ARG E 172 -35.00 15.22 -23.54
CA ARG E 172 -35.88 15.29 -24.71
C ARG E 172 -36.28 13.88 -25.17
N LEU E 173 -35.29 13.00 -25.27
CA LEU E 173 -35.54 11.63 -25.73
C LEU E 173 -36.39 10.89 -24.73
N MET E 174 -36.13 11.13 -23.44
CA MET E 174 -36.89 10.47 -22.41
C MET E 174 -38.35 10.92 -22.40
N ALA E 175 -38.59 12.21 -22.62
CA ALA E 175 -39.97 12.71 -22.66
C ALA E 175 -40.71 12.09 -23.83
N LYS E 176 -40.01 11.96 -24.95
CA LYS E 176 -40.58 11.31 -26.13
C LYS E 176 -40.92 9.86 -25.87
N HIS E 177 -40.00 9.12 -25.25
CA HIS E 177 -40.26 7.72 -24.89
C HIS E 177 -41.49 7.61 -24.02
N CYS E 178 -41.63 8.56 -23.09
CA CYS E 178 -42.69 8.50 -22.08
C CYS E 178 -43.96 9.22 -22.54
N ASP E 179 -43.88 9.83 -23.72
CA ASP E 179 -44.98 10.65 -24.24
C ASP E 179 -45.37 11.69 -23.19
N ARG E 180 -44.39 12.47 -22.76
CA ARG E 180 -44.58 13.46 -21.69
C ARG E 180 -43.99 14.79 -22.16
N ASP E 181 -44.33 15.86 -21.46
CA ASP E 181 -43.75 17.14 -21.84
C ASP E 181 -42.30 17.23 -21.38
N LEU E 182 -41.47 17.88 -22.20
CA LEU E 182 -40.05 18.08 -21.90
C LEU E 182 -39.84 18.67 -20.50
N ALA E 183 -40.67 19.63 -20.12
CA ALA E 183 -40.58 20.27 -18.83
C ALA E 183 -40.79 19.29 -17.68
N ASP E 184 -41.62 18.28 -17.90
CA ASP E 184 -41.89 17.29 -16.84
C ASP E 184 -40.63 16.46 -16.52
N LEU E 185 -39.94 16.00 -17.55
CA LEU E 185 -38.72 15.22 -17.37
C LEU E 185 -37.61 16.07 -16.72
N GLU E 186 -37.53 17.34 -17.10
CA GLU E 186 -36.55 18.27 -16.52
C GLU E 186 -36.77 18.41 -15.02
N ARG E 187 -38.03 18.54 -14.65
CA ARG E 187 -38.43 18.60 -13.26
C ARG E 187 -38.15 17.31 -12.54
N ASP E 188 -38.51 16.20 -13.17
CA ASP E 188 -38.55 14.91 -12.48
C ASP E 188 -37.22 14.18 -12.43
N THR E 189 -36.21 14.75 -13.07
CA THR E 189 -34.89 14.15 -13.09
C THR E 189 -33.82 15.00 -12.40
N ASP E 190 -34.24 16.08 -11.73
CA ASP E 190 -33.28 16.98 -11.08
C ASP E 190 -32.47 16.29 -10.00
N ARG E 191 -33.15 15.45 -9.22
CA ARG E 191 -32.51 14.55 -8.27
C ARG E 191 -33.05 13.15 -8.51
N ASP E 192 -32.41 12.15 -7.90
CA ASP E 192 -32.82 10.76 -7.99
C ASP E 192 -34.33 10.58 -7.80
N ASN E 193 -34.97 9.90 -8.76
CA ASN E 193 -36.41 9.68 -8.73
C ASN E 193 -36.74 8.19 -8.81
N PHE E 194 -37.09 7.60 -7.68
CA PHE E 194 -37.44 6.18 -7.63
C PHE E 194 -38.90 5.94 -7.98
N MET E 195 -39.13 4.92 -8.81
CA MET E 195 -40.49 4.56 -9.18
C MET E 195 -40.71 3.05 -9.02
N SER E 196 -41.85 2.69 -8.46
CA SER E 196 -42.32 1.31 -8.47
C SER E 196 -42.73 0.95 -9.89
N ALA E 197 -43.09 -0.31 -10.12
CA ALA E 197 -43.56 -0.72 -11.46
C ALA E 197 -44.80 0.06 -11.88
N GLU E 198 -45.77 0.21 -10.97
CA GLU E 198 -47.01 0.94 -11.27
C GLU E 198 -46.75 2.40 -11.58
N GLU E 199 -45.86 3.02 -10.82
CA GLU E 199 -45.52 4.41 -11.04
C GLU E 199 -44.83 4.57 -12.37
N ALA E 200 -43.96 3.63 -12.71
CA ALA E 200 -43.27 3.70 -13.98
C ALA E 200 -44.28 3.52 -15.12
N LYS E 201 -45.26 2.64 -14.89
CA LYS E 201 -46.33 2.43 -15.85
C LYS E 201 -47.15 3.70 -16.03
N GLU E 202 -47.58 4.24 -14.90
CA GLU E 202 -48.35 5.48 -14.90
C GLU E 202 -47.52 6.58 -15.54
N TYR E 203 -46.22 6.56 -15.30
CA TYR E 203 -45.35 7.61 -15.82
C TYR E 203 -45.19 7.53 -17.34
N GLY E 204 -45.40 6.35 -17.90
CA GLY E 204 -45.25 6.17 -19.33
C GLY E 204 -43.92 5.57 -19.72
N LEU E 205 -43.19 5.08 -18.73
CA LEU E 205 -41.84 4.54 -18.96
C LEU E 205 -41.93 3.10 -19.47
N ILE E 206 -42.91 2.38 -18.94
CA ILE E 206 -43.22 1.03 -19.39
C ILE E 206 -44.70 0.96 -19.80
N ASP E 207 -45.08 -0.15 -20.42
CA ASP E 207 -46.45 -0.33 -20.87
C ASP E 207 -47.26 -1.24 -19.96
N GLN E 208 -46.66 -2.35 -19.53
CA GLN E 208 -47.37 -3.33 -18.71
C GLN E 208 -46.49 -3.95 -17.64
N ILE E 209 -47.11 -4.36 -16.54
CA ILE E 209 -46.48 -5.16 -15.50
C ILE E 209 -46.89 -6.61 -15.67
N LEU E 210 -45.91 -7.52 -15.71
CA LEU E 210 -46.16 -8.94 -15.87
C LEU E 210 -46.10 -9.66 -14.53
N GLU E 211 -47.22 -10.24 -14.13
CA GLU E 211 -47.27 -10.97 -12.89
C GLU E 211 -47.05 -12.48 -13.02
N ASN E 212 -47.66 -13.08 -14.04
CA ASN E 212 -47.65 -14.54 -14.28
C ASN E 212 -47.71 -14.84 -15.76
N ARG E 213 -47.02 -15.89 -16.19
CA ARG E 213 -46.96 -16.19 -17.62
C ARG E 213 -48.34 -16.56 -18.18
N ALA E 214 -49.18 -17.17 -17.35
CA ALA E 214 -50.53 -17.53 -17.79
C ALA E 214 -51.45 -16.31 -17.83
N VAL F 22 -18.78 -14.48 -23.43
CA VAL F 22 -19.15 -14.30 -24.83
C VAL F 22 -19.92 -15.52 -25.37
N PRO F 23 -21.21 -15.31 -25.73
CA PRO F 23 -22.12 -16.38 -26.16
C PRO F 23 -21.70 -17.11 -27.45
N THR F 24 -22.13 -18.36 -27.58
CA THR F 24 -21.87 -19.19 -28.76
C THR F 24 -23.14 -19.31 -29.61
N VAL F 25 -22.98 -19.36 -30.92
CA VAL F 25 -24.12 -19.53 -31.82
C VAL F 25 -23.90 -20.68 -32.79
N PHE F 36 -19.51 -21.36 -33.12
CA PHE F 36 -18.82 -20.07 -33.20
C PHE F 36 -19.33 -19.06 -32.15
N ASP F 37 -18.40 -18.32 -31.55
CA ASP F 37 -18.75 -17.21 -30.66
C ASP F 37 -19.39 -16.07 -31.46
N ILE F 38 -20.04 -15.15 -30.75
CA ILE F 38 -20.85 -14.12 -31.40
C ILE F 38 -20.01 -13.19 -32.29
N TYR F 39 -18.81 -12.84 -31.87
CA TYR F 39 -18.00 -11.92 -32.64
C TYR F 39 -17.39 -12.62 -33.87
N SER F 40 -17.02 -13.89 -33.71
CA SER F 40 -16.61 -14.70 -34.86
C SER F 40 -17.74 -14.86 -35.88
N ARG F 41 -18.94 -15.00 -35.35
CA ARG F 41 -20.14 -15.10 -36.17
C ARG F 41 -20.41 -13.82 -36.96
N LEU F 42 -20.26 -12.66 -36.31
CA LEU F 42 -20.50 -11.40 -36.99
C LEU F 42 -19.35 -11.15 -37.97
N LEU F 43 -18.20 -11.73 -37.67
CA LEU F 43 -17.04 -11.64 -38.55
C LEU F 43 -17.34 -12.32 -39.90
N LYS F 44 -18.22 -13.32 -39.90
CA LYS F 44 -18.65 -13.96 -41.14
C LYS F 44 -19.42 -13.00 -42.06
N GLU F 45 -20.05 -12.00 -41.48
CA GLU F 45 -20.77 -10.99 -42.24
C GLU F 45 -19.82 -9.83 -42.52
N ARG F 46 -18.53 -10.05 -42.31
CA ARG F 46 -17.50 -9.04 -42.54
C ARG F 46 -17.69 -7.82 -41.62
N ILE F 47 -18.21 -8.06 -40.41
CA ILE F 47 -18.22 -7.04 -39.35
C ILE F 47 -16.98 -7.15 -38.48
N VAL F 48 -16.27 -6.03 -38.35
CA VAL F 48 -15.11 -5.90 -37.47
C VAL F 48 -15.36 -4.79 -36.47
N PHE F 49 -15.14 -5.06 -35.18
CA PHE F 49 -15.38 -4.09 -34.11
C PHE F 49 -14.09 -3.48 -33.58
N LEU F 50 -14.13 -2.16 -33.34
CA LEU F 50 -13.13 -1.50 -32.52
C LEU F 50 -13.85 -0.91 -31.33
N VAL F 51 -13.60 -1.48 -30.14
CA VAL F 51 -14.32 -1.06 -28.94
C VAL F 51 -13.38 -0.69 -27.79
N GLY F 52 -13.57 0.49 -27.23
CA GLY F 52 -12.75 0.91 -26.11
C GLY F 52 -11.40 1.42 -26.55
N PRO F 53 -10.48 1.59 -25.60
CA PRO F 53 -9.15 2.15 -25.84
C PRO F 53 -8.38 1.45 -26.94
N VAL F 54 -7.75 2.23 -27.82
CA VAL F 54 -6.89 1.67 -28.83
C VAL F 54 -5.51 1.37 -28.27
N THR F 55 -5.18 0.09 -28.19
CA THR F 55 -3.86 -0.36 -27.75
C THR F 55 -3.19 -1.12 -28.89
N ASP F 56 -1.91 -1.43 -28.75
CA ASP F 56 -1.21 -2.27 -29.73
C ASP F 56 -1.99 -3.55 -29.97
N GLU F 57 -2.48 -4.15 -28.89
CA GLU F 57 -3.21 -5.41 -28.97
C GLU F 57 -4.61 -5.29 -29.57
N SER F 58 -5.36 -4.27 -29.19
CA SER F 58 -6.71 -4.16 -29.70
C SER F 58 -6.64 -3.79 -31.18
N ALA F 59 -5.67 -2.96 -31.51
CA ALA F 59 -5.45 -2.54 -32.90
C ALA F 59 -5.00 -3.69 -33.81
N ASN F 60 -4.04 -4.49 -33.36
CA ASN F 60 -3.52 -5.54 -34.21
C ASN F 60 -4.55 -6.64 -34.45
N LEU F 61 -5.45 -6.83 -33.48
CA LEU F 61 -6.54 -7.76 -33.65
C LEU F 61 -7.45 -7.29 -34.79
N VAL F 62 -7.64 -5.98 -34.87
CA VAL F 62 -8.42 -5.37 -35.95
C VAL F 62 -7.67 -5.59 -37.26
N VAL F 63 -6.36 -5.35 -37.24
CA VAL F 63 -5.50 -5.57 -38.42
C VAL F 63 -5.62 -7.01 -38.91
N ALA F 64 -5.57 -7.96 -37.97
CA ALA F 64 -5.68 -9.37 -38.31
C ALA F 64 -7.03 -9.69 -38.96
N GLN F 65 -8.10 -9.10 -38.44
CA GLN F 65 -9.41 -9.35 -39.00
C GLN F 65 -9.56 -8.76 -40.39
N LEU F 66 -8.99 -7.58 -40.62
CA LEU F 66 -9.00 -6.95 -41.93
C LEU F 66 -8.23 -7.80 -42.94
N LEU F 67 -7.06 -8.28 -42.55
CA LEU F 67 -6.24 -9.12 -43.40
C LEU F 67 -6.97 -10.43 -43.69
N PHE F 68 -7.63 -10.96 -42.67
CA PHE F 68 -8.40 -12.19 -42.85
C PHE F 68 -9.54 -12.02 -43.84
N LEU F 69 -10.33 -10.96 -43.68
CA LEU F 69 -11.47 -10.75 -44.54
C LEU F 69 -11.03 -10.52 -45.99
N GLU F 70 -9.95 -9.76 -46.19
CA GLU F 70 -9.38 -9.57 -47.52
C GLU F 70 -8.98 -10.91 -48.13
N SER F 71 -8.34 -11.75 -47.33
CA SER F 71 -7.90 -13.07 -47.77
C SER F 71 -9.08 -13.92 -48.23
N GLU F 72 -10.16 -13.83 -47.47
CA GLU F 72 -11.41 -14.54 -47.74
C GLU F 72 -12.09 -14.07 -49.02
N ASN F 73 -12.09 -12.77 -49.23
CA ASN F 73 -12.68 -12.19 -50.42
C ASN F 73 -12.13 -10.78 -50.58
N PRO F 74 -11.20 -10.59 -51.53
CA PRO F 74 -10.53 -9.29 -51.66
C PRO F 74 -11.40 -8.19 -52.25
N ASP F 75 -12.60 -8.54 -52.73
CA ASP F 75 -13.44 -7.58 -53.44
C ASP F 75 -14.65 -7.06 -52.65
N LYS F 76 -15.07 -7.76 -51.60
CA LYS F 76 -16.26 -7.32 -50.88
C LYS F 76 -15.94 -6.32 -49.76
N ASP F 77 -16.84 -5.36 -49.58
CA ASP F 77 -16.69 -4.33 -48.56
C ASP F 77 -16.56 -4.91 -47.17
N ILE F 78 -15.80 -4.22 -46.32
CA ILE F 78 -15.71 -4.57 -44.92
C ILE F 78 -16.39 -3.48 -44.11
N PHE F 79 -17.11 -3.89 -43.06
CA PHE F 79 -17.83 -2.96 -42.22
C PHE F 79 -17.18 -2.84 -40.83
N PHE F 80 -16.54 -1.70 -40.61
CA PHE F 80 -15.72 -1.42 -39.44
C PHE F 80 -16.51 -0.60 -38.44
N TYR F 81 -16.99 -1.26 -37.39
CA TYR F 81 -17.79 -0.61 -36.34
C TYR F 81 -16.89 -0.07 -35.23
N ILE F 82 -17.02 1.21 -34.93
CA ILE F 82 -16.15 1.90 -33.98
C ILE F 82 -16.90 2.49 -32.78
N ASN F 83 -16.55 2.05 -31.57
CA ASN F 83 -16.99 2.72 -30.34
C ASN F 83 -15.79 2.89 -29.39
N SER F 84 -15.07 4.00 -29.53
CA SER F 84 -13.76 4.15 -28.92
C SER F 84 -13.44 5.58 -28.59
N PRO F 85 -12.75 5.81 -27.45
CA PRO F 85 -12.32 7.17 -27.06
C PRO F 85 -10.95 7.50 -27.63
N GLY F 86 -10.40 6.58 -28.38
CA GLY F 86 -9.07 6.74 -28.96
C GLY F 86 -8.03 5.97 -28.17
N GLY F 87 -6.78 6.40 -28.25
CA GLY F 87 -5.72 5.67 -27.60
C GLY F 87 -4.40 5.90 -28.30
N SER F 88 -3.60 4.84 -28.41
CA SER F 88 -2.27 4.94 -28.98
C SER F 88 -2.26 5.40 -30.44
N VAL F 89 -1.46 6.42 -30.71
CA VAL F 89 -1.34 6.98 -32.06
C VAL F 89 -0.72 5.99 -33.02
N THR F 90 0.36 5.36 -32.61
CA THR F 90 1.04 4.43 -33.50
C THR F 90 0.15 3.21 -33.75
N ALA F 91 -0.56 2.79 -32.70
CA ALA F 91 -1.50 1.68 -32.79
C ALA F 91 -2.66 1.99 -33.74
N GLY F 92 -3.18 3.20 -33.64
CA GLY F 92 -4.21 3.70 -34.54
C GLY F 92 -3.74 3.76 -36.01
N MET F 93 -2.51 4.20 -36.22
CA MET F 93 -1.93 4.26 -37.57
C MET F 93 -1.79 2.90 -38.22
N SER F 94 -1.52 1.86 -37.43
CA SER F 94 -1.39 0.52 -37.98
C SER F 94 -2.74 0.11 -38.55
N ILE F 95 -3.82 0.48 -37.86
CA ILE F 95 -5.14 0.19 -38.40
C ILE F 95 -5.37 1.02 -39.66
N TYR F 96 -5.09 2.31 -39.57
CA TYR F 96 -5.24 3.25 -40.69
C TYR F 96 -4.53 2.79 -41.97
N ASP F 97 -3.24 2.47 -41.85
CA ASP F 97 -2.46 2.05 -43.00
C ASP F 97 -2.96 0.73 -43.57
N THR F 98 -3.49 -0.13 -42.71
CA THR F 98 -4.05 -1.40 -43.14
C THR F 98 -5.35 -1.18 -43.90
N MET F 99 -6.18 -0.27 -43.39
CA MET F 99 -7.45 0.09 -44.05
C MET F 99 -7.17 0.54 -45.49
N ASN F 100 -6.09 1.31 -45.67
CA ASN F 100 -5.74 1.81 -46.99
C ASN F 100 -4.98 0.80 -47.84
N PHE F 101 -4.28 -0.13 -47.19
CA PHE F 101 -3.45 -1.11 -47.88
C PHE F 101 -4.26 -2.22 -48.55
N ILE F 102 -5.25 -2.74 -47.82
CA ILE F 102 -6.03 -3.86 -48.33
C ILE F 102 -6.92 -3.41 -49.47
N LYS F 103 -7.23 -4.36 -50.33
CA LYS F 103 -8.05 -4.13 -51.52
C LYS F 103 -9.49 -3.75 -51.18
N PRO F 104 -10.16 -4.50 -50.27
CA PRO F 104 -11.56 -4.13 -50.01
C PRO F 104 -11.74 -2.72 -49.46
N ASP F 105 -12.85 -2.08 -49.81
CA ASP F 105 -13.28 -0.85 -49.18
C ASP F 105 -13.60 -1.11 -47.72
N VAL F 106 -13.06 -0.28 -46.83
CA VAL F 106 -13.49 -0.35 -45.44
C VAL F 106 -14.50 0.75 -45.15
N SER F 107 -15.76 0.35 -44.99
CA SER F 107 -16.82 1.23 -44.56
C SER F 107 -16.75 1.32 -43.04
N THR F 108 -16.97 2.52 -42.49
CA THR F 108 -16.93 2.72 -41.05
C THR F 108 -18.29 3.15 -40.51
N LEU F 109 -18.61 2.69 -39.30
CA LEU F 109 -19.82 3.11 -38.60
C LEU F 109 -19.50 3.46 -37.15
N CYS F 110 -19.88 4.66 -36.72
CA CYS F 110 -19.74 5.05 -35.32
C CYS F 110 -20.98 4.76 -34.51
N LEU F 111 -20.82 4.01 -33.41
CA LEU F 111 -21.88 3.89 -32.43
C LEU F 111 -21.31 4.22 -31.05
N GLY F 112 -22.11 4.93 -30.25
CA GLY F 112 -21.66 5.43 -28.97
C GLY F 112 -20.75 6.61 -29.23
N GLN F 113 -19.47 6.33 -29.43
CA GLN F 113 -18.58 7.45 -29.71
C GLN F 113 -17.41 7.09 -30.57
N ALA F 114 -16.86 8.12 -31.21
CA ALA F 114 -15.57 8.04 -31.85
C ALA F 114 -14.81 9.32 -31.48
N ALA F 115 -13.85 9.21 -30.56
CA ALA F 115 -13.10 10.37 -30.11
C ALA F 115 -11.63 10.17 -30.41
N SER F 116 -10.95 11.28 -30.72
CA SER F 116 -9.51 11.29 -31.03
C SER F 116 -9.18 10.28 -32.13
N MET F 117 -8.32 9.32 -31.82
CA MET F 117 -7.97 8.33 -32.82
C MET F 117 -9.19 7.56 -33.33
N GLY F 118 -10.20 7.44 -32.47
CA GLY F 118 -11.46 6.83 -32.88
C GLY F 118 -12.10 7.60 -34.02
N ALA F 119 -12.10 8.92 -33.91
CA ALA F 119 -12.64 9.82 -34.95
C ALA F 119 -11.76 9.81 -36.18
N PHE F 120 -10.46 9.74 -35.96
CA PHE F 120 -9.52 9.67 -37.07
C PHE F 120 -9.83 8.46 -37.94
N LEU F 121 -9.98 7.30 -37.30
CA LEU F 121 -10.28 6.06 -38.04
C LEU F 121 -11.67 6.08 -38.68
N LEU F 122 -12.66 6.61 -37.95
CA LEU F 122 -14.02 6.75 -38.46
C LEU F 122 -14.03 7.52 -39.79
N SER F 123 -13.24 8.60 -39.83
CA SER F 123 -13.13 9.47 -41.01
C SER F 123 -12.23 8.89 -42.11
N ALA F 124 -11.50 7.83 -41.76
CA ALA F 124 -10.55 7.24 -42.68
C ALA F 124 -11.20 6.19 -43.56
N GLY F 125 -12.45 5.87 -43.26
CA GLY F 125 -13.23 4.92 -44.02
C GLY F 125 -13.39 5.39 -45.45
N GLU F 126 -13.65 4.44 -46.36
CA GLU F 126 -13.83 4.74 -47.78
C GLU F 126 -14.85 5.85 -47.95
N LYS F 127 -14.47 6.93 -48.63
CA LYS F 127 -15.38 8.06 -48.80
C LYS F 127 -16.68 7.66 -49.46
N GLY F 128 -17.77 8.08 -48.83
CA GLY F 128 -19.11 7.70 -49.25
C GLY F 128 -19.65 6.63 -48.32
N LYS F 129 -18.76 5.94 -47.63
CA LYS F 129 -19.14 4.81 -46.79
C LYS F 129 -18.78 5.03 -45.31
N ARG F 130 -18.76 6.29 -44.89
CA ARG F 130 -18.53 6.63 -43.49
C ARG F 130 -19.85 7.02 -42.86
N PHE F 131 -20.28 6.25 -41.85
CA PHE F 131 -21.59 6.46 -41.26
C PHE F 131 -21.53 6.62 -39.75
N ALA F 132 -22.59 7.18 -39.17
CA ALA F 132 -22.77 7.20 -37.72
C ALA F 132 -24.24 6.99 -37.43
N LEU F 133 -24.52 6.36 -36.30
CA LEU F 133 -25.87 6.23 -35.78
C LEU F 133 -26.26 7.58 -35.18
N PRO F 134 -27.58 7.86 -35.04
CA PRO F 134 -28.06 9.22 -34.77
C PRO F 134 -27.54 9.90 -33.50
N ASN F 135 -27.36 9.13 -32.43
CA ASN F 135 -26.94 9.73 -31.17
C ASN F 135 -25.48 9.45 -30.88
N SER F 136 -24.74 9.10 -31.92
CA SER F 136 -23.30 8.90 -31.81
C SER F 136 -22.64 10.24 -31.45
N ARG F 137 -21.55 10.16 -30.68
CA ARG F 137 -20.75 11.33 -30.35
C ARG F 137 -19.36 11.27 -31.00
N ILE F 138 -18.98 12.33 -31.69
CA ILE F 138 -17.65 12.41 -32.26
C ILE F 138 -16.85 13.50 -31.55
N MET F 139 -15.56 13.28 -31.34
CA MET F 139 -14.75 14.34 -30.73
C MET F 139 -13.34 14.31 -31.31
N ILE F 140 -12.85 15.49 -31.66
CA ILE F 140 -11.50 15.62 -32.16
C ILE F 140 -10.73 16.66 -31.35
N HIS F 141 -9.42 16.49 -31.31
CA HIS F 141 -8.50 17.33 -30.58
C HIS F 141 -7.08 17.11 -30.98
N GLN F 142 -6.20 17.95 -30.49
CA GLN F 142 -4.80 17.79 -30.77
C GLN F 142 -4.24 16.68 -29.86
N PRO F 143 -3.05 16.16 -30.19
CA PRO F 143 -2.47 15.11 -29.34
C PRO F 143 -2.24 15.61 -27.91
N LEU F 144 -2.34 14.70 -26.96
CA LEU F 144 -2.09 15.00 -25.57
C LEU F 144 -1.21 13.90 -24.99
N ILE F 145 -0.20 14.27 -24.21
CA ILE F 145 0.62 13.25 -23.58
C ILE F 145 0.11 13.09 -22.18
N SER F 146 -0.24 11.86 -21.84
CA SER F 146 -0.56 11.52 -20.46
C SER F 146 0.75 11.06 -19.86
N GLY F 147 0.95 11.34 -18.58
CA GLY F 147 2.23 11.09 -17.96
C GLY F 147 3.14 12.22 -18.37
N GLY F 148 4.38 11.94 -18.73
CA GLY F 148 5.30 13.02 -19.02
C GLY F 148 6.47 12.80 -19.97
N LEU F 149 7.15 13.90 -20.27
CA LEU F 149 8.46 13.89 -20.91
C LEU F 149 9.57 14.03 -19.88
N GLY F 150 10.38 12.99 -19.74
CA GLY F 150 11.45 13.00 -18.76
C GLY F 150 12.77 12.60 -19.35
N GLY F 151 13.76 13.47 -19.17
CA GLY F 151 15.11 13.22 -19.63
C GLY F 151 15.87 14.52 -19.72
N GLN F 152 16.97 14.51 -20.48
CA GLN F 152 17.76 15.70 -20.68
C GLN F 152 17.04 16.65 -21.61
N ALA F 153 17.39 17.93 -21.53
CA ALA F 153 16.81 18.93 -22.41
C ALA F 153 16.96 18.54 -23.89
N SER F 154 18.12 17.99 -24.23
CA SER F 154 18.37 17.53 -25.61
C SER F 154 17.34 16.50 -26.03
N ASP F 155 17.03 15.58 -25.11
CA ASP F 155 16.06 14.52 -25.40
C ASP F 155 14.65 15.05 -25.46
N ILE F 156 14.36 16.00 -24.59
CA ILE F 156 13.04 16.60 -24.56
C ILE F 156 12.81 17.40 -25.85
N GLU F 157 13.86 18.06 -26.33
CA GLU F 157 13.77 18.81 -27.57
C GLU F 157 13.43 17.87 -28.74
N ILE F 158 14.14 16.75 -28.81
CA ILE F 158 13.93 15.76 -29.86
C ILE F 158 12.48 15.25 -29.84
N HIS F 159 11.95 14.95 -28.65
CA HIS F 159 10.58 14.43 -28.54
C HIS F 159 9.51 15.50 -28.73
N ALA F 160 9.83 16.75 -28.38
CA ALA F 160 8.89 17.85 -28.62
C ALA F 160 8.76 18.09 -30.13
N ARG F 161 9.89 18.04 -30.85
CA ARG F 161 9.85 18.20 -32.28
C ARG F 161 9.04 17.08 -32.93
N GLU F 162 9.18 15.86 -32.42
CA GLU F 162 8.46 14.73 -32.99
C GLU F 162 6.96 14.90 -32.76
N LEU F 163 6.60 15.39 -31.57
CA LEU F 163 5.21 15.62 -31.21
C LEU F 163 4.56 16.65 -32.13
N LEU F 164 5.35 17.65 -32.55
CA LEU F 164 4.87 18.66 -33.48
C LEU F 164 4.65 18.06 -34.87
N LYS F 165 5.55 17.17 -35.29
CA LYS F 165 5.36 16.51 -36.58
C LYS F 165 4.11 15.63 -36.54
N ILE F 166 3.92 14.90 -35.44
CA ILE F 166 2.72 14.09 -35.26
C ILE F 166 1.45 14.95 -35.32
N LYS F 167 1.47 16.09 -34.64
CA LYS F 167 0.33 17.01 -34.64
C LYS F 167 -0.07 17.54 -36.02
N GLU F 168 0.93 17.99 -36.79
CA GLU F 168 0.72 18.50 -38.14
C GLU F 168 0.32 17.36 -39.09
N LYS F 169 1.01 16.23 -38.95
CA LYS F 169 0.73 15.02 -39.74
C LYS F 169 -0.72 14.61 -39.61
N LEU F 170 -1.19 14.55 -38.36
CA LEU F 170 -2.56 14.20 -38.06
C LEU F 170 -3.54 15.26 -38.57
N ASN F 171 -3.14 16.52 -38.50
CA ASN F 171 -3.98 17.59 -39.02
C ASN F 171 -4.07 17.55 -40.56
N ARG F 172 -2.96 17.24 -41.22
CA ARG F 172 -2.90 17.13 -42.68
C ARG F 172 -3.72 15.96 -43.21
N LEU F 173 -3.61 14.81 -42.56
CA LEU F 173 -4.38 13.64 -42.97
C LEU F 173 -5.86 13.87 -42.72
N MET F 174 -6.16 14.43 -41.56
CA MET F 174 -7.54 14.67 -41.15
C MET F 174 -8.22 15.66 -42.08
N ALA F 175 -7.47 16.67 -42.50
CA ALA F 175 -8.00 17.65 -43.43
C ALA F 175 -8.32 17.00 -44.76
N LYS F 176 -7.46 16.10 -45.22
CA LYS F 176 -7.73 15.39 -46.47
C LYS F 176 -8.99 14.52 -46.36
N HIS F 177 -9.13 13.78 -45.26
CA HIS F 177 -10.32 12.97 -45.03
C HIS F 177 -11.58 13.83 -45.08
N CYS F 178 -11.51 15.02 -44.50
CA CYS F 178 -12.68 15.88 -44.36
C CYS F 178 -12.89 16.84 -45.54
N ASP F 179 -11.95 16.85 -46.49
CA ASP F 179 -12.00 17.80 -47.61
C ASP F 179 -12.14 19.21 -47.08
N ARG F 180 -11.22 19.57 -46.19
CA ARG F 180 -11.22 20.83 -45.49
C ARG F 180 -9.82 21.42 -45.60
N ASP F 181 -9.66 22.70 -45.30
CA ASP F 181 -8.33 23.30 -45.29
C ASP F 181 -7.60 22.87 -44.03
N LEU F 182 -6.29 22.63 -44.13
CA LEU F 182 -5.44 22.32 -42.97
C LEU F 182 -5.62 23.35 -41.86
N ALA F 183 -5.69 24.62 -42.25
CA ALA F 183 -5.81 25.70 -41.29
C ALA F 183 -7.08 25.53 -40.46
N ASP F 184 -8.12 24.96 -41.07
CA ASP F 184 -9.36 24.70 -40.34
C ASP F 184 -9.16 23.60 -39.30
N LEU F 185 -8.45 22.53 -39.68
CA LEU F 185 -8.21 21.45 -38.72
C LEU F 185 -7.36 21.94 -37.54
N GLU F 186 -6.33 22.74 -37.81
CA GLU F 186 -5.48 23.29 -36.75
C GLU F 186 -6.29 24.12 -35.77
N ARG F 187 -7.14 24.98 -36.31
CA ARG F 187 -8.02 25.80 -35.52
C ARG F 187 -9.00 24.96 -34.71
N ASP F 188 -9.57 23.94 -35.32
CA ASP F 188 -10.70 23.23 -34.72
C ASP F 188 -10.30 22.11 -33.75
N THR F 189 -9.00 21.83 -33.66
CA THR F 189 -8.56 20.77 -32.76
C THR F 189 -7.68 21.31 -31.62
N ASP F 190 -7.62 22.63 -31.47
CA ASP F 190 -6.81 23.25 -30.42
C ASP F 190 -7.24 22.77 -29.03
N ARG F 191 -8.55 22.67 -28.85
CA ARG F 191 -9.12 22.08 -27.64
C ARG F 191 -10.15 21.05 -28.07
N ASP F 192 -10.63 20.25 -27.12
CA ASP F 192 -11.67 19.25 -27.36
C ASP F 192 -12.83 19.83 -28.16
N ASN F 193 -13.10 19.21 -29.29
CA ASN F 193 -14.15 19.69 -30.16
C ASN F 193 -15.19 18.60 -30.31
N PHE F 194 -16.28 18.73 -29.57
CA PHE F 194 -17.36 17.76 -29.64
C PHE F 194 -18.31 18.08 -30.77
N MET F 195 -18.68 17.04 -31.51
CA MET F 195 -19.60 17.16 -32.62
C MET F 195 -20.69 16.10 -32.52
N SER F 196 -21.93 16.53 -32.72
CA SER F 196 -23.03 15.58 -32.93
C SER F 196 -22.80 14.94 -34.31
N ALA F 197 -23.59 13.92 -34.62
CA ALA F 197 -23.50 13.22 -35.91
C ALA F 197 -23.70 14.17 -37.11
N GLU F 198 -24.71 15.04 -37.02
CA GLU F 198 -24.94 16.02 -38.10
C GLU F 198 -23.75 16.98 -38.22
N GLU F 199 -23.21 17.42 -37.09
CA GLU F 199 -22.06 18.32 -37.13
C GLU F 199 -20.86 17.63 -37.74
N ALA F 200 -20.70 16.35 -37.44
CA ALA F 200 -19.59 15.59 -38.04
C ALA F 200 -19.82 15.41 -39.54
N LYS F 201 -21.07 15.22 -39.93
CA LYS F 201 -21.38 15.13 -41.34
C LYS F 201 -21.10 16.43 -42.07
N GLU F 202 -21.66 17.51 -41.53
CA GLU F 202 -21.46 18.83 -42.11
C GLU F 202 -19.99 19.20 -42.15
N TYR F 203 -19.23 18.77 -41.14
CA TYR F 203 -17.79 19.07 -41.09
C TYR F 203 -17.08 18.32 -42.21
N GLY F 204 -17.67 17.23 -42.67
CA GLY F 204 -17.07 16.44 -43.73
C GLY F 204 -16.34 15.23 -43.18
N LEU F 205 -16.62 14.93 -41.91
CA LEU F 205 -15.97 13.84 -41.18
C LEU F 205 -16.60 12.47 -41.49
N ILE F 206 -17.91 12.46 -41.63
CA ILE F 206 -18.64 11.28 -42.07
C ILE F 206 -19.46 11.68 -43.30
N ASP F 207 -20.08 10.69 -43.93
CA ASP F 207 -20.87 10.91 -45.14
C ASP F 207 -22.39 10.95 -44.83
N GLN F 208 -22.89 10.03 -44.02
CA GLN F 208 -24.32 9.98 -43.64
C GLN F 208 -24.61 9.49 -42.20
N ILE F 209 -25.76 9.93 -41.68
CA ILE F 209 -26.36 9.40 -40.46
C ILE F 209 -27.39 8.34 -40.80
N LEU F 210 -27.24 7.14 -40.21
CA LEU F 210 -28.21 6.06 -40.42
C LEU F 210 -29.14 5.92 -39.22
N GLU F 211 -30.43 6.08 -39.48
CA GLU F 211 -31.42 5.91 -38.45
C GLU F 211 -31.87 4.47 -38.37
N ASN F 212 -32.09 3.89 -39.54
CA ASN F 212 -32.46 2.49 -39.69
C ASN F 212 -32.06 2.05 -41.08
N ARG F 213 -32.30 0.79 -41.41
CA ARG F 213 -31.85 0.26 -42.69
C ARG F 213 -32.52 0.91 -43.91
N ALA F 214 -33.58 1.68 -43.66
CA ALA F 214 -34.24 2.42 -44.73
C ALA F 214 -33.46 3.68 -45.15
N VAL G 22 -10.21 -13.02 -28.70
CA VAL G 22 -9.66 -13.28 -30.04
C VAL G 22 -10.63 -14.12 -30.89
N PRO G 23 -11.11 -13.54 -32.01
CA PRO G 23 -12.07 -14.17 -32.93
C PRO G 23 -11.54 -15.43 -33.59
N THR G 24 -12.43 -16.40 -33.80
CA THR G 24 -12.11 -17.68 -34.44
C THR G 24 -12.73 -17.69 -35.84
N VAL G 25 -12.14 -18.43 -36.77
CA VAL G 25 -12.64 -18.46 -38.15
C VAL G 25 -12.84 -19.89 -38.66
N PHE G 36 -9.59 -22.83 -36.12
CA PHE G 36 -8.45 -21.93 -35.98
C PHE G 36 -8.85 -20.53 -35.53
N ASP G 37 -8.19 -20.02 -34.50
CA ASP G 37 -8.29 -18.60 -34.14
C ASP G 37 -7.67 -17.76 -35.25
N ILE G 38 -7.93 -16.46 -35.22
CA ILE G 38 -7.53 -15.56 -36.28
C ILE G 38 -6.01 -15.55 -36.54
N TYR G 39 -5.18 -15.62 -35.49
CA TYR G 39 -3.74 -15.55 -35.66
C TYR G 39 -3.19 -16.88 -36.18
N SER G 40 -3.73 -17.98 -35.67
CA SER G 40 -3.42 -19.32 -36.18
C SER G 40 -3.81 -19.41 -37.65
N ARG G 41 -4.92 -18.77 -37.99
CA ARG G 41 -5.39 -18.68 -39.37
C ARG G 41 -4.41 -17.92 -40.28
N LEU G 42 -3.91 -16.77 -39.81
CA LEU G 42 -3.00 -15.98 -40.64
C LEU G 42 -1.64 -16.67 -40.76
N LEU G 43 -1.32 -17.51 -39.79
CA LEU G 43 -0.09 -18.28 -39.78
C LEU G 43 -0.05 -19.24 -40.95
N LYS G 44 -1.24 -19.70 -41.37
CA LYS G 44 -1.32 -20.56 -42.54
C LYS G 44 -0.80 -19.83 -43.79
N GLU G 45 -0.92 -18.50 -43.77
CA GLU G 45 -0.44 -17.66 -44.86
C GLU G 45 0.98 -17.15 -44.59
N ARG G 46 1.63 -17.77 -43.61
CA ARG G 46 3.02 -17.49 -43.27
C ARG G 46 3.23 -16.05 -42.78
N ILE G 47 2.18 -15.51 -42.18
CA ILE G 47 2.22 -14.23 -41.47
C ILE G 47 2.56 -14.48 -40.01
N VAL G 48 3.63 -13.83 -39.51
CA VAL G 48 4.00 -13.87 -38.10
C VAL G 48 4.01 -12.45 -37.52
N PHE G 49 3.38 -12.26 -36.36
CA PHE G 49 3.32 -10.93 -35.72
C PHE G 49 4.26 -10.76 -34.54
N LEU G 50 4.89 -9.58 -34.47
CA LEU G 50 5.52 -9.13 -33.24
C LEU G 50 4.81 -7.82 -32.83
N VAL G 51 4.07 -7.89 -31.73
CA VAL G 51 3.25 -6.78 -31.29
C VAL G 51 3.64 -6.45 -29.86
N GLY G 52 3.91 -5.17 -29.61
CA GLY G 52 4.25 -4.72 -28.27
C GLY G 52 5.68 -5.06 -27.90
N PRO G 53 5.99 -4.88 -26.61
CA PRO G 53 7.34 -5.10 -26.07
C PRO G 53 7.87 -6.49 -26.35
N VAL G 54 9.14 -6.53 -26.71
CA VAL G 54 9.86 -7.78 -26.90
C VAL G 54 10.32 -8.34 -25.54
N THR G 55 9.72 -9.47 -25.19
CA THR G 55 10.08 -10.21 -23.97
C THR G 55 10.58 -11.59 -24.35
N ASP G 56 11.13 -12.31 -23.37
CA ASP G 56 11.54 -13.68 -23.56
C ASP G 56 10.39 -14.49 -24.15
N GLU G 57 9.20 -14.32 -23.57
CA GLU G 57 8.05 -15.08 -24.01
C GLU G 57 7.53 -14.64 -25.38
N SER G 58 7.46 -13.34 -25.64
CA SER G 58 6.91 -12.90 -26.91
C SER G 58 7.88 -13.23 -28.06
N ALA G 59 9.18 -13.12 -27.79
CA ALA G 59 10.22 -13.41 -28.77
C ALA G 59 10.31 -14.89 -29.10
N ASN G 60 10.26 -15.75 -28.09
CA ASN G 60 10.37 -17.16 -28.36
C ASN G 60 9.12 -17.67 -29.08
N LEU G 61 7.96 -17.03 -28.87
CA LEU G 61 6.77 -17.42 -29.62
C LEU G 61 6.98 -17.13 -31.10
N VAL G 62 7.67 -16.02 -31.39
CA VAL G 62 8.01 -15.68 -32.77
C VAL G 62 8.96 -16.73 -33.31
N VAL G 63 9.95 -17.07 -32.50
CA VAL G 63 10.93 -18.10 -32.83
C VAL G 63 10.24 -19.43 -33.17
N ALA G 64 9.28 -19.80 -32.33
CA ALA G 64 8.55 -21.04 -32.50
C ALA G 64 7.82 -21.06 -33.84
N GLN G 65 7.19 -19.94 -34.17
CA GLN G 65 6.44 -19.84 -35.41
C GLN G 65 7.35 -19.88 -36.63
N LEU G 66 8.50 -19.22 -36.54
CA LEU G 66 9.45 -19.22 -37.65
C LEU G 66 9.95 -20.65 -37.95
N LEU G 67 10.30 -21.37 -36.91
CA LEU G 67 10.79 -22.75 -37.08
C LEU G 67 9.67 -23.63 -37.63
N PHE G 68 8.46 -23.42 -37.15
CA PHE G 68 7.31 -24.17 -37.63
C PHE G 68 7.10 -23.91 -39.12
N LEU G 69 7.10 -22.64 -39.53
CA LEU G 69 6.87 -22.31 -40.93
C LEU G 69 7.96 -22.90 -41.82
N GLU G 70 9.21 -22.86 -41.35
CA GLU G 70 10.32 -23.49 -42.05
C GLU G 70 10.08 -25.00 -42.21
N SER G 71 9.61 -25.64 -41.16
CA SER G 71 9.30 -27.06 -41.20
C SER G 71 8.21 -27.38 -42.22
N GLU G 72 7.20 -26.51 -42.28
CA GLU G 72 6.08 -26.67 -43.22
C GLU G 72 6.53 -26.52 -44.68
N ASN G 73 7.38 -25.54 -44.91
CA ASN G 73 7.90 -25.29 -46.26
C ASN G 73 9.16 -24.43 -46.15
N PRO G 74 10.32 -25.08 -46.30
CA PRO G 74 11.59 -24.37 -46.08
C PRO G 74 11.96 -23.38 -47.19
N ASP G 75 11.20 -23.35 -48.28
CA ASP G 75 11.56 -22.55 -49.45
C ASP G 75 10.68 -21.29 -49.63
N LYS G 76 9.52 -21.23 -48.98
CA LYS G 76 8.64 -20.08 -49.16
C LYS G 76 8.93 -18.94 -48.19
N ASP G 77 8.76 -17.72 -48.67
CA ASP G 77 9.01 -16.53 -47.86
C ASP G 77 8.10 -16.52 -46.63
N ILE G 78 8.59 -15.92 -45.55
CA ILE G 78 7.81 -15.68 -44.35
C ILE G 78 7.61 -14.19 -44.20
N PHE G 79 6.41 -13.79 -43.82
CA PHE G 79 6.09 -12.39 -43.66
C PHE G 79 5.96 -12.02 -42.18
N PHE G 80 6.95 -11.27 -41.69
CA PHE G 80 7.05 -10.92 -40.28
C PHE G 80 6.55 -9.49 -40.10
N TYR G 81 5.32 -9.36 -39.59
CA TYR G 81 4.74 -8.03 -39.38
C TYR G 81 5.11 -7.51 -37.97
N ILE G 82 5.74 -6.35 -37.93
CA ILE G 82 6.30 -5.80 -36.71
C ILE G 82 5.63 -4.49 -36.30
N ASN G 83 5.03 -4.48 -35.10
CA ASN G 83 4.56 -3.26 -34.46
C ASN G 83 5.03 -3.29 -33.00
N SER G 84 6.20 -2.73 -32.74
CA SER G 84 6.85 -2.93 -31.46
C SER G 84 7.72 -1.74 -31.06
N PRO G 85 7.71 -1.40 -29.76
CA PRO G 85 8.58 -0.34 -29.26
C PRO G 85 9.92 -0.90 -28.86
N GLY G 86 10.10 -2.20 -29.04
CA GLY G 86 11.34 -2.86 -28.67
C GLY G 86 11.21 -3.56 -27.33
N GLY G 87 12.35 -3.78 -26.66
CA GLY G 87 12.37 -4.49 -25.39
C GLY G 87 13.72 -5.14 -25.13
N SER G 88 13.68 -6.37 -24.64
CA SER G 88 14.89 -7.07 -24.28
C SER G 88 15.82 -7.29 -25.48
N VAL G 89 17.09 -6.91 -25.33
CA VAL G 89 18.05 -7.11 -26.39
C VAL G 89 18.33 -8.60 -26.66
N THR G 90 18.51 -9.39 -25.60
CA THR G 90 18.79 -10.80 -25.78
C THR G 90 17.57 -11.50 -26.38
N ALA G 91 16.36 -11.07 -25.99
CA ALA G 91 15.15 -11.64 -26.58
C ALA G 91 15.05 -11.30 -28.08
N GLY G 92 15.35 -10.05 -28.41
CA GLY G 92 15.38 -9.61 -29.80
C GLY G 92 16.41 -10.39 -30.60
N MET G 93 17.60 -10.58 -30.01
CA MET G 93 18.67 -11.33 -30.68
C MET G 93 18.26 -12.77 -30.97
N SER G 94 17.43 -13.39 -30.11
CA SER G 94 17.00 -14.78 -30.39
C SER G 94 16.17 -14.86 -31.69
N ILE G 95 15.33 -13.87 -31.92
CA ILE G 95 14.55 -13.75 -33.15
C ILE G 95 15.47 -13.46 -34.36
N TYR G 96 16.34 -12.47 -34.20
CA TYR G 96 17.29 -12.07 -35.25
C TYR G 96 18.09 -13.25 -35.77
N ASP G 97 18.75 -13.96 -34.85
CA ASP G 97 19.57 -15.08 -35.20
C ASP G 97 18.73 -16.22 -35.83
N THR G 98 17.48 -16.33 -35.41
CA THR G 98 16.58 -17.33 -35.97
C THR G 98 16.18 -16.93 -37.41
N MET G 99 15.93 -15.64 -37.62
CA MET G 99 15.64 -15.11 -38.95
C MET G 99 16.78 -15.42 -39.93
N ASN G 100 18.02 -15.27 -39.49
CA ASN G 100 19.16 -15.49 -40.40
C ASN G 100 19.46 -16.98 -40.56
N PHE G 101 19.08 -17.75 -39.54
CA PHE G 101 19.40 -19.17 -39.50
C PHE G 101 18.53 -20.01 -40.40
N ILE G 102 17.23 -19.74 -40.41
CA ILE G 102 16.31 -20.59 -41.17
C ILE G 102 16.46 -20.39 -42.67
N LYS G 103 16.08 -21.42 -43.44
CA LYS G 103 16.20 -21.36 -44.88
C LYS G 103 15.27 -20.30 -45.54
N PRO G 104 14.00 -20.20 -45.12
CA PRO G 104 13.12 -19.20 -45.75
C PRO G 104 13.60 -17.75 -45.61
N ASP G 105 13.37 -16.94 -46.65
CA ASP G 105 13.51 -15.50 -46.56
C ASP G 105 12.48 -14.97 -45.56
N VAL G 106 12.93 -14.17 -44.60
CA VAL G 106 11.97 -13.53 -43.70
C VAL G 106 11.77 -12.11 -44.18
N SER G 107 10.63 -11.86 -44.80
CA SER G 107 10.28 -10.53 -45.21
C SER G 107 9.69 -9.76 -44.01
N THR G 108 10.05 -8.50 -43.84
CA THR G 108 9.51 -7.72 -42.72
C THR G 108 8.65 -6.55 -43.18
N LEU G 109 7.62 -6.28 -42.42
CA LEU G 109 6.75 -5.13 -42.66
C LEU G 109 6.48 -4.41 -41.35
N CYS G 110 6.76 -3.10 -41.34
CA CYS G 110 6.44 -2.27 -40.18
C CYS G 110 5.06 -1.65 -40.31
N LEU G 111 4.22 -1.89 -39.32
CA LEU G 111 2.95 -1.20 -39.16
C LEU G 111 2.87 -0.59 -37.76
N GLY G 112 2.31 0.61 -37.64
CA GLY G 112 2.32 1.32 -36.37
C GLY G 112 3.68 1.91 -36.06
N GLN G 113 4.56 1.07 -35.50
CA GLN G 113 5.92 1.49 -35.21
C GLN G 113 6.92 0.35 -35.20
N ALA G 114 8.18 0.69 -35.42
CA ALA G 114 9.29 -0.19 -35.11
C ALA G 114 10.37 0.67 -34.45
N ALA G 115 10.46 0.59 -33.13
CA ALA G 115 11.42 1.41 -32.39
C ALA G 115 12.35 0.48 -31.65
N SER G 116 13.60 0.92 -31.51
CA SER G 116 14.64 0.17 -30.84
C SER G 116 14.80 -1.24 -31.41
N MET G 117 14.68 -2.25 -30.55
CA MET G 117 14.86 -3.61 -31.03
C MET G 117 13.84 -3.95 -32.13
N GLY G 118 12.68 -3.29 -32.11
CA GLY G 118 11.70 -3.43 -33.16
C GLY G 118 12.27 -2.97 -34.50
N ALA G 119 12.97 -1.84 -34.45
CA ALA G 119 13.59 -1.28 -35.63
C ALA G 119 14.73 -2.16 -36.11
N PHE G 120 15.47 -2.74 -35.16
CA PHE G 120 16.55 -3.65 -35.46
C PHE G 120 16.06 -4.83 -36.27
N LEU G 121 15.01 -5.46 -35.78
CA LEU G 121 14.42 -6.63 -36.43
C LEU G 121 13.84 -6.31 -37.82
N LEU G 122 13.17 -5.17 -37.96
CA LEU G 122 12.67 -4.70 -39.25
C LEU G 122 13.81 -4.58 -40.26
N SER G 123 14.91 -3.98 -39.83
CA SER G 123 16.04 -3.76 -40.72
C SER G 123 16.79 -5.05 -41.03
N ALA G 124 16.48 -6.10 -40.29
CA ALA G 124 17.16 -7.37 -40.43
C ALA G 124 16.47 -8.34 -41.40
N GLY G 125 15.33 -7.94 -41.93
CA GLY G 125 14.63 -8.78 -42.90
C GLY G 125 15.51 -9.00 -44.13
N GLU G 126 15.22 -10.06 -44.89
CA GLU G 126 16.00 -10.33 -46.11
C GLU G 126 16.09 -9.07 -46.96
N LYS G 127 17.31 -8.66 -47.32
CA LYS G 127 17.50 -7.42 -48.10
C LYS G 127 16.63 -7.44 -49.34
N GLY G 128 15.87 -6.36 -49.55
CA GLY G 128 14.98 -6.28 -50.70
C GLY G 128 13.54 -6.54 -50.34
N LYS G 129 13.34 -7.15 -49.17
CA LYS G 129 12.01 -7.52 -48.74
C LYS G 129 11.66 -6.91 -47.38
N ARG G 130 12.24 -5.76 -47.09
CA ARG G 130 11.95 -5.00 -45.87
C ARG G 130 11.07 -3.82 -46.22
N PHE G 131 9.86 -3.80 -45.67
CA PHE G 131 8.85 -2.82 -46.05
C PHE G 131 8.28 -2.05 -44.86
N ALA G 132 7.64 -0.93 -45.15
CA ALA G 132 6.90 -0.22 -44.11
C ALA G 132 5.63 0.37 -44.70
N LEU G 133 4.58 0.43 -43.89
CA LEU G 133 3.36 1.13 -44.28
C LEU G 133 3.64 2.62 -44.17
N PRO G 134 2.86 3.46 -44.89
CA PRO G 134 3.26 4.86 -45.10
C PRO G 134 3.40 5.71 -43.83
N ASN G 135 2.57 5.50 -42.82
CA ASN G 135 2.58 6.32 -41.62
C ASN G 135 3.23 5.62 -40.44
N SER G 136 4.05 4.62 -40.74
CA SER G 136 4.83 3.93 -39.72
C SER G 136 5.84 4.88 -39.08
N ARG G 137 6.14 4.65 -37.81
CA ARG G 137 7.16 5.41 -37.12
C ARG G 137 8.35 4.51 -36.82
N ILE G 138 9.53 4.93 -37.25
CA ILE G 138 10.74 4.16 -36.97
C ILE G 138 11.64 4.96 -36.04
N MET G 139 12.30 4.28 -35.11
CA MET G 139 13.20 4.99 -34.19
C MET G 139 14.37 4.13 -33.78
N ILE G 140 15.56 4.71 -33.81
CA ILE G 140 16.76 4.02 -33.39
C ILE G 140 17.47 4.84 -32.31
N HIS G 141 18.21 4.18 -31.45
CA HIS G 141 18.91 4.81 -30.35
C HIS G 141 19.88 3.82 -29.70
N GLN G 142 20.78 4.33 -28.87
CA GLN G 142 21.76 3.49 -28.22
C GLN G 142 21.12 2.70 -27.06
N PRO G 143 21.81 1.66 -26.56
CA PRO G 143 21.16 0.90 -25.51
C PRO G 143 20.90 1.80 -24.30
N LEU G 144 19.81 1.52 -23.61
CA LEU G 144 19.51 2.26 -22.39
C LEU G 144 19.08 1.24 -21.38
N ILE G 145 19.63 1.30 -20.18
CA ILE G 145 19.18 0.38 -19.16
C ILE G 145 18.80 1.19 -17.95
N SER G 146 17.61 0.93 -17.42
CA SER G 146 17.32 1.43 -16.11
C SER G 146 16.46 0.38 -15.42
N GLY G 147 16.03 0.68 -14.22
CA GLY G 147 16.18 -0.27 -13.13
C GLY G 147 17.65 0.02 -12.84
N GLY G 148 18.49 -0.97 -12.60
CA GLY G 148 19.85 -0.59 -12.28
C GLY G 148 21.08 -1.45 -12.48
N LEU G 149 22.24 -0.80 -12.36
CA LEU G 149 23.52 -1.46 -12.14
C LEU G 149 23.87 -1.36 -10.67
N GLY G 150 23.84 -2.49 -9.96
CA GLY G 150 24.09 -2.45 -8.53
C GLY G 150 25.10 -3.48 -8.07
N GLY G 151 26.13 -3.00 -7.41
CA GLY G 151 27.13 -3.89 -6.88
C GLY G 151 28.44 -3.18 -6.58
N GLN G 152 29.50 -3.97 -6.49
CA GLN G 152 30.83 -3.45 -6.26
C GLN G 152 31.30 -2.78 -7.55
N ALA G 153 32.23 -1.85 -7.42
CA ALA G 153 32.84 -1.16 -8.55
C ALA G 153 33.41 -2.13 -9.57
N SER G 154 34.02 -3.21 -9.08
CA SER G 154 34.52 -4.28 -9.95
C SER G 154 33.42 -4.84 -10.84
N ASP G 155 32.24 -5.07 -10.26
CA ASP G 155 31.11 -5.62 -11.00
C ASP G 155 30.55 -4.60 -11.98
N ILE G 156 30.51 -3.34 -11.56
CA ILE G 156 30.01 -2.29 -12.44
C ILE G 156 30.96 -2.12 -13.63
N GLU G 157 32.25 -2.26 -13.40
CA GLU G 157 33.24 -2.17 -14.48
C GLU G 157 32.99 -3.24 -15.57
N ILE G 158 32.80 -4.47 -15.13
CA ILE G 158 32.54 -5.59 -16.04
C ILE G 158 31.27 -5.33 -16.84
N HIS G 159 30.21 -4.89 -16.18
CA HIS G 159 28.96 -4.66 -16.86
C HIS G 159 28.97 -3.43 -17.76
N ALA G 160 29.75 -2.42 -17.38
CA ALA G 160 29.89 -1.24 -18.20
C ALA G 160 30.61 -1.54 -19.50
N ARG G 161 31.69 -2.31 -19.39
CA ARG G 161 32.46 -2.70 -20.56
C ARG G 161 31.62 -3.59 -21.47
N GLU G 162 30.78 -4.43 -20.86
CA GLU G 162 29.91 -5.31 -21.64
C GLU G 162 28.86 -4.45 -22.34
N LEU G 163 28.36 -3.43 -21.65
CA LEU G 163 27.35 -2.54 -22.23
C LEU G 163 27.92 -1.80 -23.43
N LEU G 164 29.18 -1.40 -23.34
CA LEU G 164 29.85 -0.73 -24.46
C LEU G 164 30.02 -1.71 -25.63
N LYS G 165 30.29 -2.96 -25.28
CA LYS G 165 30.44 -4.03 -26.27
C LYS G 165 29.14 -4.27 -27.03
N ILE G 166 28.03 -4.31 -26.28
CA ILE G 166 26.69 -4.46 -26.85
C ILE G 166 26.35 -3.28 -27.75
N LYS G 167 26.67 -2.07 -27.28
CA LYS G 167 26.43 -0.85 -28.04
C LYS G 167 27.16 -0.89 -29.40
N GLU G 168 28.43 -1.29 -29.39
CA GLU G 168 29.18 -1.35 -30.66
C GLU G 168 28.66 -2.45 -31.58
N LYS G 169 28.38 -3.63 -31.03
CA LYS G 169 27.87 -4.75 -31.82
C LYS G 169 26.59 -4.39 -32.59
N LEU G 170 25.66 -3.79 -31.88
CA LEU G 170 24.39 -3.38 -32.45
C LEU G 170 24.59 -2.32 -33.53
N ASN G 171 25.53 -1.40 -33.29
CA ASN G 171 25.84 -0.39 -34.30
C ASN G 171 26.51 -1.02 -35.54
N ARG G 172 27.38 -1.99 -35.35
CA ARG G 172 28.02 -2.69 -36.47
C ARG G 172 27.00 -3.49 -37.29
N LEU G 173 26.11 -4.20 -36.61
CA LEU G 173 25.10 -5.00 -37.28
C LEU G 173 24.13 -4.09 -38.01
N MET G 174 23.77 -2.99 -37.34
CA MET G 174 22.83 -2.03 -37.92
C MET G 174 23.42 -1.34 -39.17
N ALA G 175 24.72 -1.05 -39.14
CA ALA G 175 25.41 -0.44 -40.29
C ALA G 175 25.42 -1.40 -41.48
N LYS G 176 25.63 -2.68 -41.19
CA LYS G 176 25.57 -3.71 -42.21
C LYS G 176 24.15 -3.78 -42.79
N HIS G 177 23.13 -3.80 -41.91
CA HIS G 177 21.74 -3.82 -42.41
C HIS G 177 21.43 -2.61 -43.31
N CYS G 178 21.94 -1.44 -42.91
CA CYS G 178 21.58 -0.20 -43.58
C CYS G 178 22.52 0.14 -44.74
N ASP G 179 23.55 -0.68 -44.92
CA ASP G 179 24.63 -0.44 -45.89
C ASP G 179 25.29 0.93 -45.68
N ARG G 180 25.72 1.18 -44.44
CA ARG G 180 26.33 2.46 -44.09
C ARG G 180 27.59 2.23 -43.28
N ASP G 181 28.38 3.27 -43.12
CA ASP G 181 29.58 3.17 -42.33
C ASP G 181 29.17 3.07 -40.87
N LEU G 182 29.93 2.32 -40.09
CA LEU G 182 29.76 2.23 -38.66
C LEU G 182 29.67 3.62 -38.00
N ALA G 183 30.48 4.55 -38.50
CA ALA G 183 30.53 5.90 -37.93
C ALA G 183 29.17 6.59 -38.04
N ASP G 184 28.44 6.30 -39.10
CA ASP G 184 27.13 6.90 -39.31
C ASP G 184 26.18 6.40 -38.23
N LEU G 185 26.19 5.10 -37.97
CA LEU G 185 25.28 4.55 -36.98
C LEU G 185 25.60 5.07 -35.58
N GLU G 186 26.88 5.19 -35.25
CA GLU G 186 27.28 5.74 -33.95
C GLU G 186 26.75 7.16 -33.75
N ARG G 187 26.88 7.99 -34.78
CA ARG G 187 26.37 9.35 -34.76
C ARG G 187 24.84 9.39 -34.64
N ASP G 188 24.18 8.51 -35.39
CA ASP G 188 22.74 8.61 -35.54
C ASP G 188 21.91 7.91 -34.46
N THR G 189 22.59 7.23 -33.52
CA THR G 189 21.87 6.57 -32.41
C THR G 189 22.24 7.14 -31.02
N ASP G 190 23.04 8.20 -31.00
CA ASP G 190 23.48 8.78 -29.73
C ASP G 190 22.29 9.23 -28.88
N ARG G 191 21.29 9.82 -29.54
CA ARG G 191 20.01 10.09 -28.91
C ARG G 191 18.90 9.56 -29.82
N ASP G 192 17.68 9.49 -29.28
CA ASP G 192 16.53 9.02 -30.03
C ASP G 192 16.46 9.63 -31.41
N ASN G 193 16.40 8.78 -32.42
CA ASN G 193 16.39 9.22 -33.81
C ASN G 193 15.15 8.68 -34.50
N PHE G 194 14.13 9.52 -34.63
CA PHE G 194 12.88 9.17 -35.26
C PHE G 194 12.97 9.31 -36.78
N MET G 195 12.41 8.33 -37.49
CA MET G 195 12.39 8.34 -38.96
C MET G 195 10.99 8.09 -39.46
N SER G 196 10.58 8.86 -40.45
CA SER G 196 9.39 8.55 -41.22
C SER G 196 9.71 7.35 -42.09
N ALA G 197 8.69 6.78 -42.71
CA ALA G 197 8.90 5.65 -43.61
C ALA G 197 9.87 6.02 -44.73
N GLU G 198 9.68 7.23 -45.30
CA GLU G 198 10.52 7.67 -46.40
C GLU G 198 11.98 7.82 -45.96
N GLU G 199 12.17 8.40 -44.78
CA GLU G 199 13.53 8.60 -44.25
C GLU G 199 14.24 7.29 -43.96
N ALA G 200 13.47 6.31 -43.47
CA ALA G 200 14.02 5.00 -43.16
C ALA G 200 14.45 4.32 -44.46
N LYS G 201 13.68 4.56 -45.52
CA LYS G 201 14.04 4.06 -46.83
C LYS G 201 15.35 4.69 -47.33
N GLU G 202 15.45 6.02 -47.28
CA GLU G 202 16.67 6.72 -47.71
C GLU G 202 17.88 6.29 -46.90
N TYR G 203 17.65 6.01 -45.61
CA TYR G 203 18.71 5.61 -44.71
C TYR G 203 19.25 4.22 -45.01
N GLY G 204 18.42 3.38 -45.64
CA GLY G 204 18.82 2.02 -45.96
C GLY G 204 18.28 1.00 -44.97
N LEU G 205 17.34 1.42 -44.13
CA LEU G 205 16.78 0.58 -43.06
C LEU G 205 15.70 -0.35 -43.58
N ILE G 206 14.92 0.16 -44.53
CA ILE G 206 13.95 -0.65 -45.24
C ILE G 206 14.22 -0.46 -46.73
N ASP G 207 13.55 -1.26 -47.56
CA ASP G 207 13.75 -1.17 -48.98
C ASP G 207 12.66 -0.41 -49.69
N GLN G 208 11.41 -0.66 -49.29
CA GLN G 208 10.26 -0.04 -49.93
C GLN G 208 9.14 0.33 -48.98
N ILE G 209 8.44 1.38 -49.34
CA ILE G 209 7.23 1.79 -48.66
C ILE G 209 6.01 1.33 -49.43
N LEU G 210 5.13 0.58 -48.78
CA LEU G 210 3.93 0.07 -49.43
C LEU G 210 2.67 0.80 -48.98
N GLU G 211 2.02 1.47 -49.93
CA GLU G 211 0.75 2.14 -49.69
C GLU G 211 -0.41 1.17 -49.88
N ASN G 212 -0.27 0.34 -50.91
CA ASN G 212 -1.23 -0.70 -51.23
C ASN G 212 -0.49 -1.79 -52.01
N ARG G 213 -1.20 -2.84 -52.40
CA ARG G 213 -0.61 -3.99 -53.09
C ARG G 213 -0.07 -3.68 -54.48
N ALA G 214 -0.33 -2.47 -54.99
CA ALA G 214 0.19 -2.05 -56.28
C ALA G 214 1.55 -1.33 -56.13
N SER G 215 2.04 -1.24 -54.90
CA SER G 215 3.20 -0.40 -54.57
C SER G 215 4.54 -1.10 -54.79
N LEU G 216 4.53 -2.42 -54.95
CA LEU G 216 5.78 -3.15 -55.04
C LEU G 216 6.48 -2.86 -56.35
N ARG G 217 7.68 -2.32 -56.22
CA ARG G 217 8.51 -1.95 -57.33
C ARG G 217 9.86 -2.63 -57.37
N LEU G 218 10.83 -1.89 -57.85
CA LEU G 218 12.16 -2.45 -58.13
C LEU G 218 12.04 -3.71 -58.97
N LEU H 21 15.17 23.90 12.18
CA LEU H 21 15.99 23.98 10.97
C LEU H 21 16.29 25.44 10.62
N VAL H 22 15.86 26.37 11.49
CA VAL H 22 16.01 27.80 11.23
C VAL H 22 17.02 28.46 12.17
N PRO H 23 18.07 29.12 11.63
CA PRO H 23 19.08 29.76 12.47
C PRO H 23 18.49 30.83 13.40
N THR H 24 19.08 30.99 14.58
CA THR H 24 18.72 32.07 15.48
C THR H 24 19.85 33.10 15.39
N VAL H 25 19.50 34.38 15.53
CA VAL H 25 20.46 35.45 15.32
C VAL H 25 20.46 36.45 16.46
N PHE H 36 16.07 35.87 18.15
CA PHE H 36 15.08 35.74 17.08
C PHE H 36 15.45 34.68 16.04
N ASP H 37 14.47 34.03 15.43
CA ASP H 37 14.78 33.23 14.26
C ASP H 37 15.05 34.21 13.11
N ILE H 38 15.72 33.74 12.07
CA ILE H 38 16.19 34.61 10.99
C ILE H 38 15.02 35.35 10.33
N TYR H 39 13.88 34.69 10.20
CA TYR H 39 12.75 35.30 9.52
C TYR H 39 12.11 36.38 10.39
N SER H 40 12.01 36.12 11.69
CA SER H 40 11.52 37.14 12.62
C SER H 40 12.45 38.34 12.58
N ARG H 41 13.75 38.07 12.48
CA ARG H 41 14.76 39.12 12.37
C ARG H 41 14.59 40.02 11.13
N LEU H 42 14.31 39.42 9.98
CA LEU H 42 14.13 40.19 8.74
C LEU H 42 12.80 40.92 8.76
N LEU H 43 11.86 40.40 9.53
CA LEU H 43 10.56 41.06 9.70
C LEU H 43 10.77 42.42 10.39
N LYS H 44 11.84 42.53 11.17
CA LYS H 44 12.19 43.78 11.81
C LYS H 44 12.54 44.81 10.74
N GLU H 45 13.01 44.32 9.60
CA GLU H 45 13.34 45.20 8.48
C GLU H 45 12.19 45.33 7.48
N ARG H 46 11.01 44.88 7.91
CA ARG H 46 9.76 44.94 7.14
C ARG H 46 9.84 44.10 5.86
N ILE H 47 10.63 43.04 5.93
CA ILE H 47 10.65 42.02 4.87
C ILE H 47 9.69 40.88 5.21
N VAL H 48 8.77 40.62 4.28
CA VAL H 48 7.80 39.53 4.40
C VAL H 48 7.98 38.56 3.23
N PHE H 49 8.03 37.27 3.53
CA PHE H 49 8.24 36.24 2.51
C PHE H 49 6.98 35.48 2.18
N LEU H 50 6.79 35.20 0.88
CA LEU H 50 5.87 34.20 0.41
C LEU H 50 6.68 33.17 -0.37
N VAL H 51 6.84 31.97 0.15
CA VAL H 51 7.70 30.96 -0.46
C VAL H 51 6.92 29.67 -0.69
N GLY H 52 6.97 29.15 -1.91
CA GLY H 52 6.30 27.91 -2.21
C GLY H 52 4.81 28.09 -2.43
N PRO H 53 4.08 26.96 -2.49
CA PRO H 53 2.65 27.01 -2.79
C PRO H 53 1.86 27.94 -1.90
N VAL H 54 0.98 28.71 -2.53
CA VAL H 54 0.08 29.58 -1.80
C VAL H 54 -1.08 28.76 -1.27
N THR H 55 -1.13 28.60 0.04
CA THR H 55 -2.22 27.90 0.71
C THR H 55 -2.91 28.81 1.70
N ASP H 56 -4.06 28.38 2.24
CA ASP H 56 -4.78 29.17 3.25
C ASP H 56 -3.88 29.59 4.39
N GLU H 57 -3.09 28.64 4.85
CA GLU H 57 -2.23 28.83 6.00
C GLU H 57 -1.03 29.71 5.67
N SER H 58 -0.43 29.49 4.49
CA SER H 58 0.73 30.28 4.09
C SER H 58 0.28 31.69 3.74
N ALA H 59 -0.90 31.81 3.16
CA ALA H 59 -1.45 33.12 2.81
C ALA H 59 -1.80 33.93 4.06
N ASN H 60 -2.45 33.29 5.02
CA ASN H 60 -2.89 34.01 6.22
C ASN H 60 -1.70 34.41 7.09
N LEU H 61 -0.62 33.62 7.04
CA LEU H 61 0.60 33.97 7.75
C LEU H 61 1.18 35.24 7.14
N VAL H 62 1.05 35.38 5.83
CA VAL H 62 1.48 36.62 5.19
C VAL H 62 0.58 37.78 5.63
N VAL H 63 -0.73 37.54 5.64
CA VAL H 63 -1.71 38.53 6.02
C VAL H 63 -1.42 39.08 7.41
N ALA H 64 -1.14 38.17 8.33
CA ALA H 64 -0.80 38.50 9.70
C ALA H 64 0.46 39.36 9.75
N GLN H 65 1.47 39.04 8.93
CA GLN H 65 2.70 39.84 8.96
C GLN H 65 2.45 41.25 8.42
N LEU H 66 1.58 41.35 7.42
CA LEU H 66 1.21 42.65 6.88
C LEU H 66 0.50 43.53 7.91
N LEU H 67 -0.46 42.94 8.63
CA LEU H 67 -1.24 43.64 9.66
C LEU H 67 -0.34 44.05 10.81
N PHE H 68 0.60 43.18 11.16
CA PHE H 68 1.56 43.46 12.22
C PHE H 68 2.46 44.65 11.88
N LEU H 69 3.03 44.64 10.69
CA LEU H 69 3.93 45.71 10.26
C LEU H 69 3.16 47.03 10.18
N GLU H 70 1.91 46.95 9.71
CA GLU H 70 1.05 48.15 9.68
C GLU H 70 0.83 48.70 11.09
N SER H 71 0.54 47.80 12.02
CA SER H 71 0.34 48.19 13.41
C SER H 71 1.60 48.81 14.01
N GLU H 72 2.76 48.23 13.68
CA GLU H 72 4.02 48.76 14.19
C GLU H 72 4.34 50.15 13.65
N ASN H 73 4.11 50.34 12.36
CA ASN H 73 4.35 51.64 11.72
C ASN H 73 3.61 51.69 10.39
N PRO H 74 2.46 52.40 10.33
CA PRO H 74 1.65 52.53 9.13
C PRO H 74 2.29 53.45 8.07
N ASP H 75 3.43 54.05 8.41
CA ASP H 75 4.01 55.09 7.58
C ASP H 75 5.16 54.50 6.75
N LYS H 76 5.69 53.37 7.19
CA LYS H 76 6.78 52.75 6.47
C LYS H 76 6.36 51.67 5.46
N ASP H 77 7.08 51.66 4.33
CA ASP H 77 6.87 50.66 3.27
C ASP H 77 7.04 49.25 3.81
N ILE H 78 6.35 48.31 3.16
CA ILE H 78 6.58 46.90 3.44
C ILE H 78 7.21 46.24 2.21
N PHE H 79 8.19 45.36 2.44
CA PHE H 79 8.82 44.67 1.32
C PHE H 79 8.43 43.19 1.31
N PHE H 80 7.63 42.84 0.31
CA PHE H 80 7.00 41.53 0.15
C PHE H 80 7.78 40.68 -0.87
N TYR H 81 8.58 39.73 -0.37
CA TYR H 81 9.41 38.91 -1.26
C TYR H 81 8.67 37.64 -1.74
N ILE H 82 8.58 37.50 -3.06
CA ILE H 82 7.79 36.43 -3.65
C ILE H 82 8.65 35.46 -4.45
N ASN H 83 8.63 34.20 -4.01
CA ASN H 83 9.19 33.07 -4.75
C ASN H 83 8.19 31.93 -4.74
N SER H 84 7.28 31.93 -5.70
CA SER H 84 6.11 31.07 -5.55
C SER H 84 5.54 30.62 -6.88
N PRO H 85 5.07 29.37 -6.96
CA PRO H 85 4.42 28.86 -8.16
C PRO H 85 2.93 29.15 -8.12
N GLY H 86 2.49 29.82 -7.06
CA GLY H 86 1.07 30.08 -6.93
C GLY H 86 0.41 29.10 -5.99
N GLY H 87 -0.88 28.92 -6.18
CA GLY H 87 -1.62 28.03 -5.31
C GLY H 87 -3.08 28.40 -5.33
N SER H 88 -3.71 28.36 -4.16
CA SER H 88 -5.12 28.66 -4.03
C SER H 88 -5.45 30.10 -4.39
N VAL H 89 -6.46 30.27 -5.25
CA VAL H 89 -6.88 31.59 -5.68
C VAL H 89 -7.49 32.41 -4.53
N THR H 90 -8.37 31.83 -3.73
CA THR H 90 -8.99 32.60 -2.65
C THR H 90 -7.94 32.97 -1.61
N ALA H 91 -7.02 32.06 -1.34
CA ALA H 91 -5.95 32.33 -0.40
C ALA H 91 -5.13 33.50 -0.91
N GLY H 92 -4.88 33.48 -2.21
CA GLY H 92 -4.18 34.56 -2.85
C GLY H 92 -4.93 35.86 -2.73
N MET H 93 -6.26 35.80 -2.89
CA MET H 93 -7.08 37.00 -2.79
C MET H 93 -7.00 37.65 -1.42
N SER H 94 -6.90 36.82 -0.39
CA SER H 94 -6.81 37.33 0.98
C SER H 94 -5.53 38.18 1.14
N ILE H 95 -4.45 37.76 0.51
CA ILE H 95 -3.23 38.56 0.51
C ILE H 95 -3.40 39.85 -0.31
N TYR H 96 -3.91 39.70 -1.53
CA TYR H 96 -4.16 40.82 -2.43
C TYR H 96 -4.98 41.94 -1.80
N ASP H 97 -6.13 41.59 -1.24
CA ASP H 97 -7.00 42.58 -0.63
C ASP H 97 -6.34 43.22 0.57
N THR H 98 -5.52 42.46 1.28
CA THR H 98 -4.83 42.96 2.46
C THR H 98 -3.74 43.94 2.04
N MET H 99 -3.05 43.64 0.95
CA MET H 99 -2.07 44.57 0.40
C MET H 99 -2.73 45.90 0.06
N ASN H 100 -3.95 45.86 -0.47
CA ASN H 100 -4.64 47.09 -0.86
C ASN H 100 -5.29 47.82 0.30
N PHE H 101 -5.66 47.06 1.33
CA PHE H 101 -6.41 47.58 2.47
C PHE H 101 -5.56 48.40 3.46
N ILE H 102 -4.36 47.90 3.75
CA ILE H 102 -3.49 48.52 4.73
C ILE H 102 -2.86 49.81 4.20
N LYS H 103 -2.49 50.70 5.12
CA LYS H 103 -1.86 51.97 4.75
C LYS H 103 -0.49 51.87 4.09
N PRO H 104 0.43 51.08 4.69
CA PRO H 104 1.75 51.06 4.06
C PRO H 104 1.74 50.62 2.59
N ASP H 105 2.60 51.22 1.77
CA ASP H 105 2.82 50.72 0.43
C ASP H 105 3.41 49.32 0.52
N VAL H 106 2.82 48.37 -0.17
CA VAL H 106 3.44 47.04 -0.20
C VAL H 106 4.25 46.95 -1.46
N SER H 107 5.55 47.03 -1.28
CA SER H 107 6.49 46.88 -2.36
C SER H 107 6.67 45.37 -2.64
N THR H 108 6.76 44.97 -3.92
CA THR H 108 7.00 43.55 -4.23
C THR H 108 8.33 43.32 -4.91
N LEU H 109 8.95 42.19 -4.60
CA LEU H 109 10.20 41.76 -5.22
C LEU H 109 10.10 40.29 -5.61
N CYS H 110 10.34 39.98 -6.87
CA CYS H 110 10.41 38.58 -7.29
C CYS H 110 11.84 38.06 -7.23
N LEU H 111 12.02 36.96 -6.50
CA LEU H 111 13.27 36.22 -6.52
C LEU H 111 12.94 34.76 -6.84
N GLY H 112 13.77 34.14 -7.66
CA GLY H 112 13.46 32.80 -8.14
C GLY H 112 12.34 32.83 -9.16
N GLN H 113 11.10 32.75 -8.70
CA GLN H 113 9.97 32.80 -9.63
C GLN H 113 8.71 33.36 -9.00
N ALA H 114 7.83 33.86 -9.86
CA ALA H 114 6.50 34.22 -9.47
C ALA H 114 5.57 33.74 -10.55
N ALA H 115 4.85 32.66 -10.28
CA ALA H 115 3.98 32.09 -11.31
C ALA H 115 2.55 32.11 -10.84
N SER H 116 1.65 32.28 -11.80
CA SER H 116 0.21 32.30 -11.54
C SER H 116 -0.15 33.29 -10.45
N MET H 117 -0.78 32.81 -9.38
CA MET H 117 -1.19 33.68 -8.27
C MET H 117 0.02 34.42 -7.68
N GLY H 118 1.19 33.80 -7.78
CA GLY H 118 2.44 34.43 -7.42
C GLY H 118 2.74 35.66 -8.27
N ALA H 119 2.53 35.52 -9.58
CA ALA H 119 2.76 36.64 -10.50
C ALA H 119 1.72 37.74 -10.29
N PHE H 120 0.50 37.31 -9.99
CA PHE H 120 -0.59 38.21 -9.72
C PHE H 120 -0.25 39.13 -8.56
N LEU H 121 0.22 38.53 -7.45
CA LEU H 121 0.56 39.30 -6.27
C LEU H 121 1.72 40.22 -6.53
N LEU H 122 2.72 39.74 -7.28
CA LEU H 122 3.87 40.55 -7.67
C LEU H 122 3.42 41.81 -8.41
N SER H 123 2.48 41.63 -9.33
CA SER H 123 1.99 42.73 -10.16
C SER H 123 1.07 43.64 -9.39
N ALA H 124 0.64 43.18 -8.21
CA ALA H 124 -0.27 43.93 -7.36
C ALA H 124 0.47 44.84 -6.38
N GLY H 125 1.80 44.78 -6.40
CA GLY H 125 2.61 45.66 -5.57
C GLY H 125 2.38 47.12 -5.92
N GLU H 126 2.64 48.01 -4.97
CA GLU H 126 2.46 49.43 -5.20
C GLU H 126 3.17 49.83 -6.48
N LYS H 127 2.44 50.41 -7.41
CA LYS H 127 3.01 50.78 -8.70
C LYS H 127 4.17 51.74 -8.48
N GLY H 128 5.31 51.40 -9.09
CA GLY H 128 6.56 52.12 -8.91
C GLY H 128 7.50 51.39 -7.97
N LYS H 129 6.95 50.48 -7.19
CA LYS H 129 7.77 49.73 -6.22
C LYS H 129 7.67 48.19 -6.44
N ARG H 130 7.44 47.80 -7.68
CA ARG H 130 7.41 46.37 -8.04
C ARG H 130 8.71 46.00 -8.74
N PHE H 131 9.45 45.09 -8.15
CA PHE H 131 10.79 44.75 -8.62
C PHE H 131 10.95 43.25 -8.92
N ALA H 132 12.00 42.94 -9.67
CA ALA H 132 12.46 41.57 -9.87
C ALA H 132 13.97 41.57 -9.92
N LEU H 133 14.57 40.49 -9.45
CA LEU H 133 15.99 40.25 -9.64
C LEU H 133 16.18 39.77 -11.10
N PRO H 134 17.39 39.90 -11.67
CA PRO H 134 17.60 39.75 -13.12
C PRO H 134 17.18 38.40 -13.69
N ASN H 135 17.39 37.32 -12.94
CA ASN H 135 17.11 36.00 -13.49
C ASN H 135 15.83 35.38 -12.98
N SER H 136 14.94 36.23 -12.46
CA SER H 136 13.62 35.80 -12.06
C SER H 136 12.78 35.36 -13.25
N ARG H 137 11.92 34.38 -13.01
CA ARG H 137 10.98 33.89 -14.00
C ARG H 137 9.55 34.25 -13.57
N ILE H 138 8.80 34.89 -14.45
CA ILE H 138 7.40 35.18 -14.16
C ILE H 138 6.57 34.36 -15.13
N MET H 139 5.43 33.84 -14.67
CA MET H 139 4.55 33.14 -15.58
C MET H 139 3.10 33.39 -15.20
N ILE H 140 2.29 33.68 -16.22
CA ILE H 140 0.87 33.93 -16.06
C ILE H 140 0.05 32.99 -16.95
N HIS H 141 -1.16 32.66 -16.51
CA HIS H 141 -2.05 31.83 -17.30
C HIS H 141 -3.47 31.91 -16.76
N GLN H 142 -4.40 31.29 -17.46
CA GLN H 142 -5.79 31.25 -17.02
C GLN H 142 -5.90 30.21 -15.92
N PRO H 143 -7.00 30.22 -15.15
CA PRO H 143 -7.15 29.23 -14.09
C PRO H 143 -7.13 27.79 -14.58
N LEU H 144 -6.64 26.91 -13.71
CA LEU H 144 -6.63 25.47 -13.98
C LEU H 144 -7.10 24.77 -12.70
N ILE H 145 -7.95 23.77 -12.84
CA ILE H 145 -8.47 23.06 -11.68
C ILE H 145 -7.64 21.83 -11.36
N SER H 146 -7.27 21.72 -10.09
CA SER H 146 -6.63 20.51 -9.59
C SER H 146 -7.73 19.56 -9.14
N GLY H 147 -7.53 18.27 -9.46
CA GLY H 147 -8.52 17.27 -9.15
C GLY H 147 -9.68 17.51 -10.11
N GLY H 148 -10.89 17.49 -9.59
CA GLY H 148 -12.01 17.70 -10.46
C GLY H 148 -13.29 18.14 -9.84
N LEU H 149 -14.23 18.44 -10.71
CA LEU H 149 -15.62 18.60 -10.35
C LEU H 149 -16.45 17.37 -10.56
N GLY H 150 -16.95 16.84 -9.47
CA GLY H 150 -17.75 15.64 -9.52
C GLY H 150 -19.07 15.82 -8.80
N GLY H 151 -20.15 15.54 -9.51
CA GLY H 151 -21.49 15.60 -8.96
C GLY H 151 -22.49 15.67 -10.09
N GLN H 152 -23.69 16.18 -9.80
CA GLN H 152 -24.70 16.31 -10.85
C GLN H 152 -24.35 17.40 -11.85
N ALA H 153 -24.90 17.26 -13.05
CA ALA H 153 -24.66 18.21 -14.12
C ALA H 153 -24.98 19.65 -13.67
N SER H 154 -26.05 19.78 -12.89
CA SER H 154 -26.43 21.07 -12.28
C SER H 154 -25.32 21.72 -11.47
N ASP H 155 -24.68 20.92 -10.63
CA ASP H 155 -23.65 21.41 -9.74
C ASP H 155 -22.44 21.81 -10.54
N ILE H 156 -22.16 21.00 -11.56
CA ILE H 156 -21.02 21.26 -12.43
C ILE H 156 -21.22 22.54 -13.23
N GLU H 157 -22.46 22.76 -13.65
CA GLU H 157 -22.79 23.97 -14.40
C GLU H 157 -22.45 25.21 -13.58
N ILE H 158 -22.85 25.17 -12.32
CA ILE H 158 -22.62 26.25 -11.36
C ILE H 158 -21.15 26.58 -11.14
N HIS H 159 -20.34 25.55 -10.94
CA HIS H 159 -18.94 25.73 -10.66
C HIS H 159 -18.19 26.14 -11.91
N ALA H 160 -18.66 25.65 -13.05
CA ALA H 160 -18.06 26.03 -14.30
C ALA H 160 -18.32 27.50 -14.55
N ARG H 161 -19.56 27.91 -14.27
CA ARG H 161 -19.97 29.29 -14.45
C ARG H 161 -19.13 30.17 -13.50
N GLU H 162 -18.89 29.67 -12.29
CA GLU H 162 -18.08 30.39 -11.30
C GLU H 162 -16.63 30.49 -11.72
N LEU H 163 -16.10 29.39 -12.25
CA LEU H 163 -14.73 29.33 -12.70
C LEU H 163 -14.50 30.34 -13.82
N LEU H 164 -15.51 30.51 -14.66
CA LEU H 164 -15.44 31.48 -15.76
C LEU H 164 -15.39 32.91 -15.23
N LYS H 165 -16.09 33.17 -14.13
CA LYS H 165 -16.06 34.48 -13.50
C LYS H 165 -14.68 34.82 -12.94
N ILE H 166 -14.07 33.84 -12.30
CA ILE H 166 -12.73 33.96 -11.73
C ILE H 166 -11.73 34.28 -12.81
N LYS H 167 -11.85 33.56 -13.92
CA LYS H 167 -10.99 33.77 -15.05
C LYS H 167 -11.14 35.21 -15.53
N GLU H 168 -12.37 35.68 -15.58
CA GLU H 168 -12.65 37.02 -16.07
C GLU H 168 -12.15 38.10 -15.11
N LYS H 169 -12.45 37.91 -13.84
CA LYS H 169 -12.04 38.86 -12.81
C LYS H 169 -10.52 39.00 -12.77
N LEU H 170 -9.82 37.88 -12.77
CA LEU H 170 -8.37 37.90 -12.73
C LEU H 170 -7.75 38.56 -13.95
N ASN H 171 -8.34 38.37 -15.13
CA ASN H 171 -7.82 39.03 -16.35
C ASN H 171 -8.01 40.55 -16.28
N ARG H 172 -9.13 40.96 -15.68
CA ARG H 172 -9.46 42.37 -15.47
C ARG H 172 -8.51 43.03 -14.48
N LEU H 173 -8.32 42.39 -13.34
CA LEU H 173 -7.44 42.95 -12.32
C LEU H 173 -6.03 42.97 -12.89
N MET H 174 -5.66 41.91 -13.58
CA MET H 174 -4.31 41.81 -14.11
C MET H 174 -4.03 42.86 -15.19
N ALA H 175 -5.03 43.14 -16.04
CA ALA H 175 -4.86 44.16 -17.05
C ALA H 175 -4.68 45.55 -16.39
N LYS H 176 -5.41 45.80 -15.31
CA LYS H 176 -5.25 47.04 -14.55
C LYS H 176 -3.86 47.15 -13.98
N HIS H 177 -3.38 46.08 -13.36
CA HIS H 177 -2.03 46.07 -12.81
C HIS H 177 -0.98 46.40 -13.86
N CYS H 178 -1.19 45.86 -15.06
CA CYS H 178 -0.17 45.97 -16.11
C CYS H 178 -0.35 47.19 -17.02
N ASP H 179 -1.42 47.94 -16.76
CA ASP H 179 -1.81 49.10 -17.57
C ASP H 179 -1.89 48.66 -19.01
N ARG H 180 -2.67 47.61 -19.22
CA ARG H 180 -2.81 46.97 -20.50
C ARG H 180 -4.30 46.79 -20.75
N ASP H 181 -4.67 46.56 -22.00
CA ASP H 181 -6.07 46.35 -22.34
C ASP H 181 -6.47 44.94 -21.95
N LEU H 182 -7.70 44.78 -21.49
CA LEU H 182 -8.21 43.48 -21.10
C LEU H 182 -8.02 42.40 -22.18
N ALA H 183 -8.25 42.76 -23.44
CA ALA H 183 -8.14 41.81 -24.55
C ALA H 183 -6.74 41.25 -24.63
N ASP H 184 -5.76 42.06 -24.26
CA ASP H 184 -4.36 41.65 -24.30
C ASP H 184 -4.11 40.52 -23.30
N LEU H 185 -4.64 40.69 -22.10
CA LEU H 185 -4.49 39.71 -21.03
C LEU H 185 -5.16 38.38 -21.37
N GLU H 186 -6.35 38.46 -21.97
CA GLU H 186 -7.11 37.28 -22.38
C GLU H 186 -6.33 36.45 -23.40
N ARG H 187 -5.72 37.15 -24.33
CA ARG H 187 -4.89 36.53 -25.34
C ARG H 187 -3.68 35.85 -24.72
N ASP H 188 -3.03 36.58 -23.82
CA ASP H 188 -1.71 36.23 -23.32
C ASP H 188 -1.75 35.25 -22.14
N THR H 189 -2.94 34.88 -21.70
CA THR H 189 -3.09 33.93 -20.61
C THR H 189 -3.79 32.64 -21.01
N ASP H 190 -4.07 32.45 -22.29
CA ASP H 190 -4.80 31.25 -22.71
C ASP H 190 -4.01 29.98 -22.38
N ARG H 191 -2.71 30.05 -22.59
CA ARG H 191 -1.80 28.99 -22.16
C ARG H 191 -0.64 29.61 -21.41
N ASP H 192 0.14 28.78 -20.71
CA ASP H 192 1.31 29.22 -19.95
C ASP H 192 2.19 30.22 -20.73
N ASN H 193 2.43 31.38 -20.11
CA ASN H 193 3.23 32.44 -20.73
C ASN H 193 4.40 32.80 -19.83
N PHE H 194 5.59 32.31 -20.17
CA PHE H 194 6.80 32.57 -19.39
C PHE H 194 7.45 33.89 -19.79
N MET H 195 7.87 34.65 -18.79
CA MET H 195 8.55 35.92 -19.04
C MET H 195 9.84 36.08 -18.25
N SER H 196 10.86 36.60 -18.92
CA SER H 196 12.04 37.07 -18.22
C SER H 196 11.68 38.33 -17.43
N ALA H 197 12.58 38.79 -16.57
CA ALA H 197 12.33 40.02 -15.83
C ALA H 197 12.12 41.19 -16.80
N GLU H 198 12.99 41.32 -17.82
CA GLU H 198 12.86 42.40 -18.81
C GLU H 198 11.54 42.33 -19.57
N GLU H 199 11.10 41.13 -19.96
CA GLU H 199 9.82 41.01 -20.63
C GLU H 199 8.68 41.38 -19.69
N ALA H 200 8.83 40.98 -18.44
CA ALA H 200 7.83 41.28 -17.44
C ALA H 200 7.77 42.78 -17.20
N LYS H 201 8.93 43.43 -17.27
CA LYS H 201 8.99 44.87 -17.16
C LYS H 201 8.28 45.50 -18.36
N GLU H 202 8.63 45.05 -19.56
CA GLU H 202 7.99 45.56 -20.78
C GLU H 202 6.49 45.32 -20.78
N TYR H 203 6.05 44.19 -20.25
CA TYR H 203 4.63 43.87 -20.25
C TYR H 203 3.86 44.77 -19.27
N GLY H 204 4.57 45.30 -18.27
CA GLY H 204 3.93 46.15 -17.28
C GLY H 204 3.64 45.45 -15.96
N LEU H 205 4.22 44.28 -15.75
CA LEU H 205 3.98 43.50 -14.54
C LEU H 205 4.84 44.01 -13.39
N ILE H 206 6.07 44.42 -13.73
CA ILE H 206 6.97 45.02 -12.76
C ILE H 206 7.45 46.37 -13.27
N ASP H 207 8.11 47.11 -12.39
CA ASP H 207 8.62 48.43 -12.70
C ASP H 207 10.13 48.45 -12.94
N GLN H 208 10.86 47.71 -12.13
CA GLN H 208 12.31 47.77 -12.20
C GLN H 208 12.95 46.40 -12.03
N ILE H 209 14.08 46.22 -12.69
CA ILE H 209 14.93 45.06 -12.44
C ILE H 209 16.08 45.54 -11.58
N LEU H 210 16.31 44.86 -10.47
CA LEU H 210 17.37 45.22 -9.55
C LEU H 210 18.58 44.36 -9.85
N GLU H 211 19.72 44.98 -10.18
CA GLU H 211 20.93 44.19 -10.33
C GLU H 211 21.77 44.11 -9.05
N ASN H 212 22.04 45.25 -8.41
CA ASN H 212 22.77 45.17 -7.15
C ASN H 212 22.52 46.34 -6.22
N ARG H 213 23.00 46.19 -4.99
CA ARG H 213 22.66 47.11 -3.91
C ARG H 213 23.11 48.53 -4.18
N ALA H 214 24.29 48.68 -4.80
CA ALA H 214 24.85 49.99 -5.07
C ALA H 214 23.82 50.90 -5.73
N SER H 215 22.97 51.49 -4.90
CA SER H 215 22.06 52.55 -5.31
C SER H 215 21.29 53.22 -4.14
N LEU H 216 20.08 53.67 -4.42
CA LEU H 216 19.37 54.70 -3.63
C LEU H 216 19.20 54.46 -2.12
N ARG H 217 19.87 55.30 -1.33
CA ARG H 217 19.97 55.21 0.14
C ARG H 217 18.68 55.44 0.89
N LEU I 21 8.19 28.30 12.14
CA LEU I 21 7.25 28.46 11.04
C LEU I 21 6.30 29.64 11.28
N VAL I 22 6.27 30.13 12.53
CA VAL I 22 5.50 31.34 12.87
C VAL I 22 6.43 32.37 13.50
N PRO I 23 6.60 33.54 12.84
CA PRO I 23 7.52 34.58 13.29
C PRO I 23 7.26 35.07 14.73
N THR I 24 8.31 35.57 15.38
CA THR I 24 8.21 36.12 16.74
C THR I 24 8.46 37.63 16.72
N VAL I 25 7.72 38.37 17.54
CA VAL I 25 7.84 39.83 17.58
C VAL I 25 8.09 40.37 18.99
N PHE I 36 6.36 37.97 21.55
CA PHE I 36 5.31 36.99 21.30
C PHE I 36 5.29 36.53 19.85
N ASP I 37 4.64 35.39 19.57
CA ASP I 37 4.45 34.95 18.20
C ASP I 37 3.49 35.89 17.50
N ILE I 38 3.44 35.85 16.16
CA ILE I 38 2.69 36.84 15.41
C ILE I 38 1.19 36.81 15.75
N TYR I 39 0.64 35.62 15.96
CA TYR I 39 -0.78 35.50 16.17
C TYR I 39 -1.17 35.96 17.56
N SER I 40 -0.33 35.64 18.56
CA SER I 40 -0.51 36.14 19.92
C SER I 40 -0.43 37.67 19.96
N ARG I 41 0.47 38.20 19.15
CA ARG I 41 0.65 39.64 19.02
C ARG I 41 -0.62 40.30 18.49
N LEU I 42 -1.25 39.68 17.48
CA LEU I 42 -2.47 40.24 16.92
C LEU I 42 -3.64 40.03 17.86
N LEU I 43 -3.54 38.99 18.68
CA LEU I 43 -4.56 38.73 19.68
C LEU I 43 -4.62 39.85 20.73
N LYS I 44 -3.50 40.52 20.98
CA LYS I 44 -3.50 41.64 21.93
C LYS I 44 -4.37 42.77 21.40
N GLU I 45 -4.49 42.84 20.07
CA GLU I 45 -5.32 43.82 19.39
C GLU I 45 -6.74 43.29 19.12
N ARG I 46 -7.08 42.18 19.78
CA ARG I 46 -8.40 41.55 19.68
C ARG I 46 -8.74 41.01 18.28
N ILE I 47 -7.70 40.60 17.53
CA ILE I 47 -7.87 39.91 16.25
C ILE I 47 -7.89 38.40 16.48
N VAL I 48 -8.97 37.75 16.08
CA VAL I 48 -9.10 36.29 16.15
C VAL I 48 -9.29 35.75 14.74
N PHE I 49 -8.52 34.72 14.39
CA PHE I 49 -8.61 34.12 13.06
C PHE I 49 -9.32 32.78 13.03
N LEU I 50 -10.14 32.58 12.00
CA LEU I 50 -10.62 31.25 11.63
C LEU I 50 -10.10 31.00 10.22
N VAL I 51 -9.13 30.08 10.07
CA VAL I 51 -8.51 29.86 8.76
C VAL I 51 -8.56 28.37 8.38
N GLY I 52 -9.04 28.09 7.17
CA GLY I 52 -9.10 26.70 6.74
C GLY I 52 -10.28 25.99 7.38
N PRO I 53 -10.32 24.66 7.25
CA PRO I 53 -11.44 23.81 7.70
C PRO I 53 -11.80 23.94 9.19
N VAL I 54 -13.09 24.01 9.47
CA VAL I 54 -13.59 24.03 10.83
C VAL I 54 -13.68 22.63 11.44
N THR I 55 -12.84 22.38 12.44
CA THR I 55 -12.81 21.13 13.18
C THR I 55 -13.04 21.41 14.68
N ASP I 56 -13.26 20.37 15.47
CA ASP I 56 -13.41 20.53 16.92
C ASP I 56 -12.25 21.35 17.50
N GLU I 57 -11.02 21.03 17.10
CA GLU I 57 -9.84 21.69 17.65
C GLU I 57 -9.71 23.13 17.14
N SER I 58 -9.97 23.37 15.86
CA SER I 58 -9.83 24.72 15.36
C SER I 58 -10.96 25.59 15.90
N ALA I 59 -12.15 25.01 15.99
CA ALA I 59 -13.28 25.77 16.53
C ALA I 59 -13.08 26.11 18.01
N ASN I 60 -12.63 25.14 18.82
CA ASN I 60 -12.46 25.39 20.24
C ASN I 60 -11.34 26.38 20.53
N LEU I 61 -10.36 26.44 19.65
CA LEU I 61 -9.31 27.44 19.79
C LEU I 61 -9.89 28.84 19.63
N VAL I 62 -10.85 28.99 18.72
CA VAL I 62 -11.51 30.27 18.54
C VAL I 62 -12.30 30.60 19.78
N VAL I 63 -13.04 29.61 20.27
CA VAL I 63 -13.81 29.77 21.51
C VAL I 63 -12.91 30.21 22.68
N ALA I 64 -11.75 29.57 22.83
CA ALA I 64 -10.83 29.90 23.92
C ALA I 64 -10.38 31.36 23.83
N GLN I 65 -10.09 31.79 22.62
CA GLN I 65 -9.67 33.15 22.39
C GLN I 65 -10.79 34.15 22.66
N LEU I 66 -12.01 33.80 22.29
CA LEU I 66 -13.18 34.65 22.51
C LEU I 66 -13.41 34.85 23.99
N LEU I 67 -13.31 33.75 24.74
CA LEU I 67 -13.49 33.79 26.18
C LEU I 67 -12.39 34.64 26.81
N PHE I 68 -11.16 34.45 26.35
CA PHE I 68 -10.03 35.21 26.86
C PHE I 68 -10.20 36.70 26.60
N LEU I 69 -10.52 37.08 25.37
CA LEU I 69 -10.69 38.50 25.04
C LEU I 69 -11.84 39.15 25.83
N GLU I 70 -12.91 38.39 26.08
CA GLU I 70 -14.00 38.88 26.92
C GLU I 70 -13.46 39.18 28.33
N SER I 71 -12.69 38.23 28.84
CA SER I 71 -12.09 38.33 30.16
C SER I 71 -11.15 39.53 30.30
N GLU I 72 -10.36 39.80 29.26
CA GLU I 72 -9.45 40.94 29.28
C GLU I 72 -10.22 42.25 29.28
N ASN I 73 -11.28 42.31 28.48
CA ASN I 73 -12.13 43.48 28.44
C ASN I 73 -13.47 43.12 27.81
N PRO I 74 -14.53 43.01 28.65
CA PRO I 74 -15.85 42.57 28.21
C PRO I 74 -16.60 43.59 27.35
N ASP I 75 -16.08 44.81 27.21
CA ASP I 75 -16.82 45.88 26.51
C ASP I 75 -16.31 46.26 25.13
N LYS I 76 -15.07 45.90 24.81
CA LYS I 76 -14.49 46.30 23.52
C LYS I 76 -14.82 45.27 22.47
N ASP I 77 -15.09 45.74 21.25
CA ASP I 77 -15.39 44.88 20.10
C ASP I 77 -14.26 43.89 19.81
N ILE I 78 -14.62 42.73 19.28
CA ILE I 78 -13.64 41.73 18.82
C ILE I 78 -13.69 41.61 17.28
N PHE I 79 -12.51 41.46 16.66
CA PHE I 79 -12.43 41.35 15.21
C PHE I 79 -12.10 39.91 14.79
N PHE I 80 -13.10 39.26 14.21
CA PHE I 80 -13.06 37.85 13.89
C PHE I 80 -12.83 37.72 12.39
N TYR I 81 -11.60 37.38 12.00
CA TYR I 81 -11.25 37.25 10.60
C TYR I 81 -11.50 35.83 10.12
N ILE I 82 -12.32 35.70 9.08
CA ILE I 82 -12.74 34.39 8.58
C ILE I 82 -12.23 34.17 7.16
N ASN I 83 -11.42 33.13 6.97
CA ASN I 83 -11.03 32.61 5.65
C ASN I 83 -11.19 31.09 5.68
N SER I 84 -12.38 30.61 5.38
CA SER I 84 -12.73 29.22 5.65
C SER I 84 -13.75 28.64 4.67
N PRO I 85 -13.55 27.36 4.29
CA PRO I 85 -14.45 26.61 3.39
C PRO I 85 -15.58 25.92 4.15
N GLY I 86 -15.62 26.10 5.45
CA GLY I 86 -16.61 25.46 6.29
C GLY I 86 -16.00 24.26 6.99
N GLY I 87 -16.86 23.33 7.43
CA GLY I 87 -16.40 22.17 8.16
C GLY I 87 -17.49 21.59 9.03
N SER I 88 -17.12 21.11 10.22
CA SER I 88 -18.05 20.47 11.15
C SER I 88 -19.14 21.43 11.63
N VAL I 89 -20.39 20.99 11.54
CA VAL I 89 -21.54 21.79 11.98
C VAL I 89 -21.54 22.00 13.50
N THR I 90 -21.29 20.94 14.25
CA THR I 90 -21.32 21.08 15.71
C THR I 90 -20.15 21.97 16.16
N ALA I 91 -18.98 21.82 15.54
CA ALA I 91 -17.83 22.66 15.87
C ALA I 91 -18.12 24.14 15.55
N GLY I 92 -18.73 24.37 14.40
CA GLY I 92 -19.16 25.70 14.00
C GLY I 92 -20.16 26.29 14.98
N MET I 93 -21.10 25.48 15.43
CA MET I 93 -22.12 25.91 16.39
C MET I 93 -21.52 26.33 17.74
N SER I 94 -20.44 25.67 18.16
CA SER I 94 -19.78 26.04 19.42
C SER I 94 -19.22 27.45 19.27
N ILE I 95 -18.70 27.79 18.08
CA ILE I 95 -18.22 29.15 17.87
C ILE I 95 -19.38 30.14 17.91
N TYR I 96 -20.43 29.81 17.15
CA TYR I 96 -21.62 30.62 17.06
C TYR I 96 -22.24 30.96 18.41
N ASP I 97 -22.51 29.95 19.22
CA ASP I 97 -23.15 30.15 20.53
C ASP I 97 -22.25 30.96 21.45
N THR I 98 -20.94 30.81 21.28
CA THR I 98 -19.97 31.57 22.07
C THR I 98 -19.95 33.03 21.67
N MET I 99 -20.02 33.28 20.37
CA MET I 99 -20.10 34.64 19.84
C MET I 99 -21.30 35.37 20.40
N ASN I 100 -22.43 34.67 20.50
CA ASN I 100 -23.66 35.27 20.97
C ASN I 100 -23.72 35.37 22.50
N PHE I 101 -23.00 34.47 23.17
CA PHE I 101 -23.00 34.34 24.62
C PHE I 101 -22.19 35.44 25.30
N ILE I 102 -21.01 35.74 24.78
CA ILE I 102 -20.14 36.74 25.41
C ILE I 102 -20.66 38.15 25.21
N LYS I 103 -20.28 39.02 26.15
CA LYS I 103 -20.70 40.41 26.13
C LYS I 103 -20.14 41.22 24.97
N PRO I 104 -18.82 41.11 24.70
CA PRO I 104 -18.35 41.93 23.58
C PRO I 104 -19.04 41.63 22.25
N ASP I 105 -19.24 42.67 21.45
CA ASP I 105 -19.66 42.53 20.07
C ASP I 105 -18.58 41.81 19.26
N VAL I 106 -18.94 40.78 18.50
CA VAL I 106 -17.98 40.17 17.58
C VAL I 106 -18.20 40.66 16.14
N SER I 107 -17.29 41.51 15.65
CA SER I 107 -17.29 41.95 14.26
C SER I 107 -16.61 40.89 13.41
N THR I 108 -17.15 40.63 12.22
CA THR I 108 -16.58 39.62 11.34
C THR I 108 -16.08 40.25 10.06
N LEU I 109 -14.96 39.71 9.56
CA LEU I 109 -14.39 40.12 8.30
C LEU I 109 -14.03 38.89 7.48
N CYS I 110 -14.56 38.84 6.26
CA CYS I 110 -14.18 37.81 5.33
C CYS I 110 -13.01 38.26 4.51
N LEU I 111 -11.96 37.45 4.54
CA LEU I 111 -10.85 37.62 3.61
C LEU I 111 -10.66 36.28 2.90
N GLY I 112 -10.46 36.32 1.59
CA GLY I 112 -10.41 35.11 0.80
C GLY I 112 -11.80 34.50 0.61
N GLN I 113 -12.24 33.68 1.55
CA GLN I 113 -13.57 33.09 1.39
C GLN I 113 -14.26 32.81 2.70
N ALA I 114 -15.57 32.79 2.65
CA ALA I 114 -16.36 32.28 3.74
C ALA I 114 -17.41 31.42 3.11
N ALA I 115 -17.20 30.12 3.17
CA ALA I 115 -18.11 29.19 2.52
C ALA I 115 -18.73 28.26 3.53
N SER I 116 -19.97 27.90 3.27
CA SER I 116 -20.70 26.97 4.12
C SER I 116 -20.68 27.47 5.58
N MET I 117 -20.19 26.66 6.51
CA MET I 117 -20.16 27.10 7.91
C MET I 117 -19.31 28.38 8.09
N GLY I 118 -18.33 28.57 7.22
CA GLY I 118 -17.57 29.81 7.21
C GLY I 118 -18.49 31.00 6.94
N ALA I 119 -19.39 30.85 5.97
CA ALA I 119 -20.34 31.91 5.64
C ALA I 119 -21.37 32.10 6.74
N PHE I 120 -21.77 31.00 7.37
CA PHE I 120 -22.69 31.06 8.48
C PHE I 120 -22.12 31.97 9.58
N LEU I 121 -20.89 31.70 9.99
CA LEU I 121 -20.24 32.49 11.05
C LEU I 121 -20.02 33.94 10.63
N LEU I 122 -19.67 34.16 9.36
CA LEU I 122 -19.52 35.52 8.83
C LEU I 122 -20.81 36.34 9.02
N SER I 123 -21.94 35.73 8.68
CA SER I 123 -23.24 36.39 8.75
C SER I 123 -23.74 36.53 10.18
N ALA I 124 -23.09 35.80 11.09
CA ALA I 124 -23.50 35.76 12.48
C ALA I 124 -22.84 36.88 13.26
N GLY I 125 -21.98 37.65 12.61
CA GLY I 125 -21.35 38.79 13.26
C GLY I 125 -22.39 39.78 13.75
N GLU I 126 -22.00 40.60 14.72
CA GLU I 126 -22.87 41.65 15.25
C GLU I 126 -23.40 42.52 14.11
N LYS I 127 -24.72 42.67 14.01
CA LYS I 127 -25.33 43.45 12.93
C LYS I 127 -24.75 44.84 12.85
N GLY I 128 -24.31 45.24 11.66
CA GLY I 128 -23.67 46.52 11.49
C GLY I 128 -22.15 46.40 11.44
N LYS I 129 -21.63 45.27 11.94
CA LYS I 129 -20.19 45.07 12.02
C LYS I 129 -19.69 43.86 11.19
N ARG I 130 -20.41 43.52 10.10
CA ARG I 130 -19.99 42.42 9.20
C ARG I 130 -19.41 42.93 7.88
N PHE I 131 -18.14 42.61 7.65
CA PHE I 131 -17.48 43.18 6.49
C PHE I 131 -16.85 42.13 5.57
N ALA I 132 -16.54 42.54 4.35
CA ALA I 132 -15.74 41.71 3.47
C ALA I 132 -14.78 42.59 2.67
N LEU I 133 -13.62 42.04 2.37
CA LEU I 133 -12.68 42.71 1.49
C LEU I 133 -13.24 42.56 0.07
N PRO I 134 -12.85 43.43 -0.85
CA PRO I 134 -13.55 43.53 -2.14
C PRO I 134 -13.60 42.22 -2.96
N ASN I 135 -12.52 41.45 -2.97
CA ASN I 135 -12.44 40.26 -3.80
C ASN I 135 -12.67 38.96 -3.03
N SER I 136 -13.33 39.08 -1.88
CA SER I 136 -13.73 37.92 -1.09
C SER I 136 -14.79 37.11 -1.79
N ARG I 137 -14.82 35.80 -1.54
CA ARG I 137 -15.87 34.92 -2.07
C ARG I 137 -16.78 34.36 -1.01
N ILE I 138 -18.09 34.52 -1.18
CA ILE I 138 -19.02 33.91 -0.24
C ILE I 138 -19.79 32.79 -0.94
N MET I 139 -20.03 31.70 -0.23
CA MET I 139 -20.81 30.59 -0.77
C MET I 139 -21.63 29.97 0.32
N ILE I 140 -22.92 29.76 0.04
CA ILE I 140 -23.82 29.08 0.95
C ILE I 140 -24.50 27.91 0.25
N HIS I 141 -24.87 26.92 1.00
CA HIS I 141 -25.55 25.73 0.50
C HIS I 141 -26.20 24.96 1.63
N GLN I 142 -26.89 23.89 1.30
CA GLN I 142 -27.50 23.00 2.30
C GLN I 142 -26.45 22.01 2.83
N PRO I 143 -26.73 21.33 3.94
CA PRO I 143 -25.73 20.40 4.47
C PRO I 143 -25.29 19.27 3.51
N LEU I 144 -24.05 18.83 3.68
CA LEU I 144 -23.46 17.75 2.89
C LEU I 144 -22.97 16.76 3.91
N ILE I 145 -23.26 15.49 3.70
CA ILE I 145 -22.88 14.50 4.69
C ILE I 145 -21.64 13.68 4.43
N SER I 146 -20.82 13.65 5.49
CA SER I 146 -19.69 12.74 5.69
C SER I 146 -19.83 11.46 4.88
N GLY I 147 -18.72 10.99 4.31
CA GLY I 147 -18.68 9.80 3.46
C GLY I 147 -20.03 9.19 3.16
N GLY I 148 -20.55 8.45 4.13
CA GLY I 148 -21.86 7.86 4.05
C GLY I 148 -22.43 7.65 5.44
N LEU I 149 -23.72 7.36 5.55
CA LEU I 149 -24.27 6.83 6.80
C LEU I 149 -24.58 5.32 6.68
N GLY I 150 -24.08 4.53 7.63
CA GLY I 150 -24.22 3.09 7.57
C GLY I 150 -24.77 2.39 8.81
N GLY I 151 -25.79 1.56 8.60
CA GLY I 151 -26.41 0.80 9.68
C GLY I 151 -27.76 0.27 9.26
N GLN I 152 -28.61 -0.09 10.23
CA GLN I 152 -29.94 -0.59 9.94
C GLN I 152 -30.81 0.55 9.44
N ALA I 153 -31.85 0.19 8.69
CA ALA I 153 -32.81 1.16 8.17
C ALA I 153 -33.38 2.05 9.29
N SER I 154 -33.64 1.47 10.45
CA SER I 154 -34.11 2.21 11.64
C SER I 154 -33.15 3.33 12.05
N ASP I 155 -31.87 3.00 12.05
CA ASP I 155 -30.82 3.93 12.45
C ASP I 155 -30.71 5.00 11.40
N ILE I 156 -30.83 4.57 10.16
CA ILE I 156 -30.72 5.48 9.04
C ILE I 156 -31.86 6.50 9.07
N GLU I 157 -33.04 6.05 9.45
CA GLU I 157 -34.21 6.92 9.58
C GLU I 157 -34.02 8.02 10.64
N ILE I 158 -33.48 7.63 11.79
CA ILE I 158 -33.21 8.55 12.88
C ILE I 158 -32.24 9.64 12.45
N HIS I 159 -31.16 9.27 11.76
CA HIS I 159 -30.15 10.25 11.36
C HIS I 159 -30.61 11.12 10.20
N ALA I 160 -31.46 10.59 9.35
CA ALA I 160 -32.02 11.38 8.26
C ALA I 160 -32.95 12.45 8.81
N ARG I 161 -33.74 12.09 9.81
CA ARG I 161 -34.65 13.03 10.48
C ARG I 161 -33.84 14.15 11.12
N GLU I 162 -32.71 13.79 11.71
CA GLU I 162 -31.85 14.74 12.40
C GLU I 162 -31.22 15.69 11.39
N LEU I 163 -30.77 15.13 10.28
CA LEU I 163 -30.18 15.91 9.20
C LEU I 163 -31.21 16.89 8.63
N LEU I 164 -32.46 16.46 8.57
CA LEU I 164 -33.52 17.34 8.12
C LEU I 164 -33.75 18.45 9.13
N LYS I 165 -33.70 18.11 10.42
CA LYS I 165 -33.83 19.13 11.46
C LYS I 165 -32.64 20.09 11.45
N ILE I 166 -31.45 19.55 11.25
CA ILE I 166 -30.27 20.39 11.12
C ILE I 166 -30.37 21.38 9.96
N LYS I 167 -30.80 20.88 8.81
CA LYS I 167 -30.94 21.70 7.59
C LYS I 167 -31.88 22.90 7.73
N GLU I 168 -33.05 22.64 8.31
CA GLU I 168 -34.05 23.68 8.49
C GLU I 168 -33.56 24.71 9.50
N LYS I 169 -33.03 24.22 10.62
CA LYS I 169 -32.51 25.03 11.73
C LYS I 169 -31.51 26.09 11.25
N LEU I 170 -30.59 25.65 10.41
CA LEU I 170 -29.58 26.50 9.78
C LEU I 170 -30.17 27.50 8.77
N ASN I 171 -31.20 27.08 8.05
CA ASN I 171 -31.86 27.96 7.09
C ASN I 171 -32.63 29.07 7.83
N ARG I 172 -33.22 28.71 8.96
CA ARG I 172 -33.92 29.67 9.80
C ARG I 172 -32.97 30.71 10.40
N LEU I 173 -31.88 30.24 10.98
CA LEU I 173 -30.93 31.15 11.63
C LEU I 173 -30.31 32.05 10.57
N MET I 174 -30.02 31.47 9.42
CA MET I 174 -29.43 32.23 8.35
C MET I 174 -30.41 33.29 7.83
N ALA I 175 -31.69 32.93 7.79
CA ALA I 175 -32.71 33.88 7.35
C ALA I 175 -32.76 35.06 8.31
N LYS I 176 -32.63 34.77 9.60
CA LYS I 176 -32.58 35.83 10.60
C LYS I 176 -31.34 36.71 10.45
N HIS I 177 -30.18 36.08 10.27
CA HIS I 177 -28.94 36.81 10.09
C HIS I 177 -29.05 37.76 8.91
N CYS I 178 -29.69 37.31 7.84
CA CYS I 178 -29.77 38.08 6.61
C CYS I 178 -31.02 38.97 6.56
N ASP I 179 -31.87 38.87 7.58
CA ASP I 179 -33.15 39.57 7.59
C ASP I 179 -33.89 39.25 6.30
N ARG I 180 -34.08 37.95 6.10
CA ARG I 180 -34.67 37.39 4.89
C ARG I 180 -35.75 36.37 5.27
N ASP I 181 -36.59 35.97 4.31
CA ASP I 181 -37.58 34.94 4.59
C ASP I 181 -36.95 33.55 4.56
N LEU I 182 -37.43 32.67 5.44
CA LEU I 182 -36.98 31.28 5.44
C LEU I 182 -37.09 30.65 4.06
N ALA I 183 -38.18 30.95 3.36
CA ALA I 183 -38.43 30.38 2.04
C ALA I 183 -37.32 30.76 1.08
N ASP I 184 -36.77 31.97 1.25
CA ASP I 184 -35.67 32.43 0.42
C ASP I 184 -34.36 31.66 0.67
N LEU I 185 -34.05 31.43 1.94
CA LEU I 185 -32.81 30.70 2.24
C LEU I 185 -32.93 29.26 1.74
N GLU I 186 -34.11 28.67 1.88
CA GLU I 186 -34.37 27.32 1.38
C GLU I 186 -34.18 27.26 -0.14
N ARG I 187 -34.70 28.26 -0.83
CA ARG I 187 -34.55 28.36 -2.27
C ARG I 187 -33.08 28.57 -2.64
N ASP I 188 -32.41 29.44 -1.89
CA ASP I 188 -31.08 29.90 -2.31
C ASP I 188 -29.94 28.97 -1.89
N THR I 189 -30.24 27.93 -1.13
CA THR I 189 -29.20 27.00 -0.68
C THR I 189 -29.37 25.56 -1.16
N ASP I 190 -30.31 25.33 -2.08
CA ASP I 190 -30.55 23.99 -2.58
C ASP I 190 -29.28 23.42 -3.24
N ARG I 191 -28.56 24.28 -3.94
CA ARG I 191 -27.26 23.92 -4.49
C ARG I 191 -26.24 25.01 -4.16
N ASP I 192 -24.95 24.74 -4.41
CA ASP I 192 -23.89 25.72 -4.20
C ASP I 192 -24.23 27.10 -4.80
N ASN I 193 -24.22 28.12 -3.95
CA ASN I 193 -24.56 29.47 -4.36
C ASN I 193 -23.40 30.41 -4.06
N PHE I 194 -22.65 30.76 -5.10
CA PHE I 194 -21.50 31.65 -4.94
C PHE I 194 -21.91 33.12 -5.00
N MET I 195 -21.35 33.92 -4.10
CA MET I 195 -21.64 35.34 -4.08
C MET I 195 -20.37 36.17 -3.97
N SER I 196 -20.31 37.24 -4.77
CA SER I 196 -19.31 38.27 -4.59
C SER I 196 -19.63 39.02 -3.30
N ALA I 197 -18.71 39.89 -2.87
CA ALA I 197 -18.94 40.68 -1.66
C ALA I 197 -20.20 41.54 -1.80
N GLU I 198 -20.34 42.21 -2.93
CA GLU I 198 -21.51 43.06 -3.16
C GLU I 198 -22.79 42.24 -3.20
N GLU I 199 -22.73 41.07 -3.84
CA GLU I 199 -23.89 40.17 -3.86
C GLU I 199 -24.18 39.68 -2.45
N ALA I 200 -23.15 39.41 -1.65
CA ALA I 200 -23.37 39.02 -0.26
C ALA I 200 -23.95 40.21 0.53
N LYS I 201 -23.50 41.42 0.18
CA LYS I 201 -24.10 42.61 0.79
C LYS I 201 -25.59 42.76 0.42
N GLU I 202 -25.89 42.69 -0.89
CA GLU I 202 -27.26 42.82 -1.35
C GLU I 202 -28.13 41.76 -0.70
N TYR I 203 -27.60 40.55 -0.50
CA TYR I 203 -28.38 39.46 0.10
C TYR I 203 -28.70 39.71 1.57
N GLY I 204 -27.86 40.49 2.23
CA GLY I 204 -28.06 40.77 3.64
C GLY I 204 -27.16 39.92 4.54
N LEU I 205 -26.15 39.31 3.93
CA LEU I 205 -25.25 38.40 4.64
C LEU I 205 -24.12 39.17 5.39
N ILE I 206 -23.62 40.24 4.78
CA ILE I 206 -22.69 41.17 5.42
C ILE I 206 -23.26 42.58 5.34
N ASP I 207 -22.60 43.55 5.99
CA ASP I 207 -23.13 44.92 6.01
C ASP I 207 -22.40 45.86 5.05
N GLN I 208 -21.08 45.80 5.05
CA GLN I 208 -20.29 46.65 4.16
C GLN I 208 -19.05 45.94 3.63
N ILE I 209 -18.61 46.39 2.47
CA ILE I 209 -17.34 46.03 1.89
C ILE I 209 -16.28 47.07 2.23
N LEU I 210 -15.17 46.61 2.80
CA LEU I 210 -14.07 47.51 3.13
C LEU I 210 -12.98 47.40 2.09
N GLU I 211 -12.72 48.49 1.40
CA GLU I 211 -11.64 48.53 0.42
C GLU I 211 -10.36 48.91 1.13
N ASN I 212 -10.49 49.84 2.06
CA ASN I 212 -9.39 50.28 2.91
C ASN I 212 -9.94 50.91 4.18
N ARG I 213 -9.04 51.31 5.08
CA ARG I 213 -9.46 51.91 6.35
C ARG I 213 -10.12 53.26 6.10
N ALA I 214 -11.34 53.29 5.58
CA ALA I 214 -11.95 54.57 5.25
C ALA I 214 -13.48 54.54 5.18
N SER I 215 -14.08 53.41 5.50
CA SER I 215 -15.55 53.31 5.54
C SER I 215 -16.04 52.50 6.73
N PRO J 23 -2.38 30.10 20.84
CA PRO J 23 -1.64 31.34 21.10
C PRO J 23 -1.24 31.47 22.55
N THR J 24 -0.25 32.33 22.82
CA THR J 24 0.16 32.67 24.17
C THR J 24 -0.33 34.07 24.50
N VAL J 25 -0.46 34.37 25.79
CA VAL J 25 -1.03 35.64 26.22
C VAL J 25 -0.25 36.25 27.40
N PHE J 36 2.38 32.23 29.32
CA PHE J 36 1.60 30.99 29.32
C PHE J 36 0.59 30.94 28.18
N ASP J 37 0.27 29.73 27.71
CA ASP J 37 -0.62 29.56 26.56
C ASP J 37 -2.07 29.73 26.98
N ILE J 38 -2.94 29.87 25.97
CA ILE J 38 -4.34 30.24 26.15
C ILE J 38 -5.15 29.26 27.03
N TYR J 39 -4.88 27.97 26.92
CA TYR J 39 -5.61 26.99 27.71
C TYR J 39 -5.11 27.03 29.15
N SER J 40 -3.81 27.23 29.29
CA SER J 40 -3.20 27.46 30.61
C SER J 40 -3.81 28.72 31.20
N ARG J 41 -4.03 29.72 30.36
CA ARG J 41 -4.68 30.96 30.79
C ARG J 41 -6.09 30.72 31.29
N LEU J 42 -6.86 29.95 30.54
CA LEU J 42 -8.25 29.71 30.93
C LEU J 42 -8.33 28.78 32.13
N LEU J 43 -7.29 27.95 32.30
CA LEU J 43 -7.21 27.08 33.47
C LEU J 43 -7.10 27.89 34.76
N LYS J 44 -6.50 29.08 34.66
CA LYS J 44 -6.39 29.97 35.81
C LYS J 44 -7.77 30.43 36.28
N GLU J 45 -8.72 30.49 35.35
CA GLU J 45 -10.10 30.84 35.67
C GLU J 45 -10.94 29.57 35.94
N ARG J 46 -10.25 28.46 36.18
CA ARG J 46 -10.85 27.18 36.52
C ARG J 46 -11.73 26.61 35.40
N ILE J 47 -11.37 26.93 34.17
CA ILE J 47 -11.97 26.31 33.00
C ILE J 47 -11.14 25.11 32.51
N VAL J 48 -11.81 23.97 32.41
CA VAL J 48 -11.24 22.75 31.85
C VAL J 48 -12.03 22.34 30.61
N PHE J 49 -11.33 22.02 29.52
CA PHE J 49 -11.97 21.61 28.27
C PHE J 49 -11.86 20.10 28.05
N LEU J 50 -12.94 19.51 27.55
CA LEU J 50 -12.90 18.18 26.94
C LEU J 50 -13.36 18.39 25.51
N VAL J 51 -12.44 18.23 24.54
CA VAL J 51 -12.71 18.48 23.13
C VAL J 51 -12.34 17.26 22.26
N GLY J 52 -13.26 16.83 21.41
CA GLY J 52 -13.02 15.69 20.54
C GLY J 52 -13.18 14.38 21.29
N PRO J 53 -12.78 13.25 20.67
CA PRO J 53 -12.91 11.91 21.25
C PRO J 53 -12.27 11.75 22.62
N VAL J 54 -12.97 11.05 23.51
CA VAL J 54 -12.42 10.70 24.80
C VAL J 54 -11.47 9.52 24.69
N THR J 55 -10.19 9.78 24.93
CA THR J 55 -9.17 8.74 24.95
C THR J 55 -8.53 8.66 26.32
N ASP J 56 -7.75 7.61 26.55
CA ASP J 56 -7.02 7.49 27.80
C ASP J 56 -6.21 8.76 28.05
N GLU J 57 -5.53 9.24 27.01
CA GLU J 57 -4.69 10.40 27.20
C GLU J 57 -5.48 11.68 27.41
N SER J 58 -6.58 11.88 26.66
CA SER J 58 -7.37 13.10 26.78
C SER J 58 -8.14 13.11 28.10
N ALA J 59 -8.58 11.94 28.54
CA ALA J 59 -9.29 11.82 29.80
C ALA J 59 -8.36 12.10 30.97
N ASN J 60 -7.16 11.51 30.94
CA ASN J 60 -6.25 11.68 32.06
C ASN J 60 -5.75 13.12 32.12
N LEU J 61 -5.68 13.80 30.99
CA LEU J 61 -5.35 15.23 31.01
C LEU J 61 -6.42 16.04 31.73
N VAL J 62 -7.69 15.66 31.56
CA VAL J 62 -8.81 16.29 32.29
C VAL J 62 -8.71 15.93 33.76
N VAL J 63 -8.45 14.66 34.03
CA VAL J 63 -8.29 14.22 35.43
C VAL J 63 -7.20 15.04 36.12
N ALA J 64 -6.08 15.21 35.42
CA ALA J 64 -4.95 15.95 35.94
C ALA J 64 -5.33 17.40 36.27
N GLN J 65 -6.08 18.02 35.38
CA GLN J 65 -6.50 19.41 35.58
C GLN J 65 -7.48 19.56 36.73
N LEU J 66 -8.39 18.61 36.89
CA LEU J 66 -9.34 18.60 38.01
C LEU J 66 -8.62 18.48 39.34
N LEU J 67 -7.66 17.56 39.39
CA LEU J 67 -6.88 17.36 40.60
C LEU J 67 -6.07 18.61 40.93
N PHE J 68 -5.50 19.22 39.90
CA PHE J 68 -4.73 20.45 40.09
C PHE J 68 -5.60 21.57 40.63
N LEU J 69 -6.76 21.79 40.02
CA LEU J 69 -7.66 22.87 40.45
C LEU J 69 -8.14 22.65 41.89
N GLU J 70 -8.43 21.41 42.25
CA GLU J 70 -8.80 21.08 43.63
C GLU J 70 -7.67 21.42 44.58
N SER J 71 -6.45 21.12 44.17
CA SER J 71 -5.28 21.40 44.99
C SER J 71 -5.11 22.91 45.22
N GLU J 72 -5.32 23.69 44.16
CA GLU J 72 -5.22 25.15 44.22
C GLU J 72 -6.28 25.76 45.12
N ASN J 73 -7.50 25.23 45.04
CA ASN J 73 -8.60 25.68 45.88
C ASN J 73 -9.72 24.63 45.88
N PRO J 74 -9.82 23.86 46.98
CA PRO J 74 -10.81 22.76 47.06
C PRO J 74 -12.27 23.22 47.19
N ASP J 75 -12.49 24.53 47.33
CA ASP J 75 -13.83 25.03 47.62
C ASP J 75 -14.52 25.72 46.46
N LYS J 76 -13.75 26.17 45.48
CA LYS J 76 -14.34 26.91 44.35
C LYS J 76 -14.83 25.97 43.25
N ASP J 77 -15.90 26.36 42.58
CA ASP J 77 -16.44 25.59 41.45
C ASP J 77 -15.41 25.43 40.35
N ILE J 78 -15.50 24.33 39.62
CA ILE J 78 -14.72 24.09 38.41
C ILE J 78 -15.66 24.11 37.21
N PHE J 79 -15.24 24.72 36.11
CA PHE J 79 -16.10 24.78 34.93
C PHE J 79 -15.56 23.88 33.81
N PHE J 80 -16.30 22.78 33.60
CA PHE J 80 -15.91 21.72 32.68
C PHE J 80 -16.70 21.89 31.38
N TYR J 81 -16.04 22.45 30.38
CA TYR J 81 -16.65 22.73 29.09
C TYR J 81 -16.46 21.49 28.22
N ILE J 82 -17.55 20.94 27.69
CA ILE J 82 -17.53 19.70 26.94
C ILE J 82 -17.98 19.89 25.50
N ASN J 83 -17.11 19.55 24.54
CA ASN J 83 -17.47 19.45 23.11
C ASN J 83 -16.90 18.15 22.54
N SER J 84 -17.69 17.08 22.63
CA SER J 84 -17.15 15.76 22.41
C SER J 84 -18.19 14.75 21.91
N PRO J 85 -17.79 13.87 20.99
CA PRO J 85 -18.68 12.80 20.52
C PRO J 85 -18.59 11.55 21.38
N GLY J 86 -17.80 11.59 22.44
CA GLY J 86 -17.59 10.43 23.28
C GLY J 86 -16.25 9.73 23.00
N GLY J 87 -16.20 8.45 23.33
CA GLY J 87 -14.99 7.66 23.17
C GLY J 87 -14.94 6.49 24.13
N SER J 88 -13.75 6.24 24.66
CA SER J 88 -13.56 5.12 25.55
C SER J 88 -14.42 5.25 26.81
N VAL J 89 -15.15 4.20 27.13
CA VAL J 89 -15.99 4.17 28.33
C VAL J 89 -15.14 4.20 29.59
N THR J 90 -14.07 3.40 29.63
CA THR J 90 -13.23 3.38 30.82
C THR J 90 -12.52 4.72 30.97
N ALA J 91 -12.14 5.36 29.86
CA ALA J 91 -11.53 6.69 29.93
C ALA J 91 -12.50 7.74 30.49
N GLY J 92 -13.74 7.69 30.00
CA GLY J 92 -14.80 8.54 30.45
C GLY J 92 -15.10 8.32 31.93
N MET J 93 -15.12 7.05 32.36
CA MET J 93 -15.37 6.76 33.76
C MET J 93 -14.31 7.37 34.66
N SER J 94 -13.05 7.44 34.21
CA SER J 94 -12.00 8.02 35.06
C SER J 94 -12.27 9.51 35.32
N ILE J 95 -12.77 10.22 34.32
CA ILE J 95 -13.18 11.61 34.53
C ILE J 95 -14.39 11.68 35.46
N TYR J 96 -15.38 10.85 35.17
CA TYR J 96 -16.61 10.80 35.97
C TYR J 96 -16.33 10.61 37.45
N ASP J 97 -15.56 9.57 37.78
CA ASP J 97 -15.24 9.29 39.16
C ASP J 97 -14.41 10.39 39.81
N THR J 98 -13.58 11.05 39.01
CA THR J 98 -12.78 12.14 39.54
C THR J 98 -13.68 13.34 39.84
N MET J 99 -14.62 13.62 38.95
CA MET J 99 -15.60 14.68 39.16
C MET J 99 -16.35 14.47 40.47
N ASN J 100 -16.69 13.21 40.76
CA ASN J 100 -17.45 12.92 41.97
C ASN J 100 -16.56 12.87 43.22
N PHE J 101 -15.28 12.59 43.01
CA PHE J 101 -14.33 12.40 44.10
C PHE J 101 -13.83 13.71 44.69
N ILE J 102 -13.49 14.66 43.83
CA ILE J 102 -12.89 15.90 44.32
C ILE J 102 -13.90 16.73 45.09
N LYS J 103 -13.40 17.58 45.96
CA LYS J 103 -14.25 18.45 46.77
C LYS J 103 -15.01 19.48 45.91
N PRO J 104 -14.32 20.17 44.97
CA PRO J 104 -15.05 21.20 44.20
C PRO J 104 -16.26 20.71 43.42
N ASP J 105 -17.32 21.52 43.35
CA ASP J 105 -18.41 21.29 42.42
C ASP J 105 -17.85 21.39 40.99
N VAL J 106 -18.08 20.37 40.18
CA VAL J 106 -17.69 20.48 38.77
C VAL J 106 -18.93 20.83 37.97
N SER J 107 -18.99 22.10 37.53
CA SER J 107 -20.07 22.56 36.67
C SER J 107 -19.75 22.18 35.22
N THR J 108 -20.76 21.71 34.48
CA THR J 108 -20.54 21.32 33.09
C THR J 108 -21.28 22.23 32.13
N LEU J 109 -20.66 22.47 30.98
CA LEU J 109 -21.27 23.24 29.92
C LEU J 109 -21.04 22.56 28.57
N CYS J 110 -22.12 22.27 27.86
CA CYS J 110 -22.02 21.74 26.52
C CYS J 110 -22.02 22.87 25.52
N LEU J 111 -20.96 22.88 24.70
CA LEU J 111 -20.87 23.72 23.51
C LEU J 111 -20.58 22.82 22.28
N GLY J 112 -21.22 23.11 21.16
CA GLY J 112 -21.09 22.24 20.00
C GLY J 112 -21.89 20.96 20.22
N GLN J 113 -21.27 19.98 20.87
CA GLN J 113 -21.99 18.74 21.14
C GLN J 113 -21.47 17.97 22.34
N ALA J 114 -22.34 17.13 22.88
CA ALA J 114 -21.97 16.12 23.84
C ALA J 114 -22.70 14.84 23.48
N ALA J 115 -22.00 13.90 22.86
CA ALA J 115 -22.66 12.67 22.42
C ALA J 115 -22.03 11.50 23.13
N SER J 116 -22.83 10.47 23.37
CA SER J 116 -22.41 9.26 24.07
C SER J 116 -21.74 9.58 25.41
N MET J 117 -20.51 9.13 25.60
CA MET J 117 -19.82 9.40 26.87
C MET J 117 -19.71 10.91 27.14
N GLY J 118 -19.71 11.71 26.08
CA GLY J 118 -19.72 13.16 26.20
C GLY J 118 -20.96 13.65 26.93
N ALA J 119 -22.09 13.07 26.55
CA ALA J 119 -23.38 13.39 27.16
C ALA J 119 -23.42 12.86 28.57
N PHE J 120 -22.80 11.70 28.77
CA PHE J 120 -22.71 11.13 30.10
C PHE J 120 -22.06 12.10 31.09
N LEU J 121 -20.89 12.60 30.70
CA LEU J 121 -20.12 13.51 31.53
C LEU J 121 -20.86 14.84 31.73
N LEU J 122 -21.49 15.34 30.67
CA LEU J 122 -22.32 16.54 30.77
C LEU J 122 -23.41 16.37 31.85
N SER J 123 -24.07 15.22 31.84
CA SER J 123 -25.15 14.93 32.78
C SER J 123 -24.68 14.68 34.22
N ALA J 124 -23.38 14.45 34.38
CA ALA J 124 -22.78 14.15 35.68
C ALA J 124 -22.30 15.40 36.42
N GLY J 125 -22.38 16.56 35.79
CA GLY J 125 -21.98 17.81 36.44
C GLY J 125 -22.82 18.00 37.71
N GLU J 126 -22.33 18.79 38.66
CA GLU J 126 -23.08 19.03 39.89
C GLU J 126 -24.52 19.43 39.58
N LYS J 127 -25.50 18.72 40.13
CA LYS J 127 -26.91 19.02 39.84
C LYS J 127 -27.21 20.50 40.10
N GLY J 128 -27.82 21.16 39.13
CA GLY J 128 -28.10 22.57 39.22
C GLY J 128 -27.09 23.41 38.46
N LYS J 129 -25.94 22.82 38.18
CA LYS J 129 -24.87 23.55 37.50
C LYS J 129 -24.52 22.85 36.18
N ARG J 130 -25.51 22.19 35.59
CA ARG J 130 -25.33 21.58 34.28
C ARG J 130 -25.98 22.42 33.20
N PHE J 131 -25.18 22.95 32.29
CA PHE J 131 -25.68 23.90 31.29
C PHE J 131 -25.38 23.50 29.84
N ALA J 132 -26.10 24.14 28.90
CA ALA J 132 -25.81 24.02 27.49
C ALA J 132 -26.01 25.34 26.76
N LEU J 133 -25.20 25.56 25.72
CA LEU J 133 -25.43 26.69 24.85
C LEU J 133 -26.62 26.34 23.96
N PRO J 134 -27.30 27.36 23.40
CA PRO J 134 -28.61 27.12 22.78
C PRO J 134 -28.64 26.11 21.61
N ASN J 135 -27.62 26.07 20.76
CA ASN J 135 -27.67 25.19 19.59
C ASN J 135 -26.78 23.96 19.76
N SER J 136 -26.53 23.60 21.01
CA SER J 136 -25.80 22.36 21.32
C SER J 136 -26.58 21.13 20.90
N ARG J 137 -25.85 20.08 20.53
CA ARG J 137 -26.45 18.79 20.18
C ARG J 137 -26.09 17.74 21.22
N ILE J 138 -27.12 17.13 21.80
CA ILE J 138 -26.91 16.07 22.76
C ILE J 138 -27.42 14.77 22.15
N MET J 139 -26.72 13.68 22.41
CA MET J 139 -27.18 12.38 21.92
C MET J 139 -26.80 11.29 22.90
N ILE J 140 -27.77 10.44 23.20
CA ILE J 140 -27.48 9.31 24.06
C ILE J 140 -27.83 8.00 23.35
N HIS J 141 -27.15 6.94 23.68
CA HIS J 141 -27.36 5.61 23.12
C HIS J 141 -26.63 4.52 23.89
N GLN J 142 -27.00 3.28 23.61
CA GLN J 142 -26.41 2.14 24.30
C GLN J 142 -24.98 1.91 23.82
N PRO J 143 -24.21 1.09 24.56
CA PRO J 143 -22.83 0.91 24.12
C PRO J 143 -22.71 0.36 22.70
N LEU J 144 -21.60 0.76 22.07
CA LEU J 144 -21.22 0.39 20.72
C LEU J 144 -19.82 -0.19 20.76
N ILE J 145 -19.62 -1.32 20.12
CA ILE J 145 -18.29 -1.94 20.14
C ILE J 145 -17.50 -1.61 18.89
N SER J 146 -16.28 -1.14 19.15
CA SER J 146 -15.29 -0.88 18.12
C SER J 146 -14.64 -2.16 17.65
N GLY J 147 -14.41 -2.24 16.35
CA GLY J 147 -13.78 -3.43 15.83
C GLY J 147 -14.80 -4.53 15.93
N GLY J 148 -14.34 -5.63 16.52
CA GLY J 148 -15.15 -6.80 16.71
C GLY J 148 -14.72 -7.53 17.96
N LEU J 149 -15.54 -8.47 18.37
CA LEU J 149 -15.22 -9.43 19.41
C LEU J 149 -14.82 -10.78 18.79
N GLY J 150 -13.56 -11.18 19.02
CA GLY J 150 -12.99 -12.39 18.45
C GLY J 150 -12.26 -13.34 19.40
N GLY J 151 -12.67 -14.60 19.39
CA GLY J 151 -12.04 -15.62 20.22
C GLY J 151 -12.92 -16.85 20.38
N GLN J 152 -12.67 -17.65 21.41
CA GLN J 152 -13.51 -18.83 21.65
C GLN J 152 -14.88 -18.42 22.17
N ALA J 153 -15.87 -19.30 21.98
CA ALA J 153 -17.22 -19.08 22.45
C ALA J 153 -17.25 -18.75 23.94
N SER J 154 -16.42 -19.46 24.71
CA SER J 154 -16.25 -19.21 26.16
C SER J 154 -15.86 -17.76 26.44
N ASP J 155 -14.92 -17.25 25.64
CA ASP J 155 -14.43 -15.88 25.84
C ASP J 155 -15.51 -14.91 25.42
N ILE J 156 -16.21 -15.26 24.36
CA ILE J 156 -17.29 -14.41 23.85
C ILE J 156 -18.44 -14.34 24.87
N GLU J 157 -18.72 -15.46 25.54
CA GLU J 157 -19.76 -15.43 26.55
C GLU J 157 -19.40 -14.45 27.68
N ILE J 158 -18.17 -14.55 28.18
CA ILE J 158 -17.69 -13.70 29.26
C ILE J 158 -17.77 -12.23 28.88
N HIS J 159 -17.32 -11.89 27.68
CA HIS J 159 -17.31 -10.48 27.27
C HIS J 159 -18.72 -9.99 26.96
N ALA J 160 -19.59 -10.87 26.48
CA ALA J 160 -20.98 -10.50 26.23
C ALA J 160 -21.71 -10.19 27.53
N ARG J 161 -21.47 -11.02 28.54
CA ARG J 161 -22.09 -10.81 29.85
C ARG J 161 -21.61 -9.50 30.47
N GLU J 162 -20.34 -9.18 30.26
CA GLU J 162 -19.75 -7.95 30.79
C GLU J 162 -20.34 -6.73 30.08
N LEU J 163 -20.54 -6.84 28.76
CA LEU J 163 -21.11 -5.74 27.99
C LEU J 163 -22.52 -5.39 28.43
N LEU J 164 -23.28 -6.42 28.80
CA LEU J 164 -24.62 -6.22 29.31
C LEU J 164 -24.58 -5.51 30.65
N LYS J 165 -23.58 -5.86 31.45
CA LYS J 165 -23.36 -5.25 32.76
C LYS J 165 -23.05 -3.77 32.64
N ILE J 166 -22.15 -3.46 31.69
CA ILE J 166 -21.77 -2.10 31.37
C ILE J 166 -22.97 -1.30 30.90
N LYS J 167 -23.76 -1.90 30.03
CA LYS J 167 -24.95 -1.26 29.48
C LYS J 167 -25.96 -0.89 30.60
N GLU J 168 -26.20 -1.80 31.52
CA GLU J 168 -27.14 -1.52 32.61
C GLU J 168 -26.59 -0.48 33.59
N LYS J 169 -25.32 -0.62 33.98
CA LYS J 169 -24.70 0.34 34.89
C LYS J 169 -24.82 1.76 34.35
N LEU J 170 -24.48 1.90 33.08
CA LEU J 170 -24.55 3.20 32.40
C LEU J 170 -25.98 3.73 32.36
N ASN J 171 -26.96 2.84 32.15
CA ASN J 171 -28.36 3.24 32.17
C ASN J 171 -28.82 3.62 33.58
N ARG J 172 -28.34 2.90 34.58
CA ARG J 172 -28.65 3.18 35.96
C ARG J 172 -28.06 4.52 36.39
N LEU J 173 -26.79 4.75 36.04
CA LEU J 173 -26.14 5.98 36.45
C LEU J 173 -26.79 7.15 35.74
N MET J 174 -27.11 6.95 34.47
CA MET J 174 -27.74 7.99 33.69
C MET J 174 -29.14 8.34 34.21
N ALA J 175 -29.87 7.33 34.68
CA ALA J 175 -31.22 7.51 35.23
C ALA J 175 -31.18 8.35 36.51
N LYS J 176 -30.16 8.10 37.32
CA LYS J 176 -29.91 8.87 38.52
C LYS J 176 -29.57 10.32 38.16
N HIS J 177 -28.69 10.52 37.17
CA HIS J 177 -28.37 11.89 36.75
C HIS J 177 -29.61 12.67 36.28
N CYS J 178 -30.49 11.99 35.55
CA CYS J 178 -31.60 12.64 34.90
C CYS J 178 -32.84 12.65 35.78
N ASP J 179 -32.74 12.03 36.96
CA ASP J 179 -33.88 11.83 37.85
C ASP J 179 -35.04 11.15 37.13
N ARG J 180 -34.77 10.00 36.53
CA ARG J 180 -35.76 9.26 35.78
C ARG J 180 -35.70 7.80 36.15
N ASP J 181 -36.71 7.04 35.74
CA ASP J 181 -36.72 5.60 36.01
C ASP J 181 -35.72 4.92 35.09
N LEU J 182 -35.10 3.86 35.59
CA LEU J 182 -34.19 3.04 34.81
C LEU J 182 -34.81 2.62 33.47
N ALA J 183 -36.08 2.26 33.50
CA ALA J 183 -36.80 1.80 32.31
C ALA J 183 -36.87 2.89 31.25
N ASP J 184 -36.91 4.14 31.68
CA ASP J 184 -36.97 5.25 30.74
C ASP J 184 -35.67 5.31 29.93
N LEU J 185 -34.53 5.17 30.60
CA LEU J 185 -33.22 5.23 29.94
C LEU J 185 -33.00 4.03 29.02
N GLU J 186 -33.43 2.85 29.46
CA GLU J 186 -33.30 1.65 28.64
C GLU J 186 -34.06 1.83 27.31
N ARG J 187 -35.28 2.36 27.42
CA ARG J 187 -36.10 2.65 26.25
C ARG J 187 -35.44 3.70 25.37
N ASP J 188 -34.93 4.75 26.00
CA ASP J 188 -34.50 5.92 25.28
C ASP J 188 -33.07 5.86 24.76
N THR J 189 -32.37 4.78 25.06
CA THR J 189 -31.00 4.63 24.56
C THR J 189 -30.86 3.45 23.62
N ASP J 190 -31.97 2.80 23.28
CA ASP J 190 -31.93 1.61 22.44
C ASP J 190 -31.32 1.93 21.08
N ARG J 191 -31.66 3.08 20.51
CA ARG J 191 -31.00 3.60 19.32
C ARG J 191 -30.57 5.03 19.54
N ASP J 192 -29.76 5.57 18.63
CA ASP J 192 -29.32 6.97 18.74
C ASP J 192 -30.49 7.90 19.04
N ASN J 193 -30.36 8.67 20.11
CA ASN J 193 -31.40 9.58 20.58
C ASN J 193 -30.85 10.99 20.63
N PHE J 194 -31.16 11.78 19.62
CA PHE J 194 -30.68 13.15 19.55
C PHE J 194 -31.60 14.12 20.33
N MET J 195 -30.98 15.04 21.04
CA MET J 195 -31.72 16.04 21.79
C MET J 195 -31.20 17.45 21.56
N SER J 196 -32.14 18.36 21.35
CA SER J 196 -31.83 19.78 21.43
C SER J 196 -31.55 20.13 22.90
N ALA J 197 -31.05 21.32 23.13
CA ALA J 197 -30.80 21.79 24.50
C ALA J 197 -32.09 21.81 25.35
N GLU J 198 -33.18 22.31 24.77
CA GLU J 198 -34.45 22.40 25.51
C GLU J 198 -34.93 20.99 25.85
N GLU J 199 -34.79 20.06 24.89
CA GLU J 199 -35.21 18.68 25.13
C GLU J 199 -34.37 18.03 26.23
N ALA J 200 -33.08 18.35 26.25
CA ALA J 200 -32.18 17.82 27.27
C ALA J 200 -32.55 18.35 28.67
N LYS J 201 -32.99 19.60 28.72
CA LYS J 201 -33.44 20.20 29.98
C LYS J 201 -34.68 19.45 30.50
N GLU J 202 -35.68 19.28 29.64
CA GLU J 202 -36.89 18.55 30.02
C GLU J 202 -36.59 17.14 30.45
N TYR J 203 -35.63 16.51 29.78
CA TYR J 203 -35.31 15.13 30.08
C TYR J 203 -34.67 15.07 31.45
N GLY J 204 -34.03 16.16 31.86
CA GLY J 204 -33.36 16.21 33.16
C GLY J 204 -31.87 15.99 33.03
N LEU J 205 -31.39 16.08 31.78
CA LEU J 205 -30.00 15.79 31.47
C LEU J 205 -29.10 16.97 31.81
N ILE J 206 -29.61 18.18 31.56
CA ILE J 206 -28.96 19.42 31.98
C ILE J 206 -29.96 20.24 32.78
N ASP J 207 -29.52 21.34 33.39
CA ASP J 207 -30.41 22.14 34.22
C ASP J 207 -30.93 23.40 33.53
N GLN J 208 -30.06 24.12 32.84
CA GLN J 208 -30.48 25.35 32.19
C GLN J 208 -29.77 25.55 30.86
N ILE J 209 -30.45 26.27 29.97
CA ILE J 209 -29.84 26.73 28.73
C ILE J 209 -29.36 28.16 28.88
N LEU J 210 -28.09 28.39 28.63
CA LEU J 210 -27.57 29.76 28.73
C LEU J 210 -27.36 30.34 27.34
N GLU J 211 -28.08 31.41 27.05
CA GLU J 211 -27.94 32.12 25.79
C GLU J 211 -26.83 33.15 25.95
N ASN J 212 -26.78 33.74 27.15
CA ASN J 212 -25.76 34.70 27.52
C ASN J 212 -25.63 34.68 29.04
N ARG J 213 -24.77 35.54 29.58
CA ARG J 213 -24.51 35.54 31.03
C ARG J 213 -25.75 35.87 31.85
N ALA J 214 -26.65 36.65 31.28
CA ALA J 214 -27.90 37.02 31.93
C ALA J 214 -28.83 35.82 32.15
N SER J 215 -28.58 34.71 31.44
CA SER J 215 -29.51 33.60 31.40
C SER J 215 -29.67 32.77 32.68
N LEU J 216 -28.78 32.95 33.65
CA LEU J 216 -28.81 32.10 34.85
C LEU J 216 -30.03 32.37 35.74
N ARG J 217 -30.73 31.32 36.12
CA ARG J 217 -31.89 31.44 36.98
C ARG J 217 -31.85 30.43 38.11
N LEU J 218 -32.84 30.50 39.00
CA LEU J 218 -32.99 29.59 40.14
C LEU J 218 -31.89 29.80 41.19
N VAL K 22 -0.48 20.16 26.67
CA VAL K 22 -0.40 19.96 28.11
C VAL K 22 -0.33 21.29 28.86
N PRO K 23 -1.35 21.58 29.69
CA PRO K 23 -1.44 22.81 30.48
C PRO K 23 -0.21 23.05 31.38
N THR K 24 0.21 24.30 31.49
CA THR K 24 1.33 24.66 32.37
C THR K 24 0.84 25.57 33.52
N VAL K 25 1.43 25.40 34.70
CA VAL K 25 0.96 26.08 35.89
C VAL K 25 2.05 26.82 36.66
N PHE K 36 6.04 24.87 35.28
CA PHE K 36 5.67 23.46 35.41
C PHE K 36 4.50 23.09 34.51
N ASP K 37 4.72 22.09 33.65
CA ASP K 37 3.61 21.44 32.94
C ASP K 37 2.75 20.70 33.96
N ILE K 38 1.53 20.34 33.59
CA ILE K 38 0.56 19.85 34.59
C ILE K 38 1.02 18.59 35.33
N TYR K 39 1.66 17.67 34.62
CA TYR K 39 2.06 16.42 35.24
C TYR K 39 3.27 16.61 36.15
N SER K 40 4.21 17.46 35.74
CA SER K 40 5.35 17.82 36.57
C SER K 40 4.88 18.49 37.87
N ARG K 41 3.84 19.31 37.75
CA ARG K 41 3.21 19.92 38.91
C ARG K 41 2.64 18.89 39.86
N LEU K 42 1.96 17.87 39.32
CA LEU K 42 1.37 16.83 40.15
C LEU K 42 2.45 15.92 40.73
N LEU K 43 3.59 15.84 40.06
CA LEU K 43 4.70 15.06 40.57
C LEU K 43 5.21 15.67 41.87
N LYS K 44 5.04 16.99 41.98
CA LYS K 44 5.37 17.75 43.18
C LYS K 44 4.53 17.28 44.35
N GLU K 45 3.37 16.72 44.02
CA GLU K 45 2.45 16.15 44.99
C GLU K 45 2.71 14.67 45.17
N ARG K 46 3.82 14.20 44.63
CA ARG K 46 4.19 12.78 44.68
C ARG K 46 3.14 11.86 44.01
N ILE K 47 2.43 12.41 43.03
CA ILE K 47 1.52 11.62 42.18
C ILE K 47 2.25 11.15 40.91
N VAL K 48 2.21 9.85 40.67
CA VAL K 48 2.78 9.25 39.47
C VAL K 48 1.69 8.52 38.68
N PHE K 49 1.62 8.77 37.38
CA PHE K 49 0.61 8.15 36.52
C PHE K 49 1.17 7.02 35.65
N LEU K 50 0.41 5.93 35.51
CA LEU K 50 0.57 4.93 34.45
C LEU K 50 -0.73 4.91 33.66
N VAL K 51 -0.67 5.38 32.42
CA VAL K 51 -1.84 5.51 31.56
C VAL K 51 -1.64 4.83 30.22
N GLY K 52 -2.58 3.98 29.82
CA GLY K 52 -2.47 3.27 28.56
C GLY K 52 -1.55 2.07 28.67
N PRO K 53 -1.17 1.48 27.53
CA PRO K 53 -0.35 0.26 27.49
C PRO K 53 0.96 0.37 28.25
N VAL K 54 1.30 -0.69 28.98
CA VAL K 54 2.59 -0.79 29.64
C VAL K 54 3.65 -1.17 28.60
N THR K 55 4.54 -0.22 28.31
CA THR K 55 5.67 -0.51 27.42
C THR K 55 6.98 -0.24 28.15
N ASP K 56 8.09 -0.63 27.51
CA ASP K 56 9.42 -0.35 28.04
C ASP K 56 9.59 1.15 28.36
N GLU K 57 9.15 2.02 27.45
CA GLU K 57 9.30 3.45 27.69
C GLU K 57 8.35 3.98 28.76
N SER K 58 7.09 3.53 28.74
CA SER K 58 6.13 4.03 29.71
C SER K 58 6.47 3.47 31.10
N ALA K 59 6.90 2.20 31.15
CA ALA K 59 7.30 1.60 32.40
C ALA K 59 8.56 2.26 32.95
N ASN K 60 9.58 2.50 32.12
CA ASN K 60 10.78 3.08 32.70
C ASN K 60 10.57 4.52 33.13
N LEU K 61 9.66 5.24 32.46
CA LEU K 61 9.33 6.60 32.88
C LEU K 61 8.71 6.60 34.30
N VAL K 62 7.91 5.58 34.59
CA VAL K 62 7.35 5.39 35.91
C VAL K 62 8.45 5.05 36.91
N VAL K 63 9.33 4.11 36.54
CA VAL K 63 10.45 3.73 37.40
C VAL K 63 11.28 4.97 37.74
N ALA K 64 11.59 5.79 36.73
CA ALA K 64 12.38 6.99 36.93
C ALA K 64 11.68 7.94 37.92
N GLN K 65 10.38 8.10 37.80
CA GLN K 65 9.64 8.99 38.70
C GLN K 65 9.64 8.44 40.12
N LEU K 66 9.54 7.12 40.24
CA LEU K 66 9.59 6.48 41.56
C LEU K 66 10.93 6.72 42.25
N LEU K 67 12.01 6.55 41.49
CA LEU K 67 13.36 6.74 42.01
C LEU K 67 13.59 8.19 42.40
N PHE K 68 13.07 9.10 41.57
CA PHE K 68 13.18 10.53 41.84
C PHE K 68 12.47 10.89 43.14
N LEU K 69 11.23 10.44 43.29
CA LEU K 69 10.44 10.74 44.48
C LEU K 69 11.09 10.18 45.74
N GLU K 70 11.63 8.98 45.63
CA GLU K 70 12.37 8.40 46.74
C GLU K 70 13.56 9.27 47.10
N SER K 71 14.27 9.72 46.07
CA SER K 71 15.43 10.58 46.28
C SER K 71 15.07 11.91 46.95
N GLU K 72 13.95 12.52 46.56
CA GLU K 72 13.51 13.77 47.16
C GLU K 72 13.13 13.58 48.62
N ASN K 73 12.44 12.47 48.87
CA ASN K 73 11.99 12.13 50.22
C ASN K 73 11.67 10.66 50.31
N PRO K 74 12.59 9.88 50.90
CA PRO K 74 12.44 8.41 51.01
C PRO K 74 11.42 7.98 52.06
N ASP K 75 10.90 8.93 52.84
CA ASP K 75 10.06 8.59 53.97
C ASP K 75 8.57 8.90 53.70
N LYS K 76 8.26 9.69 52.68
CA LYS K 76 6.87 9.98 52.35
C LYS K 76 6.28 9.03 51.27
N ASP K 77 5.01 8.70 51.44
CA ASP K 77 4.28 7.85 50.53
C ASP K 77 4.29 8.37 49.09
N ILE K 78 4.23 7.46 48.12
CA ILE K 78 4.04 7.83 46.72
C ILE K 78 2.65 7.36 46.25
N PHE K 79 1.98 8.18 45.45
CA PHE K 79 0.65 7.82 44.99
C PHE K 79 0.70 7.49 43.49
N PHE K 80 0.52 6.20 43.20
CA PHE K 80 0.65 5.64 41.84
C PHE K 80 -0.75 5.47 41.25
N TYR K 81 -1.13 6.38 40.35
CA TYR K 81 -2.44 6.35 39.73
C TYR K 81 -2.40 5.52 38.44
N ILE K 82 -3.25 4.50 38.37
CA ILE K 82 -3.22 3.52 37.28
C ILE K 82 -4.51 3.53 36.47
N ASN K 83 -4.36 3.82 35.19
CA ASN K 83 -5.40 3.63 34.19
C ASN K 83 -4.78 2.94 32.97
N SER K 84 -4.81 1.61 32.99
CA SER K 84 -4.03 0.83 32.02
C SER K 84 -4.65 -0.54 31.71
N PRO K 85 -4.60 -0.96 30.44
CA PRO K 85 -5.07 -2.29 30.05
C PRO K 85 -3.99 -3.37 30.19
N GLY K 86 -2.83 -2.98 30.69
CA GLY K 86 -1.69 -3.88 30.82
C GLY K 86 -0.69 -3.68 29.69
N GLY K 87 0.10 -4.71 29.40
CA GLY K 87 1.10 -4.67 28.35
C GLY K 87 2.22 -5.67 28.58
N SER K 88 3.45 -5.26 28.32
CA SER K 88 4.62 -6.12 28.47
C SER K 88 4.83 -6.58 29.90
N VAL K 89 5.03 -7.88 30.07
CA VAL K 89 5.25 -8.49 31.37
C VAL K 89 6.54 -8.02 32.02
N THR K 90 7.63 -8.01 31.25
CA THR K 90 8.90 -7.60 31.79
C THR K 90 8.88 -6.13 32.11
N ALA K 91 8.21 -5.35 31.28
CA ALA K 91 8.11 -3.93 31.55
C ALA K 91 7.33 -3.69 32.84
N GLY K 92 6.22 -4.41 33.00
CA GLY K 92 5.42 -4.34 34.21
C GLY K 92 6.23 -4.75 35.42
N MET K 93 7.01 -5.81 35.27
CA MET K 93 7.85 -6.30 36.36
C MET K 93 8.89 -5.29 36.82
N SER K 94 9.40 -4.46 35.91
CA SER K 94 10.40 -3.48 36.28
C SER K 94 9.80 -2.46 37.25
N ILE K 95 8.54 -2.09 37.00
CA ILE K 95 7.80 -1.21 37.89
C ILE K 95 7.57 -1.88 39.26
N TYR K 96 7.10 -3.13 39.19
CA TYR K 96 6.81 -3.93 40.38
C TYR K 96 8.01 -4.01 41.33
N ASP K 97 9.15 -4.43 40.79
CA ASP K 97 10.36 -4.59 41.58
C ASP K 97 10.83 -3.24 42.11
N THR K 98 10.60 -2.18 41.36
CA THR K 98 10.99 -0.85 41.82
C THR K 98 10.07 -0.39 42.95
N MET K 99 8.77 -0.66 42.82
CA MET K 99 7.81 -0.37 43.89
C MET K 99 8.22 -1.04 45.19
N ASN K 100 8.64 -2.29 45.09
CA ASN K 100 9.01 -3.04 46.28
C ASN K 100 10.39 -2.67 46.79
N PHE K 101 11.26 -2.23 45.88
CA PHE K 101 12.65 -1.90 46.25
C PHE K 101 12.79 -0.56 46.98
N ILE K 102 12.05 0.46 46.53
CA ILE K 102 12.24 1.79 47.10
C ILE K 102 11.67 1.86 48.52
N LYS K 103 12.22 2.76 49.34
CA LYS K 103 11.77 2.84 50.73
C LYS K 103 10.33 3.30 50.88
N PRO K 104 9.93 4.39 50.20
CA PRO K 104 8.55 4.83 50.40
C PRO K 104 7.47 3.80 50.02
N ASP K 105 6.41 3.80 50.82
CA ASP K 105 5.20 3.07 50.51
C ASP K 105 4.67 3.63 49.21
N VAL K 106 4.37 2.72 48.28
CA VAL K 106 3.70 3.12 47.05
C VAL K 106 2.21 2.78 47.16
N SER K 107 1.39 3.80 47.35
CA SER K 107 -0.06 3.64 47.36
C SER K 107 -0.56 3.62 45.92
N THR K 108 -1.51 2.74 45.62
CA THR K 108 -2.02 2.67 44.26
C THR K 108 -3.49 3.06 44.20
N LEU K 109 -3.85 3.73 43.11
CA LEU K 109 -5.24 4.07 42.86
C LEU K 109 -5.62 3.75 41.42
N CYS K 110 -6.66 2.96 41.24
CA CYS K 110 -7.18 2.68 39.90
C CYS K 110 -8.24 3.71 39.51
N LEU K 111 -8.03 4.35 38.37
CA LEU K 111 -9.09 5.17 37.80
C LEU K 111 -9.26 4.68 36.37
N GLY K 112 -10.51 4.58 35.91
CA GLY K 112 -10.81 4.04 34.60
C GLY K 112 -10.69 2.53 34.59
N GLN K 113 -9.48 2.03 34.38
CA GLN K 113 -9.32 0.59 34.38
C GLN K 113 -7.93 0.17 34.82
N ALA K 114 -7.87 -1.04 35.36
CA ALA K 114 -6.62 -1.74 35.62
C ALA K 114 -6.82 -3.19 35.20
N ALA K 115 -6.28 -3.54 34.04
CA ALA K 115 -6.45 -4.86 33.48
C ALA K 115 -5.10 -5.54 33.23
N SER K 116 -5.07 -6.86 33.37
CA SER K 116 -3.85 -7.65 33.17
C SER K 116 -2.74 -7.07 34.06
N MET K 117 -1.62 -6.69 33.44
CA MET K 117 -0.48 -6.15 34.17
C MET K 117 -0.85 -4.88 34.95
N GLY K 118 -1.83 -4.13 34.45
CA GLY K 118 -2.36 -3.00 35.17
C GLY K 118 -2.96 -3.42 36.52
N ALA K 119 -3.69 -4.53 36.50
CA ALA K 119 -4.30 -5.06 37.73
C ALA K 119 -3.25 -5.64 38.67
N PHE K 120 -2.23 -6.29 38.10
CA PHE K 120 -1.11 -6.82 38.87
C PHE K 120 -0.47 -5.67 39.67
N LEU K 121 -0.13 -4.58 38.96
CA LEU K 121 0.50 -3.43 39.60
C LEU K 121 -0.41 -2.74 40.61
N LEU K 122 -1.69 -2.63 40.29
CA LEU K 122 -2.67 -2.08 41.24
C LEU K 122 -2.64 -2.87 42.55
N SER K 123 -2.64 -4.20 42.42
CA SER K 123 -2.66 -5.12 43.55
C SER K 123 -1.35 -5.19 44.32
N ALA K 124 -0.28 -4.64 43.73
CA ALA K 124 1.06 -4.66 44.30
C ALA K 124 1.37 -3.46 45.20
N GLY K 125 0.48 -2.47 45.21
CA GLY K 125 0.67 -1.31 46.08
C GLY K 125 0.72 -1.72 47.55
N GLU K 126 1.30 -0.87 48.39
CA GLU K 126 1.42 -1.19 49.81
C GLU K 126 0.08 -1.65 50.40
N LYS K 127 0.08 -2.83 51.02
CA LYS K 127 -1.14 -3.38 51.63
C LYS K 127 -1.77 -2.37 52.59
N GLY K 128 -3.05 -2.11 52.42
CA GLY K 128 -3.73 -1.10 53.21
C GLY K 128 -3.88 0.18 52.43
N LYS K 129 -3.07 0.35 51.38
CA LYS K 129 -3.06 1.58 50.61
C LYS K 129 -3.35 1.36 49.12
N ARG K 130 -4.12 0.32 48.81
CA ARG K 130 -4.54 0.05 47.44
C ARG K 130 -6.00 0.43 47.27
N PHE K 131 -6.25 1.39 46.39
CA PHE K 131 -7.60 1.94 46.25
C PHE K 131 -8.12 1.88 44.82
N ALA K 132 -9.43 2.04 44.66
CA ALA K 132 -10.00 2.23 43.34
C ALA K 132 -11.16 3.19 43.43
N LEU K 133 -11.36 3.95 42.36
CA LEU K 133 -12.55 4.79 42.27
C LEU K 133 -13.74 3.87 41.96
N PRO K 134 -14.98 4.30 42.27
CA PRO K 134 -16.12 3.37 42.31
C PRO K 134 -16.42 2.66 40.99
N ASN K 135 -16.25 3.35 39.87
CA ASN K 135 -16.65 2.76 38.61
C ASN K 135 -15.49 2.23 37.77
N SER K 136 -14.38 1.93 38.44
CA SER K 136 -13.21 1.31 37.85
C SER K 136 -13.51 -0.09 37.35
N ARG K 137 -12.85 -0.47 36.27
CA ARG K 137 -12.99 -1.83 35.78
C ARG K 137 -11.65 -2.54 35.99
N ILE K 138 -11.69 -3.65 36.71
CA ILE K 138 -10.51 -4.44 36.95
C ILE K 138 -10.67 -5.77 36.22
N MET K 139 -9.60 -6.26 35.60
CA MET K 139 -9.68 -7.54 34.91
C MET K 139 -8.35 -8.26 35.03
N ILE K 140 -8.43 -9.54 35.33
CA ILE K 140 -7.24 -10.36 35.45
C ILE K 140 -7.41 -11.56 34.51
N HIS K 141 -6.32 -12.11 34.06
CA HIS K 141 -6.29 -13.27 33.19
C HIS K 141 -4.90 -13.86 33.04
N GLN K 142 -4.80 -15.01 32.39
CA GLN K 142 -3.49 -15.63 32.18
C GLN K 142 -2.71 -14.95 31.05
N PRO K 143 -1.40 -15.23 30.94
CA PRO K 143 -0.67 -14.56 29.85
C PRO K 143 -1.26 -14.83 28.47
N LEU K 144 -1.11 -13.83 27.61
CA LEU K 144 -1.58 -13.90 26.24
C LEU K 144 -0.38 -13.43 25.43
N ILE K 145 0.01 -14.20 24.42
CA ILE K 145 1.18 -13.83 23.64
C ILE K 145 0.74 -13.11 22.37
N SER K 146 1.34 -11.95 22.13
CA SER K 146 1.11 -11.22 20.90
C SER K 146 2.06 -11.71 19.84
N GLY K 147 1.56 -11.78 18.62
CA GLY K 147 2.36 -12.30 17.53
C GLY K 147 2.39 -13.79 17.76
N GLY K 148 3.55 -14.40 17.61
CA GLY K 148 3.67 -15.83 17.75
C GLY K 148 5.01 -16.36 18.19
N LEU K 149 5.03 -17.66 18.47
CA LEU K 149 6.26 -18.42 18.65
C LEU K 149 6.64 -19.12 17.34
N GLY K 150 7.74 -18.69 16.72
CA GLY K 150 8.16 -19.23 15.45
C GLY K 150 9.63 -19.60 15.42
N GLY K 151 9.92 -20.85 15.05
CA GLY K 151 11.28 -21.34 14.98
C GLY K 151 11.28 -22.86 14.97
N GLN K 152 12.40 -23.47 15.36
CA GLN K 152 12.48 -24.93 15.47
C GLN K 152 11.70 -25.41 16.68
N ALA K 153 11.25 -26.66 16.63
CA ALA K 153 10.51 -27.25 17.74
C ALA K 153 11.30 -27.15 19.05
N SER K 154 12.63 -27.32 18.97
CA SER K 154 13.48 -27.14 20.14
C SER K 154 13.31 -25.75 20.77
N ASP K 155 13.29 -24.73 19.93
CA ASP K 155 13.21 -23.36 20.40
C ASP K 155 11.84 -23.08 21.00
N ILE K 156 10.81 -23.64 20.38
CA ILE K 156 9.44 -23.49 20.85
C ILE K 156 9.25 -24.17 22.20
N GLU K 157 9.89 -25.31 22.38
CA GLU K 157 9.83 -26.03 23.63
C GLU K 157 10.40 -25.17 24.77
N ILE K 158 11.56 -24.57 24.52
CA ILE K 158 12.20 -23.69 25.50
C ILE K 158 11.29 -22.53 25.86
N HIS K 159 10.69 -21.91 24.85
CA HIS K 159 9.84 -20.75 25.09
C HIS K 159 8.49 -21.11 25.69
N ALA K 160 7.97 -22.29 25.37
CA ALA K 160 6.74 -22.73 26.01
C ALA K 160 6.96 -23.02 27.49
N ARG K 161 8.06 -23.70 27.79
CA ARG K 161 8.38 -24.01 29.18
C ARG K 161 8.59 -22.71 29.95
N GLU K 162 9.18 -21.74 29.28
CA GLU K 162 9.43 -20.45 29.89
C GLU K 162 8.10 -19.73 30.18
N LEU K 163 7.15 -19.82 29.24
CA LEU K 163 5.84 -19.19 29.40
C LEU K 163 5.07 -19.79 30.59
N LEU K 164 5.26 -21.10 30.81
CA LEU K 164 4.62 -21.80 31.92
C LEU K 164 5.11 -21.32 33.28
N LYS K 165 6.40 -21.03 33.35
CA LYS K 165 7.05 -20.47 34.54
C LYS K 165 6.55 -19.05 34.83
N ILE K 166 6.44 -18.25 33.77
CA ILE K 166 5.88 -16.91 33.90
C ILE K 166 4.45 -16.94 34.43
N LYS K 167 3.63 -17.81 33.84
CA LYS K 167 2.24 -17.97 34.22
C LYS K 167 2.12 -18.35 35.70
N GLU K 168 2.94 -19.30 36.13
CA GLU K 168 2.96 -19.78 37.50
C GLU K 168 3.44 -18.69 38.44
N LYS K 169 4.54 -18.04 38.06
CA LYS K 169 5.14 -16.96 38.83
C LYS K 169 4.14 -15.83 39.08
N LEU K 170 3.45 -15.40 38.03
CA LEU K 170 2.46 -14.32 38.14
C LEU K 170 1.25 -14.73 39.02
N ASN K 171 0.82 -15.98 38.93
CA ASN K 171 -0.29 -16.46 39.76
C ASN K 171 0.10 -16.54 41.22
N ARG K 172 1.34 -16.95 41.47
CA ARG K 172 1.87 -17.02 42.82
C ARG K 172 1.99 -15.64 43.43
N LEU K 173 2.51 -14.68 42.67
CA LEU K 173 2.65 -13.32 43.19
C LEU K 173 1.30 -12.68 43.41
N MET K 174 0.38 -12.92 42.48
CA MET K 174 -0.96 -12.36 42.58
C MET K 174 -1.68 -12.96 43.79
N ALA K 175 -1.45 -14.25 44.03
CA ALA K 175 -2.06 -14.96 45.14
C ALA K 175 -1.59 -14.33 46.45
N LYS K 176 -0.31 -13.97 46.51
CA LYS K 176 0.23 -13.27 47.66
C LYS K 176 -0.43 -11.90 47.86
N HIS K 177 -0.52 -11.13 46.78
CA HIS K 177 -1.17 -9.82 46.82
C HIS K 177 -2.60 -9.90 47.32
N CYS K 178 -3.31 -10.94 46.90
CA CYS K 178 -4.73 -11.02 47.17
C CYS K 178 -5.05 -11.77 48.47
N ASP K 179 -4.00 -12.27 49.12
CA ASP K 179 -4.18 -13.12 50.28
C ASP K 179 -5.15 -14.24 49.90
N ARG K 180 -4.85 -14.89 48.79
CA ARG K 180 -5.73 -15.93 48.25
C ARG K 180 -4.88 -17.15 47.99
N ASP K 181 -5.51 -18.31 47.88
CA ASP K 181 -4.69 -19.47 47.62
C ASP K 181 -4.30 -19.48 46.15
N LEU K 182 -3.10 -20.00 45.87
CA LEU K 182 -2.62 -20.16 44.52
C LEU K 182 -3.64 -20.86 43.62
N ALA K 183 -4.30 -21.90 44.13
CA ALA K 183 -5.25 -22.67 43.33
C ALA K 183 -6.39 -21.80 42.86
N ASP K 184 -6.77 -20.81 43.67
CA ASP K 184 -7.82 -19.87 43.29
C ASP K 184 -7.36 -18.98 42.15
N LEU K 185 -6.13 -18.47 42.24
CA LEU K 185 -5.63 -17.58 41.17
C LEU K 185 -5.54 -18.34 39.86
N GLU K 186 -5.10 -19.60 39.92
CA GLU K 186 -5.01 -20.45 38.73
C GLU K 186 -6.38 -20.66 38.09
N ARG K 187 -7.37 -21.00 38.91
CA ARG K 187 -8.73 -21.20 38.45
C ARG K 187 -9.32 -19.92 37.88
N ASP K 188 -9.12 -18.81 38.60
CA ASP K 188 -9.85 -17.60 38.30
C ASP K 188 -9.24 -16.78 37.17
N THR K 189 -8.07 -17.19 36.68
CA THR K 189 -7.43 -16.43 35.61
C THR K 189 -7.34 -17.22 34.31
N ASP K 190 -7.99 -18.37 34.27
CA ASP K 190 -7.94 -19.20 33.08
C ASP K 190 -8.53 -18.45 31.89
N ARG K 191 -9.61 -17.71 32.11
CA ARG K 191 -10.14 -16.82 31.06
C ARG K 191 -10.36 -15.43 31.65
N ASP K 192 -10.59 -14.43 30.79
CA ASP K 192 -10.81 -13.06 31.23
C ASP K 192 -11.77 -12.99 32.42
N ASN K 193 -11.33 -12.38 33.51
CA ASN K 193 -12.13 -12.28 34.73
C ASN K 193 -12.29 -10.82 35.11
N PHE K 194 -13.48 -10.27 34.80
CA PHE K 194 -13.82 -8.87 35.06
C PHE K 194 -14.37 -8.71 36.47
N MET K 195 -13.92 -7.66 37.17
CA MET K 195 -14.39 -7.33 38.52
C MET K 195 -14.73 -5.86 38.63
N SER K 196 -15.86 -5.56 39.27
CA SER K 196 -16.13 -4.19 39.68
C SER K 196 -15.18 -3.82 40.82
N ALA K 197 -15.15 -2.55 41.20
CA ALA K 197 -14.28 -2.15 42.31
C ALA K 197 -14.60 -2.91 43.59
N GLU K 198 -15.88 -3.04 43.91
CA GLU K 198 -16.25 -3.71 45.15
C GLU K 198 -15.85 -5.18 45.08
N GLU K 199 -16.04 -5.81 43.92
CA GLU K 199 -15.68 -7.20 43.76
C GLU K 199 -14.17 -7.36 43.89
N ALA K 200 -13.43 -6.37 43.39
CA ALA K 200 -11.98 -6.38 43.47
C ALA K 200 -11.51 -6.32 44.94
N LYS K 201 -12.21 -5.53 45.73
CA LYS K 201 -11.93 -5.46 47.15
C LYS K 201 -12.20 -6.81 47.81
N GLU K 202 -13.38 -7.35 47.53
CA GLU K 202 -13.77 -8.65 48.09
C GLU K 202 -12.76 -9.73 47.69
N TYR K 203 -12.23 -9.63 46.47
CA TYR K 203 -11.27 -10.61 46.00
C TYR K 203 -9.93 -10.50 46.73
N GLY K 204 -9.66 -9.31 47.27
CA GLY K 204 -8.44 -9.06 48.00
C GLY K 204 -7.43 -8.31 47.16
N LEU K 205 -7.90 -7.80 46.02
CA LEU K 205 -7.02 -7.14 45.06
C LEU K 205 -6.68 -5.70 45.45
N ILE K 206 -7.66 -5.01 46.02
CA ILE K 206 -7.49 -3.65 46.57
C ILE K 206 -7.99 -3.64 48.01
N ASP K 207 -7.78 -2.54 48.71
CA ASP K 207 -8.22 -2.46 50.11
C ASP K 207 -9.49 -1.66 50.28
N GLN K 208 -9.61 -0.53 49.59
CA GLN K 208 -10.78 0.31 49.80
C GLN K 208 -11.26 0.91 48.49
N ILE K 209 -12.57 1.17 48.42
CA ILE K 209 -13.13 1.94 47.32
C ILE K 209 -13.32 3.37 47.78
N LEU K 210 -12.77 4.33 47.04
CA LEU K 210 -12.95 5.73 47.42
C LEU K 210 -13.98 6.43 46.55
N GLU K 211 -15.06 6.91 47.16
CA GLU K 211 -16.08 7.64 46.42
C GLU K 211 -15.75 9.12 46.40
N ASN K 212 -15.26 9.59 47.54
CA ASN K 212 -14.81 10.97 47.67
C ASN K 212 -13.81 11.00 48.79
N ARG K 213 -13.26 12.18 49.08
CA ARG K 213 -12.24 12.28 50.11
C ARG K 213 -12.76 11.95 51.51
N ALA K 214 -14.06 12.13 51.75
CA ALA K 214 -14.67 11.73 53.02
C ALA K 214 -14.52 10.23 53.29
N SER K 215 -14.50 9.42 52.23
CA SER K 215 -14.36 7.98 52.42
C SER K 215 -12.91 7.53 52.25
N PRO L 23 8.67 14.30 32.29
CA PRO L 23 8.35 15.49 33.10
C PRO L 23 9.60 16.29 33.51
N THR L 24 9.40 17.55 33.89
CA THR L 24 10.47 18.45 34.30
C THR L 24 10.47 18.62 35.83
N VAL L 25 11.64 18.75 36.43
CA VAL L 25 11.73 18.82 37.89
C VAL L 25 12.84 19.72 38.44
N ILE L 26 12.45 20.86 39.02
CA ILE L 26 13.31 21.60 39.95
C ILE L 26 12.46 22.11 41.11
N PHE L 36 15.30 20.68 34.04
CA PHE L 36 15.71 19.29 34.09
C PHE L 36 14.58 18.33 33.73
N ASP L 37 14.76 17.53 32.69
CA ASP L 37 13.84 16.40 32.49
C ASP L 37 14.19 15.34 33.54
N ILE L 38 13.28 14.38 33.74
CA ILE L 38 13.44 13.43 34.82
C ILE L 38 14.71 12.59 34.65
N TYR L 39 15.11 12.32 33.41
CA TYR L 39 16.28 11.50 33.16
C TYR L 39 17.56 12.31 33.40
N SER L 40 17.49 13.60 33.08
CA SER L 40 18.56 14.52 33.40
C SER L 40 18.73 14.63 34.91
N ARG L 41 17.61 14.66 35.61
CA ARG L 41 17.64 14.77 37.06
C ARG L 41 18.33 13.56 37.68
N LEU L 42 18.04 12.37 37.17
CA LEU L 42 18.62 11.14 37.73
C LEU L 42 20.09 10.97 37.38
N LEU L 43 20.51 11.64 36.32
CA LEU L 43 21.92 11.69 35.93
C LEU L 43 22.74 12.33 37.06
N LYS L 44 22.09 13.20 37.83
CA LYS L 44 22.71 13.79 39.00
C LYS L 44 23.02 12.70 40.02
N GLU L 45 22.14 11.71 40.11
CA GLU L 45 22.39 10.53 40.93
C GLU L 45 23.44 9.60 40.31
N ARG L 46 23.94 9.95 39.14
CA ARG L 46 24.83 9.07 38.38
C ARG L 46 24.11 7.78 37.99
N ILE L 47 22.82 7.93 37.69
CA ILE L 47 22.02 6.86 37.11
C ILE L 47 21.93 7.00 35.58
N VAL L 48 22.32 5.94 34.85
CA VAL L 48 22.17 5.91 33.39
C VAL L 48 21.32 4.70 33.00
N PHE L 49 20.33 4.92 32.12
CA PHE L 49 19.48 3.81 31.70
C PHE L 49 19.81 3.29 30.29
N LEU L 50 19.65 1.98 30.12
CA LEU L 50 19.55 1.38 28.79
C LEU L 50 18.22 0.66 28.73
N VAL L 51 17.34 1.09 27.84
CA VAL L 51 15.98 0.57 27.81
C VAL L 51 15.50 0.31 26.39
N GLY L 52 15.01 -0.90 26.15
CA GLY L 52 14.62 -1.29 24.81
C GLY L 52 15.82 -1.75 24.00
N PRO L 53 15.62 -1.94 22.68
CA PRO L 53 16.64 -2.47 21.76
C PRO L 53 17.90 -1.61 21.73
N VAL L 54 19.04 -2.27 21.71
CA VAL L 54 20.31 -1.55 21.62
C VAL L 54 20.55 -1.20 20.16
N THR L 55 20.54 0.10 19.85
CA THR L 55 20.82 0.61 18.51
C THR L 55 22.06 1.48 18.59
N ASP L 56 22.62 1.87 17.45
CA ASP L 56 23.72 2.85 17.46
C ASP L 56 23.37 4.11 18.23
N GLU L 57 22.17 4.64 18.01
CA GLU L 57 21.79 5.88 18.65
C GLU L 57 21.58 5.67 20.15
N SER L 58 20.88 4.60 20.52
CA SER L 58 20.60 4.36 21.95
C SER L 58 21.92 4.05 22.65
N ALA L 59 22.78 3.24 22.02
CA ALA L 59 24.05 2.90 22.66
C ALA L 59 24.98 4.11 22.82
N ASN L 60 25.02 4.98 21.81
CA ASN L 60 25.91 6.13 21.93
C ASN L 60 25.41 7.20 22.90
N LEU L 61 24.11 7.22 23.13
CA LEU L 61 23.55 8.12 24.13
C LEU L 61 23.99 7.62 25.51
N VAL L 62 24.05 6.31 25.71
CA VAL L 62 24.62 5.76 26.94
C VAL L 62 26.12 6.08 27.05
N VAL L 63 26.83 5.97 25.93
CA VAL L 63 28.26 6.22 25.93
C VAL L 63 28.52 7.65 26.34
N ALA L 64 27.69 8.53 25.79
CA ALA L 64 27.84 9.94 26.00
C ALA L 64 27.59 10.27 27.49
N GLN L 65 26.62 9.59 28.10
CA GLN L 65 26.33 9.81 29.52
C GLN L 65 27.46 9.31 30.42
N LEU L 66 28.03 8.16 30.06
CA LEU L 66 29.14 7.61 30.81
C LEU L 66 30.32 8.58 30.82
N LEU L 67 30.65 9.12 29.65
CA LEU L 67 31.81 9.98 29.50
C LEU L 67 31.61 11.26 30.30
N PHE L 68 30.37 11.77 30.25
CA PHE L 68 30.02 12.98 30.97
C PHE L 68 30.06 12.78 32.48
N LEU L 69 29.62 11.62 32.94
CA LEU L 69 29.62 11.34 34.39
C LEU L 69 31.06 11.20 34.87
N GLU L 70 31.91 10.58 34.03
CA GLU L 70 33.34 10.52 34.33
C GLU L 70 33.99 11.90 34.46
N SER L 71 33.61 12.82 33.59
CA SER L 71 34.19 14.17 33.61
C SER L 71 33.69 14.95 34.81
N GLU L 72 32.44 14.70 35.19
CA GLU L 72 31.88 15.29 36.40
C GLU L 72 32.68 14.85 37.60
N ASN L 73 32.94 13.55 37.69
CA ASN L 73 33.66 12.98 38.82
C ASN L 73 34.17 11.60 38.43
N PRO L 74 35.49 11.50 38.17
CA PRO L 74 36.06 10.24 37.66
C PRO L 74 36.16 9.17 38.76
N ASP L 75 35.83 9.55 39.99
CA ASP L 75 36.13 8.68 41.11
C ASP L 75 34.89 7.94 41.62
N LYS L 76 33.71 8.55 41.45
CA LYS L 76 32.48 7.96 41.99
C LYS L 76 31.87 6.89 41.07
N ASP L 77 31.18 5.92 41.68
CA ASP L 77 30.53 4.86 40.92
C ASP L 77 29.44 5.41 40.03
N ILE L 78 29.28 4.82 38.86
CA ILE L 78 28.10 5.08 38.04
C ILE L 78 27.12 3.89 38.17
N PHE L 79 25.83 4.18 38.15
CA PHE L 79 24.82 3.14 38.28
C PHE L 79 24.05 2.96 36.96
N PHE L 80 24.30 1.84 36.29
CA PHE L 80 23.83 1.55 34.92
C PHE L 80 22.65 0.60 34.98
N TYR L 81 21.45 1.15 34.79
CA TYR L 81 20.21 0.39 34.91
C TYR L 81 19.81 -0.20 33.55
N ILE L 82 19.71 -1.52 33.48
CA ILE L 82 19.48 -2.20 32.20
C ILE L 82 18.12 -2.91 32.15
N ASN L 83 17.25 -2.43 31.27
CA ASN L 83 16.03 -3.14 30.89
C ASN L 83 16.00 -3.24 29.35
N SER L 84 16.58 -4.31 28.81
CA SER L 84 16.76 -4.41 27.37
C SER L 84 16.79 -5.85 26.85
N PRO L 85 16.14 -6.10 25.69
CA PRO L 85 16.19 -7.40 24.98
C PRO L 85 17.47 -7.61 24.19
N GLY L 86 18.35 -6.63 24.18
CA GLY L 86 19.57 -6.72 23.40
C GLY L 86 19.47 -5.90 22.12
N GLY L 87 20.29 -6.24 21.13
CA GLY L 87 20.27 -5.54 19.85
C GLY L 87 21.55 -5.66 19.05
N SER L 88 21.97 -4.55 18.45
CA SER L 88 23.18 -4.53 17.62
C SER L 88 24.40 -4.90 18.43
N VAL L 89 25.16 -5.87 17.94
CA VAL L 89 26.36 -6.31 18.63
C VAL L 89 27.40 -5.20 18.70
N THR L 90 27.67 -4.53 17.56
CA THR L 90 28.67 -3.47 17.58
C THR L 90 28.21 -2.32 18.52
N ALA L 91 26.94 -1.97 18.48
CA ALA L 91 26.42 -0.90 19.31
C ALA L 91 26.65 -1.24 20.79
N GLY L 92 26.33 -2.48 21.16
CA GLY L 92 26.55 -2.98 22.50
C GLY L 92 28.02 -2.94 22.89
N MET L 93 28.90 -3.34 21.99
CA MET L 93 30.34 -3.33 22.24
C MET L 93 30.86 -1.93 22.48
N SER L 94 30.24 -0.92 21.86
CA SER L 94 30.60 0.45 22.14
C SER L 94 30.36 0.80 23.61
N ILE L 95 29.26 0.27 24.15
CA ILE L 95 28.95 0.49 25.57
C ILE L 95 29.93 -0.28 26.44
N TYR L 96 30.09 -1.56 26.14
CA TYR L 96 30.98 -2.43 26.90
C TYR L 96 32.38 -1.82 27.05
N ASP L 97 33.03 -1.54 25.92
CA ASP L 97 34.38 -1.00 25.94
C ASP L 97 34.48 0.33 26.70
N THR L 98 33.48 1.19 26.53
CA THR L 98 33.40 2.45 27.28
C THR L 98 33.33 2.20 28.78
N MET L 99 32.55 1.19 29.18
CA MET L 99 32.41 0.79 30.59
C MET L 99 33.76 0.40 31.15
N ASN L 100 34.56 -0.30 30.35
CA ASN L 100 35.84 -0.77 30.84
C ASN L 100 36.89 0.31 30.74
N PHE L 101 36.66 1.26 29.85
CA PHE L 101 37.63 2.30 29.57
C PHE L 101 37.62 3.36 30.68
N ILE L 102 36.43 3.83 31.04
CA ILE L 102 36.35 4.96 31.95
C ILE L 102 36.83 4.59 33.35
N LYS L 103 37.21 5.62 34.11
CA LYS L 103 37.76 5.38 35.42
C LYS L 103 36.73 4.94 36.46
N PRO L 104 35.52 5.55 36.48
CA PRO L 104 34.55 5.08 37.49
C PRO L 104 34.15 3.62 37.36
N ASP L 105 33.89 2.94 38.49
CA ASP L 105 33.27 1.62 38.44
C ASP L 105 31.86 1.76 37.88
N VAL L 106 31.49 0.84 36.99
CA VAL L 106 30.12 0.86 36.53
C VAL L 106 29.37 -0.32 37.13
N SER L 107 28.51 0.01 38.09
CA SER L 107 27.63 -0.96 38.72
C SER L 107 26.49 -1.19 37.76
N THR L 108 26.03 -2.43 37.62
CA THR L 108 24.87 -2.68 36.77
C THR L 108 23.70 -3.24 37.59
N LEU L 109 22.49 -2.83 37.21
CA LEU L 109 21.27 -3.35 37.82
C LEU L 109 20.26 -3.72 36.74
N CYS L 110 19.90 -4.99 36.69
CA CYS L 110 18.82 -5.43 35.81
C CYS L 110 17.46 -5.21 36.47
N LEU L 111 16.60 -4.46 35.79
CA LEU L 111 15.17 -4.43 36.09
C LEU L 111 14.37 -4.79 34.85
N GLY L 112 13.33 -5.59 35.02
CA GLY L 112 12.54 -6.06 33.90
C GLY L 112 13.19 -7.25 33.23
N GLN L 113 14.12 -6.98 32.32
CA GLN L 113 14.88 -8.03 31.65
C GLN L 113 16.28 -7.61 31.19
N ALA L 114 17.18 -8.57 31.06
CA ALA L 114 18.47 -8.37 30.39
C ALA L 114 18.73 -9.59 29.50
N ALA L 115 18.52 -9.43 28.20
CA ALA L 115 18.59 -10.57 27.31
C ALA L 115 19.60 -10.29 26.21
N SER L 116 20.31 -11.32 25.79
CA SER L 116 21.34 -11.17 24.75
C SER L 116 22.33 -10.07 25.12
N MET L 117 22.53 -9.07 24.25
CA MET L 117 23.49 -8.00 24.55
C MET L 117 23.14 -7.26 25.85
N GLY L 118 21.85 -7.29 26.19
CA GLY L 118 21.42 -6.78 27.48
C GLY L 118 22.08 -7.54 28.62
N ALA L 119 22.05 -8.87 28.53
CA ALA L 119 22.67 -9.75 29.53
C ALA L 119 24.19 -9.60 29.50
N PHE L 120 24.74 -9.43 28.31
CA PHE L 120 26.18 -9.19 28.17
C PHE L 120 26.60 -7.94 28.97
N LEU L 121 25.92 -6.84 28.74
CA LEU L 121 26.28 -5.60 29.39
C LEU L 121 26.08 -5.72 30.90
N LEU L 122 25.00 -6.39 31.32
CA LEU L 122 24.74 -6.60 32.75
C LEU L 122 25.90 -7.33 33.42
N SER L 123 26.32 -8.44 32.82
CA SER L 123 27.41 -9.23 33.35
C SER L 123 28.75 -8.50 33.21
N ALA L 124 28.75 -7.33 32.57
CA ALA L 124 29.96 -6.56 32.36
C ALA L 124 30.20 -5.52 33.45
N GLY L 125 29.24 -5.37 34.36
CA GLY L 125 29.38 -4.43 35.47
C GLY L 125 30.62 -4.77 36.28
N GLU L 126 31.12 -3.79 37.03
CA GLU L 126 32.26 -4.03 37.91
C GLU L 126 31.94 -5.20 38.84
N LYS L 127 32.81 -6.20 38.86
CA LYS L 127 32.64 -7.41 39.67
C LYS L 127 32.41 -7.03 41.13
N GLY L 128 31.44 -7.68 41.76
CA GLY L 128 31.01 -7.30 43.09
C GLY L 128 29.87 -6.31 43.04
N LYS L 129 29.70 -5.61 41.91
CA LYS L 129 28.69 -4.57 41.81
C LYS L 129 27.67 -4.79 40.68
N ARG L 130 27.47 -6.06 40.29
CA ARG L 130 26.40 -6.39 39.36
C ARG L 130 25.15 -6.93 40.05
N PHE L 131 24.01 -6.28 39.82
CA PHE L 131 22.81 -6.66 40.55
C PHE L 131 21.61 -6.98 39.64
N ALA L 132 20.63 -7.67 40.22
CA ALA L 132 19.31 -7.80 39.61
C ALA L 132 18.17 -7.68 40.63
N LEU L 133 17.09 -7.04 40.22
CA LEU L 133 15.87 -7.03 41.02
C LEU L 133 15.24 -8.45 40.95
N PRO L 134 14.42 -8.83 41.94
CA PRO L 134 14.05 -10.24 42.14
C PRO L 134 13.30 -10.90 41.00
N ASN L 135 12.50 -10.14 40.27
CA ASN L 135 11.73 -10.76 39.21
C ASN L 135 12.27 -10.46 37.81
N SER L 136 13.55 -10.07 37.73
CA SER L 136 14.24 -9.88 36.45
C SER L 136 14.30 -11.15 35.61
N ARG L 137 14.22 -10.99 34.29
CA ARG L 137 14.38 -12.11 33.35
C ARG L 137 15.72 -11.94 32.64
N ILE L 138 16.61 -12.91 32.78
CA ILE L 138 17.89 -12.87 32.10
C ILE L 138 17.88 -13.99 31.05
N MET L 139 18.46 -13.72 29.89
CA MET L 139 18.55 -14.72 28.83
C MET L 139 19.82 -14.54 28.03
N ILE L 140 20.48 -15.66 27.76
CA ILE L 140 21.67 -15.64 26.94
C ILE L 140 21.52 -16.63 25.78
N HIS L 141 22.19 -16.36 24.69
CA HIS L 141 22.15 -17.22 23.51
C HIS L 141 23.28 -16.90 22.56
N GLN L 142 23.32 -17.57 21.44
CA GLN L 142 24.36 -17.30 20.45
C GLN L 142 23.88 -16.24 19.46
N PRO L 143 24.80 -15.64 18.66
CA PRO L 143 24.35 -14.57 17.78
C PRO L 143 23.27 -15.01 16.78
N LEU L 144 22.38 -14.10 16.47
CA LEU L 144 21.21 -14.36 15.64
C LEU L 144 21.12 -13.31 14.53
N ILE L 145 21.11 -13.74 13.26
CA ILE L 145 20.92 -12.79 12.17
C ILE L 145 19.47 -12.86 11.67
N SER L 146 18.75 -11.75 11.86
CA SER L 146 17.40 -11.60 11.33
C SER L 146 17.52 -10.62 10.18
N GLY L 147 17.16 -11.09 8.98
CA GLY L 147 17.52 -10.42 7.76
C GLY L 147 18.18 -11.51 6.96
N GLY L 148 19.43 -11.31 6.56
CA GLY L 148 20.13 -12.42 5.95
C GLY L 148 21.25 -12.13 4.98
N LEU L 149 22.21 -13.05 4.93
CA LEU L 149 23.33 -12.94 4.01
C LEU L 149 22.88 -13.22 2.59
N GLY L 150 23.03 -12.22 1.72
CA GLY L 150 22.74 -12.35 0.31
C GLY L 150 23.92 -11.85 -0.49
N GLY L 151 23.94 -12.19 -1.77
CA GLY L 151 25.05 -11.79 -2.61
C GLY L 151 25.87 -12.99 -3.01
N GLN L 152 27.11 -12.76 -3.40
CA GLN L 152 27.97 -13.80 -3.91
C GLN L 152 28.45 -14.73 -2.81
N ALA L 153 28.66 -15.99 -3.18
CA ALA L 153 29.13 -17.00 -2.26
C ALA L 153 30.45 -16.60 -1.58
N SER L 154 31.35 -15.96 -2.33
CA SER L 154 32.56 -15.40 -1.74
C SER L 154 32.23 -14.45 -0.57
N ASP L 155 31.26 -13.57 -0.78
CA ASP L 155 30.90 -12.59 0.24
C ASP L 155 30.22 -13.26 1.43
N ILE L 156 29.43 -14.28 1.15
CA ILE L 156 28.73 -14.98 2.21
C ILE L 156 29.70 -15.74 3.12
N GLU L 157 30.73 -16.33 2.51
CA GLU L 157 31.81 -16.99 3.25
C GLU L 157 32.56 -16.04 4.20
N ILE L 158 32.90 -14.85 3.71
CA ILE L 158 33.57 -13.84 4.53
C ILE L 158 32.72 -13.49 5.76
N HIS L 159 31.44 -13.24 5.53
CA HIS L 159 30.54 -12.82 6.59
C HIS L 159 30.18 -13.97 7.53
N ALA L 160 30.13 -15.20 7.01
CA ALA L 160 29.94 -16.38 7.85
C ALA L 160 31.15 -16.57 8.76
N ARG L 161 32.34 -16.40 8.20
CA ARG L 161 33.57 -16.47 8.99
C ARG L 161 33.59 -15.42 10.07
N GLU L 162 33.02 -14.27 9.77
CA GLU L 162 33.02 -13.14 10.69
C GLU L 162 32.05 -13.40 11.81
N LEU L 163 30.92 -13.98 11.46
CA LEU L 163 29.89 -14.30 12.44
C LEU L 163 30.43 -15.27 13.50
N LEU L 164 31.12 -16.31 13.05
CA LEU L 164 31.69 -17.30 13.95
C LEU L 164 32.73 -16.68 14.88
N LYS L 165 33.52 -15.73 14.37
CA LYS L 165 34.50 -15.04 15.20
C LYS L 165 33.79 -14.27 16.32
N ILE L 166 32.80 -13.46 15.93
CA ILE L 166 31.93 -12.77 16.87
C ILE L 166 31.30 -13.73 17.88
N LYS L 167 30.85 -14.88 17.38
CA LYS L 167 30.26 -15.91 18.22
C LYS L 167 31.26 -16.41 19.25
N GLU L 168 32.50 -16.64 18.82
CA GLU L 168 33.51 -17.17 19.71
C GLU L 168 33.98 -16.12 20.74
N LYS L 169 34.17 -14.88 20.28
CA LYS L 169 34.65 -13.80 21.15
C LYS L 169 33.64 -13.48 22.26
N LEU L 170 32.35 -13.48 21.90
CA LEU L 170 31.31 -13.21 22.88
C LEU L 170 31.28 -14.30 23.94
N ASN L 171 31.43 -15.55 23.53
CA ASN L 171 31.46 -16.66 24.47
C ASN L 171 32.67 -16.62 25.40
N ARG L 172 33.81 -16.24 24.83
CA ARG L 172 35.04 -16.07 25.58
C ARG L 172 34.90 -14.94 26.61
N LEU L 173 34.41 -13.79 26.17
CA LEU L 173 34.24 -12.65 27.09
C LEU L 173 33.21 -12.97 28.20
N MET L 174 32.09 -13.56 27.81
CA MET L 174 31.06 -13.91 28.77
C MET L 174 31.59 -14.93 29.77
N ALA L 175 32.46 -15.84 29.31
CA ALA L 175 33.06 -16.82 30.20
C ALA L 175 33.92 -16.11 31.24
N LYS L 176 34.67 -15.10 30.80
CA LYS L 176 35.48 -14.32 31.75
C LYS L 176 34.60 -13.58 32.75
N HIS L 177 33.52 -12.99 32.27
CA HIS L 177 32.59 -12.25 33.14
C HIS L 177 32.04 -13.17 34.21
N CYS L 178 31.65 -14.37 33.80
CA CYS L 178 30.94 -15.29 34.66
C CYS L 178 31.88 -16.18 35.48
N ASP L 179 33.18 -16.04 35.26
CA ASP L 179 34.19 -16.87 35.90
C ASP L 179 33.89 -18.33 35.63
N ARG L 180 33.68 -18.65 34.36
CA ARG L 180 33.47 -20.01 33.89
C ARG L 180 34.34 -20.26 32.64
N ASP L 181 34.43 -21.50 32.20
CA ASP L 181 35.27 -21.81 31.05
C ASP L 181 34.46 -21.73 29.77
N LEU L 182 35.16 -21.40 28.68
CA LEU L 182 34.57 -21.23 27.36
C LEU L 182 33.59 -22.34 26.99
N ALA L 183 33.90 -23.58 27.37
CA ALA L 183 33.09 -24.72 26.96
C ALA L 183 31.73 -24.67 27.65
N ASP L 184 31.72 -24.20 28.90
CA ASP L 184 30.49 -24.01 29.65
C ASP L 184 29.57 -23.07 28.88
N LEU L 185 30.13 -21.96 28.42
CA LEU L 185 29.36 -20.94 27.74
C LEU L 185 28.90 -21.40 26.36
N GLU L 186 29.76 -22.12 25.64
CA GLU L 186 29.38 -22.65 24.34
C GLU L 186 28.13 -23.49 24.48
N ARG L 187 28.16 -24.39 25.45
CA ARG L 187 27.05 -25.31 25.69
C ARG L 187 25.78 -24.58 26.08
N ASP L 188 25.90 -23.56 26.93
CA ASP L 188 24.71 -22.96 27.53
C ASP L 188 24.12 -21.83 26.69
N THR L 189 24.73 -21.56 25.54
CA THR L 189 24.24 -20.49 24.66
C THR L 189 23.83 -21.02 23.29
N ASP L 190 23.85 -22.34 23.12
CA ASP L 190 23.53 -22.91 21.81
C ASP L 190 22.13 -22.53 21.39
N ARG L 191 21.23 -22.51 22.38
CA ARG L 191 19.86 -22.05 22.20
C ARG L 191 19.49 -21.10 23.33
N ASP L 192 18.32 -20.46 23.20
CA ASP L 192 17.87 -19.50 24.19
C ASP L 192 17.95 -20.11 25.58
N ASN L 193 18.59 -19.41 26.50
CA ASN L 193 18.76 -19.91 27.86
C ASN L 193 18.28 -18.87 28.87
N PHE L 194 17.07 -19.09 29.37
CA PHE L 194 16.45 -18.19 30.33
C PHE L 194 16.91 -18.51 31.75
N MET L 195 17.15 -17.44 32.52
CA MET L 195 17.59 -17.57 33.92
C MET L 195 16.80 -16.63 34.82
N SER L 196 16.38 -17.14 35.98
CA SER L 196 15.86 -16.30 37.02
C SER L 196 17.04 -15.50 37.60
N ALA L 197 16.75 -14.50 38.43
CA ALA L 197 17.82 -13.73 39.05
C ALA L 197 18.76 -14.65 39.82
N GLU L 198 18.19 -15.65 40.51
CA GLU L 198 18.97 -16.57 41.32
C GLU L 198 19.86 -17.48 40.48
N GLU L 199 19.32 -17.95 39.36
CA GLU L 199 20.13 -18.76 38.47
C GLU L 199 21.27 -17.93 37.90
N ALA L 200 20.95 -16.70 37.48
CA ALA L 200 21.96 -15.75 37.01
C ALA L 200 23.10 -15.57 38.01
N LYS L 201 22.76 -15.45 39.28
CA LYS L 201 23.78 -15.30 40.31
C LYS L 201 24.64 -16.55 40.41
N GLU L 202 23.98 -17.70 40.53
CA GLU L 202 24.69 -18.97 40.53
C GLU L 202 25.60 -19.14 39.32
N TYR L 203 25.16 -18.63 38.17
CA TYR L 203 25.91 -18.86 36.94
C TYR L 203 27.21 -18.03 36.90
N GLY L 204 27.23 -16.93 37.61
CA GLY L 204 28.39 -16.06 37.63
C GLY L 204 28.09 -14.75 36.92
N LEU L 205 26.83 -14.60 36.51
CA LEU L 205 26.43 -13.50 35.63
C LEU L 205 26.18 -12.20 36.41
N ILE L 206 25.62 -12.33 37.62
CA ILE L 206 25.47 -11.19 38.54
C ILE L 206 26.02 -11.55 39.91
N ASP L 207 26.15 -10.55 40.77
CA ASP L 207 26.74 -10.77 42.09
C ASP L 207 25.68 -11.00 43.17
N GLN L 208 24.59 -10.24 43.10
CA GLN L 208 23.64 -10.16 44.19
C GLN L 208 22.28 -9.83 43.68
N ILE L 209 21.27 -10.43 44.30
CA ILE L 209 19.88 -10.05 44.10
C ILE L 209 19.50 -9.04 45.17
N LEU L 210 18.84 -7.95 44.77
CA LEU L 210 18.41 -6.93 45.74
C LEU L 210 16.90 -6.86 45.85
N GLU L 211 16.38 -7.22 47.02
CA GLU L 211 14.96 -7.13 47.29
C GLU L 211 14.56 -5.69 47.54
N ASN L 212 15.27 -5.07 48.48
CA ASN L 212 15.11 -3.65 48.77
C ASN L 212 16.44 -3.06 49.17
N ARG L 213 16.42 -1.86 49.72
CA ARG L 213 17.65 -1.12 49.95
C ARG L 213 18.50 -1.58 51.15
N ALA L 214 18.43 -2.86 51.50
CA ALA L 214 19.24 -3.40 52.59
C ALA L 214 20.73 -3.35 52.25
N PRO M 23 20.56 12.90 27.90
CA PRO M 23 19.47 13.80 28.29
C PRO M 23 19.82 15.28 28.14
N THR M 24 19.42 16.08 29.14
CA THR M 24 19.59 17.53 29.12
C THR M 24 20.46 18.03 30.27
N VAL M 25 21.77 18.05 30.04
CA VAL M 25 22.72 18.55 31.04
C VAL M 25 23.20 19.96 30.70
N PHE M 36 21.44 22.72 28.14
CA PHE M 36 22.36 21.89 27.36
C PHE M 36 21.88 20.46 27.29
N ASP M 37 22.03 19.83 26.13
CA ASP M 37 21.89 18.39 26.01
C ASP M 37 23.28 17.76 26.19
N ILE M 38 23.32 16.44 26.33
CA ILE M 38 24.55 15.72 26.66
C ILE M 38 25.64 15.96 25.57
N TYR M 39 25.24 16.04 24.31
CA TYR M 39 26.23 16.15 23.23
C TYR M 39 26.82 17.53 23.19
N SER M 40 25.99 18.54 23.46
CA SER M 40 26.48 19.90 23.57
C SER M 40 27.49 20.06 24.69
N ARG M 41 27.25 19.40 25.82
CA ARG M 41 28.16 19.46 26.96
C ARG M 41 29.52 18.86 26.62
N LEU M 42 29.51 17.72 25.94
CA LEU M 42 30.72 17.03 25.56
C LEU M 42 31.46 17.79 24.45
N LEU M 43 30.70 18.59 23.70
CA LEU M 43 31.28 19.41 22.65
C LEU M 43 32.19 20.45 23.30
N LYS M 44 31.85 20.84 24.53
CA LYS M 44 32.69 21.73 25.31
C LYS M 44 34.00 21.07 25.65
N GLU M 45 34.01 19.75 25.72
CA GLU M 45 35.26 19.05 25.98
C GLU M 45 35.94 18.69 24.64
N ARG M 46 35.45 19.29 23.57
CA ARG M 46 36.00 19.09 22.23
C ARG M 46 35.85 17.63 21.75
N ILE M 47 34.79 16.97 22.20
CA ILE M 47 34.39 15.65 21.67
C ILE M 47 33.35 15.78 20.55
N VAL M 48 33.65 15.22 19.38
CA VAL M 48 32.70 15.19 18.28
C VAL M 48 32.39 13.75 17.90
N PHE M 49 31.10 13.43 17.78
CA PHE M 49 30.66 12.08 17.45
C PHE M 49 30.23 11.93 15.99
N LEU M 50 30.60 10.81 15.38
CA LEU M 50 29.98 10.34 14.13
C LEU M 50 29.32 9.00 14.41
N VAL M 51 27.99 8.98 14.39
CA VAL M 51 27.25 7.78 14.74
C VAL M 51 26.27 7.40 13.64
N GLY M 52 26.32 6.15 13.20
CA GLY M 52 25.43 5.67 12.16
C GLY M 52 25.87 6.07 10.76
N PRO M 53 24.98 5.85 9.77
CA PRO M 53 25.27 6.11 8.35
C PRO M 53 25.75 7.54 8.10
N VAL M 54 26.79 7.67 7.30
CA VAL M 54 27.28 8.97 6.91
C VAL M 54 26.42 9.52 5.79
N THR M 55 25.68 10.58 6.07
CA THR M 55 24.85 11.25 5.06
C THR M 55 25.30 12.70 4.92
N ASP M 56 24.78 13.41 3.92
CA ASP M 56 25.09 14.84 3.78
C ASP M 56 24.81 15.61 5.08
N GLU M 57 23.68 15.33 5.72
CA GLU M 57 23.29 16.07 6.92
C GLU M 57 24.15 15.68 8.13
N SER M 58 24.44 14.39 8.28
CA SER M 58 25.22 13.96 9.45
C SER M 58 26.68 14.39 9.31
N ALA M 59 27.20 14.33 8.08
CA ALA M 59 28.58 14.73 7.80
C ALA M 59 28.75 16.23 8.00
N ASN M 60 27.81 17.01 7.48
CA ASN M 60 27.94 18.45 7.58
C ASN M 60 27.79 18.93 9.01
N LEU M 61 27.01 18.19 9.80
CA LEU M 61 26.88 18.47 11.22
C LEU M 61 28.23 18.29 11.89
N VAL M 62 28.95 17.26 11.45
CA VAL M 62 30.31 17.00 11.94
C VAL M 62 31.24 18.13 11.50
N VAL M 63 31.15 18.53 10.24
CA VAL M 63 31.97 19.62 9.69
C VAL M 63 31.76 20.92 10.51
N ALA M 64 30.52 21.28 10.77
CA ALA M 64 30.20 22.50 11.50
C ALA M 64 30.84 22.49 12.90
N GLN M 65 30.78 21.34 13.56
CA GLN M 65 31.36 21.21 14.89
C GLN M 65 32.88 21.36 14.86
N LEU M 66 33.52 20.83 13.81
CA LEU M 66 34.96 20.95 13.66
C LEU M 66 35.35 22.40 13.50
N LEU M 67 34.65 23.10 12.63
CA LEU M 67 34.91 24.52 12.37
C LEU M 67 34.65 25.31 13.66
N PHE M 68 33.59 24.95 14.37
CA PHE M 68 33.27 25.62 15.63
C PHE M 68 34.39 25.47 16.65
N LEU M 69 34.83 24.25 16.87
CA LEU M 69 35.89 23.97 17.83
C LEU M 69 37.19 24.67 17.44
N GLU M 70 37.54 24.68 16.15
CA GLU M 70 38.72 25.42 15.68
C GLU M 70 38.59 26.92 16.00
N SER M 71 37.43 27.48 15.74
CA SER M 71 37.15 28.87 16.04
C SER M 71 37.30 29.19 17.54
N GLU M 72 36.87 28.25 18.39
CA GLU M 72 37.01 28.41 19.83
C GLU M 72 38.46 28.39 20.27
N ASN M 73 39.22 27.47 19.70
CA ASN M 73 40.63 27.30 19.99
C ASN M 73 41.29 26.50 18.87
N PRO M 74 42.04 27.20 18.00
CA PRO M 74 42.62 26.55 16.82
C PRO M 74 43.79 25.62 17.14
N ASP M 75 44.26 25.61 18.39
CA ASP M 75 45.48 24.87 18.70
C ASP M 75 45.28 23.59 19.50
N LYS M 76 44.14 23.46 20.17
CA LYS M 76 43.92 22.29 21.03
C LYS M 76 43.31 21.16 20.21
N ASP M 77 43.70 19.94 20.55
CA ASP M 77 43.21 18.74 19.89
C ASP M 77 41.69 18.59 19.92
N ILE M 78 41.16 18.00 18.86
CA ILE M 78 39.76 17.62 18.78
C ILE M 78 39.62 16.10 18.85
N PHE M 79 38.62 15.62 19.58
CA PHE M 79 38.44 14.18 19.71
C PHE M 79 37.22 13.71 18.94
N PHE M 80 37.47 12.98 17.86
CA PHE M 80 36.45 12.56 16.91
C PHE M 80 36.10 11.09 17.14
N TYR M 81 34.94 10.86 17.77
CA TYR M 81 34.49 9.51 18.07
C TYR M 81 33.67 8.96 16.93
N ILE M 82 34.09 7.81 16.40
CA ILE M 82 33.44 7.22 15.24
C ILE M 82 32.82 5.85 15.55
N ASN M 83 31.51 5.77 15.38
CA ASN M 83 30.76 4.50 15.38
C ASN M 83 29.85 4.50 14.18
N SER M 84 30.34 3.99 13.05
CA SER M 84 29.68 4.19 11.75
C SER M 84 29.97 3.05 10.76
N PRO M 85 28.95 2.64 9.98
CA PRO M 85 29.09 1.65 8.91
C PRO M 85 29.46 2.29 7.54
N GLY M 86 29.68 3.60 7.55
CA GLY M 86 30.02 4.29 6.32
C GLY M 86 28.81 4.98 5.73
N GLY M 87 28.84 5.23 4.42
CA GLY M 87 27.74 5.94 3.78
C GLY M 87 28.18 6.65 2.51
N SER M 88 27.67 7.85 2.31
CA SER M 88 27.99 8.65 1.11
C SER M 88 29.45 9.02 1.03
N VAL M 89 30.07 8.74 -0.11
CA VAL M 89 31.47 9.02 -0.30
C VAL M 89 31.72 10.50 -0.27
N THR M 90 30.90 11.27 -0.99
CA THR M 90 31.13 12.71 -1.02
C THR M 90 30.88 13.37 0.35
N ALA M 91 29.88 12.88 1.08
CA ALA M 91 29.61 13.41 2.42
C ALA M 91 30.83 13.13 3.31
N GLY M 92 31.35 11.91 3.21
CA GLY M 92 32.53 11.51 3.97
C GLY M 92 33.75 12.36 3.64
N MET M 93 33.94 12.64 2.35
CA MET M 93 35.05 13.49 1.91
C MET M 93 34.95 14.91 2.49
N SER M 94 33.74 15.44 2.70
CA SER M 94 33.63 16.77 3.30
C SER M 94 34.22 16.75 4.71
N ILE M 95 33.96 15.67 5.44
CA ILE M 95 34.58 15.50 6.76
C ILE M 95 36.11 15.36 6.65
N TYR M 96 36.56 14.47 5.76
CA TYR M 96 37.98 14.23 5.58
C TYR M 96 38.78 15.50 5.29
N ASP M 97 38.35 16.25 4.28
CA ASP M 97 39.02 17.48 3.90
C ASP M 97 38.91 18.54 5.01
N THR M 98 37.83 18.52 5.77
CA THR M 98 37.73 19.49 6.86
C THR M 98 38.74 19.14 7.95
N MET M 99 38.83 17.85 8.28
CA MET M 99 39.80 17.37 9.26
C MET M 99 41.24 17.80 8.91
N ASN M 100 41.57 17.75 7.63
CA ASN M 100 42.92 18.12 7.18
C ASN M 100 43.09 19.63 7.06
N PHE M 101 41.98 20.33 6.82
CA PHE M 101 42.00 21.77 6.58
C PHE M 101 42.19 22.60 7.86
N ILE M 102 41.48 22.22 8.93
CA ILE M 102 41.52 23.00 10.18
C ILE M 102 42.85 22.80 10.89
N LYS M 103 43.24 23.79 11.69
CA LYS M 103 44.52 23.79 12.39
C LYS M 103 44.62 22.72 13.46
N PRO M 104 43.57 22.54 14.30
CA PRO M 104 43.70 21.52 15.33
C PRO M 104 43.96 20.11 14.80
N ASP M 105 44.77 19.35 15.53
CA ASP M 105 44.91 17.91 15.32
C ASP M 105 43.57 17.25 15.56
N VAL M 106 43.11 16.42 14.64
CA VAL M 106 41.90 15.63 14.90
C VAL M 106 42.28 14.22 15.27
N SER M 107 42.12 13.91 16.56
CA SER M 107 42.36 12.58 17.09
C SER M 107 41.13 11.72 16.78
N THR M 108 41.32 10.46 16.39
CA THR M 108 40.14 9.64 16.10
C THR M 108 40.05 8.46 17.05
N LEU M 109 38.82 8.07 17.37
CA LEU M 109 38.61 6.92 18.23
C LEU M 109 37.46 6.07 17.68
N CYS M 110 37.73 4.80 17.45
CA CYS M 110 36.70 3.88 17.00
C CYS M 110 36.04 3.19 18.20
N LEU M 111 34.73 3.31 18.29
CA LEU M 111 33.99 2.52 19.26
C LEU M 111 32.84 1.83 18.55
N GLY M 112 32.59 0.58 18.89
CA GLY M 112 31.61 -0.21 18.18
C GLY M 112 32.16 -0.64 16.83
N GLN M 113 32.03 0.21 15.83
CA GLN M 113 32.59 -0.14 14.52
C GLN M 113 32.97 1.08 13.71
N ALA M 114 33.91 0.87 12.78
CA ALA M 114 34.21 1.83 11.74
C ALA M 114 34.42 1.05 10.44
N ALA M 115 33.41 1.09 9.56
CA ALA M 115 33.43 0.33 8.31
C ALA M 115 33.34 1.29 7.14
N SER M 116 33.97 0.90 6.03
CA SER M 116 33.97 1.70 4.81
C SER M 116 34.42 3.13 5.09
N MET M 117 33.60 4.11 4.71
CA MET M 117 33.93 5.51 4.94
C MET M 117 34.19 5.78 6.44
N GLY M 118 33.53 5.02 7.31
CA GLY M 118 33.80 5.11 8.73
C GLY M 118 35.25 4.77 9.06
N ALA M 119 35.74 3.68 8.44
CA ALA M 119 37.13 3.25 8.62
C ALA M 119 38.11 4.24 7.96
N PHE M 120 37.68 4.77 6.82
CA PHE M 120 38.44 5.77 6.10
C PHE M 120 38.71 7.01 6.97
N LEU M 121 37.65 7.55 7.57
CA LEU M 121 37.79 8.72 8.41
C LEU M 121 38.61 8.40 9.66
N LEU M 122 38.41 7.23 10.24
CA LEU M 122 39.19 6.75 11.38
C LEU M 122 40.67 6.73 11.08
N SER M 123 41.03 6.21 9.91
CA SER M 123 42.42 6.08 9.51
C SER M 123 43.00 7.44 9.17
N ALA M 124 42.12 8.42 9.03
CA ALA M 124 42.51 9.78 8.63
C ALA M 124 42.87 10.69 9.80
N GLY M 125 42.66 10.23 11.03
CA GLY M 125 43.00 11.04 12.20
C GLY M 125 44.48 11.40 12.18
N GLU M 126 44.85 12.44 12.91
CA GLU M 126 46.24 12.86 12.98
C GLU M 126 47.13 11.65 13.35
N LYS M 127 48.15 11.39 12.54
CA LYS M 127 49.02 10.23 12.79
C LYS M 127 49.63 10.25 14.18
N GLY M 128 49.50 9.13 14.87
CA GLY M 128 49.92 9.03 16.26
C GLY M 128 48.71 9.18 17.18
N LYS M 129 47.62 9.75 16.67
CA LYS M 129 46.45 9.97 17.53
C LYS M 129 45.18 9.26 17.02
N ARG M 130 45.38 8.15 16.32
CA ARG M 130 44.28 7.31 15.84
C ARG M 130 44.14 6.09 16.73
N PHE M 131 42.99 5.97 17.38
CA PHE M 131 42.77 4.91 18.36
C PHE M 131 41.52 4.08 18.08
N ALA M 132 41.47 2.89 18.69
CA ALA M 132 40.26 2.08 18.75
C ALA M 132 40.15 1.45 20.13
N LEU M 133 38.92 1.28 20.60
CA LEU M 133 38.66 0.55 21.83
C LEU M 133 38.80 -0.94 21.50
N PRO M 134 39.11 -1.77 22.51
CA PRO M 134 39.58 -3.14 22.22
C PRO M 134 38.65 -4.02 21.39
N ASN M 135 37.34 -3.91 21.56
CA ASN M 135 36.45 -4.80 20.83
C ASN M 135 35.74 -4.11 19.66
N SER M 136 36.35 -3.03 19.18
CA SER M 136 35.91 -2.34 17.97
C SER M 136 36.08 -3.25 16.75
N ARG M 137 35.20 -3.06 15.77
CA ARG M 137 35.30 -3.79 14.50
C ARG M 137 35.65 -2.83 13.38
N ILE M 138 36.69 -3.13 12.63
CA ILE M 138 37.03 -2.31 11.51
C ILE M 138 36.80 -3.11 10.21
N MET M 139 36.31 -2.47 9.17
CA MET M 139 36.15 -3.15 7.90
C MET M 139 36.40 -2.20 6.74
N ILE M 140 37.18 -2.64 5.78
CA ILE M 140 37.44 -1.86 4.59
C ILE M 140 37.07 -2.65 3.34
N HIS M 141 36.73 -1.94 2.28
CA HIS M 141 36.39 -2.54 1.02
C HIS M 141 36.28 -1.54 -0.13
N GLN M 142 36.09 -2.03 -1.35
CA GLN M 142 35.98 -1.15 -2.49
C GLN M 142 34.59 -0.51 -2.54
N PRO M 143 34.42 0.55 -3.35
CA PRO M 143 33.09 1.18 -3.44
C PRO M 143 32.02 0.23 -3.96
N LEU M 144 30.81 0.44 -3.49
CA LEU M 144 29.67 -0.33 -4.00
C LEU M 144 28.49 0.60 -4.24
N ILE M 145 27.80 0.43 -5.35
CA ILE M 145 26.62 1.24 -5.61
C ILE M 145 25.40 0.42 -5.19
N SER M 146 24.58 1.02 -4.33
CA SER M 146 23.28 0.47 -3.99
C SER M 146 22.27 1.08 -4.93
N GLY M 147 21.26 0.30 -5.30
CA GLY M 147 20.31 0.76 -6.29
C GLY M 147 21.00 0.55 -7.61
N GLY M 148 20.94 1.53 -8.51
CA GLY M 148 21.53 1.32 -9.82
C GLY M 148 22.07 2.48 -10.63
N LEU M 149 22.72 2.10 -11.74
CA LEU M 149 23.05 3.02 -12.83
C LEU M 149 21.97 2.91 -13.88
N GLY M 150 21.22 3.98 -14.10
CA GLY M 150 20.14 3.94 -15.06
C GLY M 150 20.18 5.10 -16.04
N GLY M 151 20.23 4.78 -17.33
CA GLY M 151 20.21 5.78 -18.38
C GLY M 151 20.78 5.22 -19.68
N GLN M 152 21.21 6.11 -20.56
CA GLN M 152 21.82 5.68 -21.81
C GLN M 152 23.21 5.14 -21.52
N ALA M 153 23.69 4.27 -22.40
CA ALA M 153 25.01 3.67 -22.29
C ALA M 153 26.14 4.69 -22.14
N SER M 154 26.03 5.81 -22.86
CA SER M 154 26.99 6.92 -22.73
C SER M 154 27.08 7.45 -21.28
N ASP M 155 25.92 7.59 -20.66
CA ASP M 155 25.84 8.08 -19.29
C ASP M 155 26.38 7.06 -18.31
N ILE M 156 26.06 5.81 -18.58
CA ILE M 156 26.51 4.71 -17.76
C ILE M 156 28.03 4.59 -17.85
N GLU M 157 28.57 4.82 -19.04
CA GLU M 157 30.03 4.78 -19.20
C GLU M 157 30.66 5.87 -18.35
N ILE M 158 30.09 7.06 -18.44
CA ILE M 158 30.59 8.21 -17.70
C ILE M 158 30.64 7.95 -16.21
N HIS M 159 29.55 7.40 -15.66
CA HIS M 159 29.47 7.14 -14.23
C HIS M 159 30.31 5.94 -13.82
N ALA M 160 30.48 4.96 -14.71
CA ALA M 160 31.36 3.85 -14.39
C ALA M 160 32.79 4.36 -14.30
N ARG M 161 33.19 5.24 -15.20
CA ARG M 161 34.53 5.82 -15.14
C ARG M 161 34.74 6.63 -13.83
N GLU M 162 33.71 7.35 -13.39
CA GLU M 162 33.82 8.16 -12.17
C GLU M 162 33.98 7.27 -10.94
N LEU M 163 33.18 6.21 -10.87
CA LEU M 163 33.25 5.27 -9.76
C LEU M 163 34.61 4.60 -9.68
N LEU M 164 35.20 4.31 -10.84
CA LEU M 164 36.54 3.72 -10.90
C LEU M 164 37.60 4.71 -10.43
N LYS M 165 37.41 5.98 -10.77
CA LYS M 165 38.33 7.02 -10.27
C LYS M 165 38.28 7.14 -8.75
N ILE M 166 37.06 7.09 -8.22
CA ILE M 166 36.83 7.10 -6.77
C ILE M 166 37.53 5.92 -6.10
N LYS M 167 37.35 4.73 -6.67
CA LYS M 167 37.96 3.53 -6.15
C LYS M 167 39.47 3.68 -6.07
N GLU M 168 40.09 4.20 -7.12
CA GLU M 168 41.54 4.36 -7.09
C GLU M 168 41.96 5.48 -6.13
N LYS M 169 41.29 6.62 -6.18
CA LYS M 169 41.60 7.73 -5.29
C LYS M 169 41.59 7.27 -3.82
N LEU M 170 40.53 6.57 -3.42
CA LEU M 170 40.43 6.06 -2.05
C LEU M 170 41.49 5.03 -1.69
N ASN M 171 41.87 4.18 -2.63
CA ASN M 171 42.95 3.23 -2.34
C ASN M 171 44.28 3.94 -2.14
N ARG M 172 44.56 4.97 -2.94
CA ARG M 172 45.80 5.72 -2.77
C ARG M 172 45.84 6.48 -1.45
N LEU M 173 44.73 7.12 -1.12
CA LEU M 173 44.68 7.88 0.13
C LEU M 173 44.80 6.94 1.32
N MET M 174 44.15 5.78 1.21
CA MET M 174 44.19 4.81 2.28
C MET M 174 45.61 4.26 2.44
N ALA M 175 46.29 4.09 1.31
CA ALA M 175 47.67 3.62 1.31
C ALA M 175 48.56 4.63 2.05
N LYS M 176 48.30 5.91 1.82
CA LYS M 176 49.03 6.95 2.50
C LYS M 176 48.75 6.94 4.00
N HIS M 177 47.48 6.84 4.39
CA HIS M 177 47.12 6.80 5.81
C HIS M 177 47.79 5.67 6.56
N CYS M 178 47.82 4.50 5.95
CA CYS M 178 48.31 3.27 6.57
C CYS M 178 49.82 3.03 6.37
N ASP M 179 50.48 3.92 5.65
CA ASP M 179 51.88 3.76 5.28
C ASP M 179 52.08 2.40 4.63
N ARG M 180 51.25 2.14 3.63
CA ARG M 180 51.20 0.84 2.96
C ARG M 180 51.23 1.10 1.47
N ASP M 181 51.45 0.07 0.66
CA ASP M 181 51.42 0.25 -0.79
C ASP M 181 50.03 0.26 -1.38
N LEU M 182 49.87 1.05 -2.44
CA LEU M 182 48.63 1.06 -3.21
C LEU M 182 48.22 -0.36 -3.60
N ALA M 183 49.18 -1.19 -4.03
CA ALA M 183 48.87 -2.54 -4.47
C ALA M 183 48.26 -3.38 -3.36
N ASP M 184 48.74 -3.17 -2.13
CA ASP M 184 48.19 -3.90 -1.00
C ASP M 184 46.73 -3.50 -0.77
N LEU M 185 46.47 -2.19 -0.79
CA LEU M 185 45.12 -1.71 -0.55
C LEU M 185 44.15 -2.23 -1.61
N GLU M 186 44.58 -2.24 -2.87
CA GLU M 186 43.76 -2.76 -3.96
C GLU M 186 43.41 -4.21 -3.72
N ARG M 187 44.42 -4.96 -3.33
CA ARG M 187 44.25 -6.36 -3.03
C ARG M 187 43.33 -6.62 -1.84
N ASP M 188 43.49 -5.83 -0.79
CA ASP M 188 42.84 -6.10 0.50
C ASP M 188 41.42 -5.52 0.63
N THR M 189 40.99 -4.78 -0.39
CA THR M 189 39.67 -4.17 -0.40
C THR M 189 38.79 -4.71 -1.53
N ASP M 190 39.25 -5.76 -2.22
CA ASP M 190 38.47 -6.32 -3.32
C ASP M 190 37.12 -6.81 -2.81
N ARG M 191 37.13 -7.42 -1.63
CA ARG M 191 35.91 -7.78 -0.90
C ARG M 191 35.98 -7.32 0.56
N ASP M 192 34.85 -7.41 1.26
CA ASP M 192 34.78 -7.03 2.67
C ASP M 192 35.95 -7.61 3.46
N ASN M 193 36.71 -6.74 4.10
CA ASN M 193 37.89 -7.16 4.84
C ASN M 193 37.71 -6.69 6.28
N PHE M 194 37.31 -7.62 7.15
CA PHE M 194 37.08 -7.31 8.55
C PHE M 194 38.36 -7.41 9.36
N MET M 195 38.56 -6.43 10.25
CA MET M 195 39.76 -6.40 11.09
C MET M 195 39.44 -6.18 12.56
N SER M 196 40.12 -6.92 13.42
CA SER M 196 40.11 -6.61 14.83
C SER M 196 40.91 -5.33 15.09
N ALA M 197 40.84 -4.83 16.31
CA ALA M 197 41.61 -3.64 16.68
C ALA M 197 43.11 -3.89 16.49
N GLU M 198 43.62 -5.03 16.93
CA GLU M 198 45.04 -5.36 16.73
C GLU M 198 45.41 -5.52 15.26
N GLU M 199 44.53 -6.16 14.50
CA GLU M 199 44.78 -6.28 13.07
C GLU M 199 44.76 -4.91 12.44
N ALA M 200 43.87 -4.03 12.92
CA ALA M 200 43.81 -2.68 12.36
C ALA M 200 45.08 -1.91 12.67
N LYS M 201 45.64 -2.11 13.87
CA LYS M 201 46.92 -1.49 14.25
C LYS M 201 48.06 -2.02 13.40
N GLU M 202 48.16 -3.35 13.30
CA GLU M 202 49.18 -3.96 12.47
C GLU M 202 49.08 -3.50 11.01
N TYR M 203 47.86 -3.30 10.51
CA TYR M 203 47.72 -2.89 9.12
C TYR M 203 48.21 -1.46 8.89
N GLY M 204 48.16 -0.67 9.95
CA GLY M 204 48.54 0.73 9.89
C GLY M 204 47.34 1.67 9.84
N LEU M 205 46.16 1.15 10.11
CA LEU M 205 44.93 1.94 10.05
C LEU M 205 44.76 2.77 11.35
N ILE M 206 45.19 2.20 12.48
CA ILE M 206 45.23 2.96 13.72
C ILE M 206 46.61 2.90 14.36
N ASP M 207 46.84 3.73 15.37
CA ASP M 207 48.12 3.80 16.05
C ASP M 207 48.14 2.97 17.31
N GLN M 208 47.08 3.05 18.12
CA GLN M 208 47.06 2.33 19.39
C GLN M 208 45.67 1.82 19.73
N ILE M 209 45.62 0.72 20.49
CA ILE M 209 44.38 0.25 21.07
C ILE M 209 44.31 0.74 22.54
N LEU M 210 43.23 1.43 22.89
CA LEU M 210 43.06 1.90 24.27
C LEU M 210 42.08 1.03 25.03
N GLU M 211 42.56 0.37 26.08
CA GLU M 211 41.70 -0.44 26.94
C GLU M 211 41.15 0.42 28.07
N ASN M 212 41.99 1.30 28.57
CA ASN M 212 41.59 2.29 29.56
C ASN M 212 42.58 3.44 29.46
N ARG M 213 42.40 4.43 30.32
CA ARG M 213 43.22 5.64 30.29
C ARG M 213 44.71 5.43 30.55
N ALA M 214 45.06 4.51 31.45
CA ALA M 214 46.43 4.00 31.47
C ALA M 214 46.68 3.30 30.13
N SER M 215 47.92 3.31 29.65
CA SER M 215 48.23 3.03 28.24
C SER M 215 47.77 4.19 27.36
N VAL N 22 21.46 18.83 15.87
CA VAL N 22 21.84 20.24 15.86
C VAL N 22 22.13 20.72 17.28
N PRO N 23 23.35 20.46 17.77
CA PRO N 23 23.74 20.68 19.18
C PRO N 23 23.87 22.16 19.56
N THR N 24 23.58 22.47 20.83
CA THR N 24 23.67 23.85 21.34
C THR N 24 25.11 24.17 21.72
N VAL N 25 25.48 25.45 21.71
CA VAL N 25 26.83 25.84 22.10
C VAL N 25 26.80 27.15 22.89
N PHE N 36 22.48 28.52 21.60
CA PHE N 36 22.45 28.68 20.15
C PHE N 36 22.93 27.42 19.44
N ASP N 37 22.18 26.98 18.42
CA ASP N 37 22.58 25.80 17.66
C ASP N 37 23.88 26.09 16.90
N ILE N 38 24.51 25.03 16.42
CA ILE N 38 25.84 25.10 15.81
C ILE N 38 25.87 25.98 14.56
N TYR N 39 24.80 25.93 13.77
CA TYR N 39 24.77 26.66 12.51
C TYR N 39 24.55 28.15 12.78
N SER N 40 23.73 28.46 13.78
CA SER N 40 23.56 29.87 14.21
C SER N 40 24.86 30.47 14.71
N ARG N 41 25.63 29.67 15.44
CA ARG N 41 26.94 30.08 15.94
C ARG N 41 27.89 30.42 14.80
N LEU N 42 27.88 29.57 13.77
CA LEU N 42 28.75 29.76 12.60
C LEU N 42 28.30 30.92 11.73
N LEU N 43 27.02 31.25 11.81
CA LEU N 43 26.47 32.41 11.11
C LEU N 43 27.13 33.68 11.67
N LYS N 44 27.52 33.62 12.94
CA LYS N 44 28.21 34.73 13.61
C LYS N 44 29.55 35.00 12.95
N GLU N 45 30.12 33.97 12.35
CA GLU N 45 31.38 34.07 11.63
C GLU N 45 31.15 34.28 10.13
N ARG N 46 29.92 34.64 9.81
CA ARG N 46 29.49 34.91 8.44
C ARG N 46 29.61 33.68 7.51
N ILE N 47 29.49 32.49 8.10
CA ILE N 47 29.39 31.23 7.33
C ILE N 47 27.94 30.85 7.08
N VAL N 48 27.61 30.63 5.81
CA VAL N 48 26.30 30.13 5.41
C VAL N 48 26.45 28.79 4.67
N PHE N 49 25.64 27.79 5.03
CA PHE N 49 25.73 26.48 4.39
C PHE N 49 24.60 26.26 3.38
N LEU N 50 24.94 25.63 2.26
CA LEU N 50 23.97 25.00 1.37
C LEU N 50 24.29 23.51 1.32
N VAL N 51 23.42 22.70 1.90
CA VAL N 51 23.65 21.27 2.03
C VAL N 51 22.47 20.52 1.47
N GLY N 52 22.72 19.55 0.59
CA GLY N 52 21.65 18.74 0.02
C GLY N 52 20.90 19.45 -1.08
N PRO N 53 19.77 18.86 -1.52
CA PRO N 53 19.00 19.41 -2.64
C PRO N 53 18.59 20.87 -2.47
N VAL N 54 18.72 21.63 -3.56
CA VAL N 54 18.26 23.01 -3.61
C VAL N 54 16.75 22.97 -3.81
N THR N 55 16.03 23.41 -2.77
CA THR N 55 14.58 23.55 -2.82
C THR N 55 14.19 24.99 -2.54
N ASP N 56 12.94 25.34 -2.76
CA ASP N 56 12.47 26.68 -2.45
C ASP N 56 12.82 27.03 -1.00
N GLU N 57 12.58 26.09 -0.10
CA GLU N 57 12.75 26.32 1.32
C GLU N 57 14.23 26.42 1.67
N SER N 58 15.04 25.52 1.12
CA SER N 58 16.46 25.53 1.47
C SER N 58 17.13 26.73 0.81
N ALA N 59 16.70 27.08 -0.41
CA ALA N 59 17.26 28.23 -1.12
C ALA N 59 16.88 29.51 -0.41
N ASN N 60 15.61 29.63 -0.02
CA ASN N 60 15.18 30.88 0.58
C ASN N 60 15.80 31.08 1.95
N LEU N 61 16.07 29.98 2.65
CA LEU N 61 16.77 30.08 3.94
C LEU N 61 18.17 30.66 3.75
N VAL N 62 18.82 30.30 2.64
CA VAL N 62 20.14 30.86 2.31
C VAL N 62 20.04 32.34 2.02
N VAL N 63 19.04 32.74 1.22
CA VAL N 63 18.80 34.13 0.88
C VAL N 63 18.65 34.97 2.15
N ALA N 64 17.85 34.47 3.06
CA ALA N 64 17.59 35.16 4.34
C ALA N 64 18.88 35.36 5.12
N GLN N 65 19.72 34.33 5.11
CA GLN N 65 20.98 34.43 5.80
C GLN N 65 21.91 35.42 5.08
N LEU N 66 21.89 35.43 3.75
CA LEU N 66 22.70 36.40 3.03
C LEU N 66 22.30 37.85 3.36
N LEU N 67 20.98 38.10 3.42
CA LEU N 67 20.43 39.43 3.69
C LEU N 67 20.75 39.88 5.11
N PHE N 68 20.63 38.95 6.05
CA PHE N 68 20.94 39.21 7.44
C PHE N 68 22.39 39.60 7.63
N LEU N 69 23.30 38.85 7.02
CA LEU N 69 24.72 39.15 7.16
C LEU N 69 25.07 40.50 6.54
N GLU N 70 24.45 40.80 5.39
CA GLU N 70 24.60 42.12 4.78
C GLU N 70 24.07 43.22 5.72
N SER N 71 22.93 42.97 6.35
CA SER N 71 22.36 43.93 7.29
C SER N 71 23.31 44.18 8.46
N GLU N 72 23.92 43.10 8.98
CA GLU N 72 24.88 43.20 10.07
C GLU N 72 26.15 43.96 9.70
N ASN N 73 26.64 43.71 8.48
CA ASN N 73 27.82 44.39 7.96
C ASN N 73 27.92 44.24 6.45
N PRO N 74 27.56 45.30 5.70
CA PRO N 74 27.51 45.22 4.24
C PRO N 74 28.88 45.17 3.59
N ASP N 75 29.94 45.34 4.37
CA ASP N 75 31.29 45.47 3.81
C ASP N 75 32.14 44.21 4.01
N LYS N 76 31.74 43.35 4.94
CA LYS N 76 32.54 42.16 5.23
C LYS N 76 32.15 40.99 4.31
N ASP N 77 33.15 40.21 3.89
CA ASP N 77 32.91 39.03 3.05
C ASP N 77 31.99 38.01 3.72
N ILE N 78 31.22 37.29 2.90
CA ILE N 78 30.43 36.17 3.37
C ILE N 78 30.99 34.85 2.83
N PHE N 79 30.99 33.83 3.66
CA PHE N 79 31.55 32.56 3.29
C PHE N 79 30.45 31.52 3.09
N PHE N 80 30.24 31.18 1.82
CA PHE N 80 29.15 30.32 1.40
C PHE N 80 29.69 28.91 1.13
N TYR N 81 29.45 28.01 2.09
CA TYR N 81 29.91 26.64 1.99
C TYR N 81 28.86 25.78 1.29
N ILE N 82 29.25 25.14 0.19
CA ILE N 82 28.30 24.40 -0.63
C ILE N 82 28.62 22.90 -0.69
N ASN N 83 27.66 22.09 -0.25
CA ASN N 83 27.72 20.65 -0.45
C ASN N 83 26.38 20.15 -0.96
N SER N 84 26.22 20.13 -2.28
CA SER N 84 24.89 19.95 -2.87
C SER N 84 24.90 19.29 -4.25
N PRO N 85 23.92 18.42 -4.52
CA PRO N 85 23.81 17.83 -5.86
C PRO N 85 22.99 18.72 -6.78
N GLY N 86 22.51 19.84 -6.26
CA GLY N 86 21.68 20.73 -7.06
C GLY N 86 20.20 20.59 -6.75
N GLY N 87 19.36 20.99 -7.69
CA GLY N 87 17.93 20.95 -7.45
C GLY N 87 17.15 21.93 -8.31
N SER N 88 16.15 22.58 -7.72
CA SER N 88 15.30 23.50 -8.49
C SER N 88 16.10 24.64 -9.08
N VAL N 89 15.96 24.84 -10.39
CA VAL N 89 16.70 25.90 -11.05
C VAL N 89 16.23 27.29 -10.56
N THR N 90 14.92 27.50 -10.45
CA THR N 90 14.46 28.81 -10.00
C THR N 90 14.88 29.05 -8.53
N ALA N 91 14.88 28.00 -7.71
CA ALA N 91 15.31 28.17 -6.33
C ALA N 91 16.78 28.58 -6.31
N GLY N 92 17.59 27.92 -7.14
CA GLY N 92 18.99 28.26 -7.29
C GLY N 92 19.20 29.68 -7.79
N MET N 93 18.40 30.10 -8.76
CA MET N 93 18.52 31.48 -9.25
C MET N 93 18.24 32.52 -8.15
N SER N 94 17.35 32.22 -7.23
CA SER N 94 17.06 33.20 -6.16
C SER N 94 18.31 33.45 -5.30
N ILE N 95 19.08 32.38 -5.04
CA ILE N 95 20.34 32.50 -4.33
C ILE N 95 21.37 33.25 -5.18
N TYR N 96 21.47 32.84 -6.44
CA TYR N 96 22.38 33.46 -7.41
C TYR N 96 22.15 34.97 -7.47
N ASP N 97 20.91 35.38 -7.70
CA ASP N 97 20.59 36.80 -7.77
C ASP N 97 20.81 37.55 -6.45
N THR N 98 20.59 36.88 -5.33
CA THR N 98 20.85 37.50 -4.04
C THR N 98 22.36 37.65 -3.83
N MET N 99 23.12 36.63 -4.23
CA MET N 99 24.59 36.72 -4.13
C MET N 99 25.17 37.91 -4.90
N ASN N 100 24.62 38.18 -6.08
CA ASN N 100 25.11 39.27 -6.90
C ASN N 100 24.59 40.65 -6.48
N PHE N 101 23.39 40.67 -5.86
CA PHE N 101 22.73 41.90 -5.47
C PHE N 101 23.32 42.52 -4.20
N ILE N 102 23.60 41.69 -3.21
CA ILE N 102 24.04 42.23 -1.92
C ILE N 102 25.44 42.81 -2.06
N LYS N 103 25.75 43.77 -1.20
CA LYS N 103 27.04 44.43 -1.23
C LYS N 103 28.23 43.54 -0.87
N PRO N 104 28.12 42.73 0.20
CA PRO N 104 29.29 41.91 0.54
C PRO N 104 29.75 40.97 -0.58
N ASP N 105 31.06 40.76 -0.70
CA ASP N 105 31.59 39.69 -1.52
C ASP N 105 31.09 38.35 -0.98
N VAL N 106 30.54 37.50 -1.84
CA VAL N 106 30.19 36.16 -1.41
C VAL N 106 31.25 35.17 -1.85
N SER N 107 32.08 34.74 -0.91
CA SER N 107 33.08 33.73 -1.21
C SER N 107 32.45 32.35 -1.14
N THR N 108 32.80 31.47 -2.08
CA THR N 108 32.25 30.12 -2.08
C THR N 108 33.34 29.07 -1.81
N LEU N 109 32.96 28.01 -1.12
CA LEU N 109 33.84 26.88 -0.87
C LEU N 109 33.09 25.59 -1.13
N CYS N 110 33.64 24.74 -1.99
CA CYS N 110 33.04 23.42 -2.20
C CYS N 110 33.62 22.41 -1.24
N LEU N 111 32.76 21.76 -0.48
CA LEU N 111 33.18 20.61 0.31
C LEU N 111 32.25 19.45 -0.01
N GLY N 112 32.80 18.26 -0.10
CA GLY N 112 32.03 17.11 -0.57
C GLY N 112 31.81 17.16 -2.07
N GLN N 113 30.76 17.85 -2.49
CA GLN N 113 30.46 18.01 -3.91
C GLN N 113 29.68 19.28 -4.21
N ALA N 114 29.80 19.74 -5.45
CA ALA N 114 28.91 20.76 -5.99
C ALA N 114 28.50 20.34 -7.39
N ALA N 115 27.28 19.84 -7.52
CA ALA N 115 26.86 19.36 -8.83
C ALA N 115 25.65 20.14 -9.30
N SER N 116 25.56 20.31 -10.62
CA SER N 116 24.46 21.01 -11.25
C SER N 116 24.29 22.39 -10.65
N MET N 117 23.11 22.71 -10.14
CA MET N 117 22.90 24.05 -9.56
C MET N 117 23.91 24.31 -8.42
N GLY N 118 24.35 23.25 -7.77
CA GLY N 118 25.39 23.39 -6.77
C GLY N 118 26.68 23.94 -7.35
N ALA N 119 27.10 23.40 -8.51
CA ALA N 119 28.31 23.87 -9.17
C ALA N 119 28.09 25.25 -9.74
N PHE N 120 26.88 25.50 -10.23
CA PHE N 120 26.54 26.83 -10.74
C PHE N 120 26.79 27.89 -9.68
N LEU N 121 26.26 27.64 -8.48
CA LEU N 121 26.41 28.59 -7.37
C LEU N 121 27.88 28.70 -6.94
N LEU N 122 28.58 27.57 -6.88
CA LEU N 122 30.00 27.59 -6.55
C LEU N 122 30.76 28.51 -7.50
N SER N 123 30.47 28.38 -8.79
CA SER N 123 31.14 29.15 -9.83
C SER N 123 30.73 30.62 -9.87
N ALA N 124 29.62 30.93 -9.21
CA ALA N 124 29.07 32.29 -9.16
C ALA N 124 29.61 33.12 -7.99
N GLY N 125 30.41 32.51 -7.13
CA GLY N 125 31.03 33.26 -6.04
C GLY N 125 31.94 34.36 -6.58
N GLU N 126 32.22 35.37 -5.76
CA GLU N 126 33.09 36.48 -6.15
C GLU N 126 34.41 36.00 -6.73
N LYS N 127 34.72 36.46 -7.96
CA LYS N 127 35.92 36.04 -8.68
C LYS N 127 37.18 36.29 -7.87
N GLY N 128 38.01 35.27 -7.75
CA GLY N 128 39.18 35.36 -6.89
C GLY N 128 38.92 34.72 -5.54
N LYS N 129 37.65 34.56 -5.18
CA LYS N 129 37.28 34.01 -3.87
C LYS N 129 36.41 32.75 -3.99
N ARG N 130 36.61 32.01 -5.08
CA ARG N 130 35.90 30.74 -5.26
C ARG N 130 36.83 29.59 -4.95
N PHE N 131 36.52 28.80 -3.93
CA PHE N 131 37.43 27.73 -3.50
C PHE N 131 36.80 26.33 -3.48
N ALA N 132 37.66 25.31 -3.44
CA ALA N 132 37.24 23.94 -3.20
C ALA N 132 38.28 23.27 -2.35
N LEU N 133 37.85 22.33 -1.52
CA LEU N 133 38.74 21.46 -0.76
C LEU N 133 39.30 20.36 -1.68
N PRO N 134 40.45 19.76 -1.31
CA PRO N 134 41.21 18.95 -2.27
C PRO N 134 40.41 17.79 -2.88
N ASN N 135 39.55 17.13 -2.12
CA ASN N 135 38.83 15.96 -2.62
C ASN N 135 37.36 16.20 -2.97
N SER N 136 37.02 17.47 -3.18
CA SER N 136 35.69 17.86 -3.63
C SER N 136 35.38 17.33 -5.03
N ARG N 137 34.11 17.02 -5.28
CA ARG N 137 33.68 16.63 -6.62
C ARG N 137 32.78 17.70 -7.21
N ILE N 138 33.13 18.17 -8.40
CA ILE N 138 32.29 19.13 -9.09
C ILE N 138 31.71 18.41 -10.32
N MET N 139 30.46 18.71 -10.66
CA MET N 139 29.86 18.12 -11.84
C MET N 139 28.92 19.11 -12.52
N ILE N 140 29.02 19.21 -13.85
CA ILE N 140 28.11 20.08 -14.60
C ILE N 140 27.40 19.30 -15.69
N HIS N 141 26.24 19.76 -16.06
CA HIS N 141 25.42 19.16 -17.09
C HIS N 141 24.26 20.05 -17.54
N GLN N 142 23.60 19.68 -18.61
CA GLN N 142 22.47 20.43 -19.14
C GLN N 142 21.23 20.15 -18.30
N PRO N 143 20.18 20.97 -18.45
CA PRO N 143 19.03 20.69 -17.58
C PRO N 143 18.46 19.29 -17.82
N LEU N 144 17.91 18.76 -16.74
CA LEU N 144 17.30 17.44 -16.71
C LEU N 144 15.93 17.54 -16.05
N ILE N 145 14.89 17.03 -16.68
CA ILE N 145 13.58 17.05 -16.04
C ILE N 145 13.35 15.67 -15.48
N SER N 146 13.07 15.63 -14.18
CA SER N 146 12.62 14.42 -13.55
C SER N 146 11.11 14.46 -13.61
N GLY N 147 10.51 13.30 -13.78
CA GLY N 147 9.07 13.23 -13.95
C GLY N 147 8.77 13.62 -15.39
N GLY N 148 7.75 14.44 -15.60
CA GLY N 148 7.39 14.72 -16.98
C GLY N 148 6.73 16.00 -17.43
N LEU N 149 6.65 16.11 -18.76
CA LEU N 149 5.81 17.07 -19.46
C LEU N 149 4.52 16.39 -19.86
N GLY N 150 3.40 16.80 -19.26
CA GLY N 150 2.13 16.15 -19.55
C GLY N 150 1.02 17.12 -19.85
N GLY N 151 0.41 16.94 -21.01
CA GLY N 151 -0.69 17.77 -21.44
C GLY N 151 -0.82 17.75 -22.95
N GLN N 152 -1.49 18.78 -23.48
CA GLN N 152 -1.65 18.96 -24.90
C GLN N 152 -0.31 19.35 -25.51
N ALA N 153 -0.14 19.04 -26.80
CA ALA N 153 1.09 19.34 -27.53
C ALA N 153 1.48 20.82 -27.44
N SER N 154 0.49 21.71 -27.51
CA SER N 154 0.71 23.15 -27.40
C SER N 154 1.46 23.51 -26.12
N ASP N 155 1.03 22.90 -25.02
CA ASP N 155 1.65 23.17 -23.73
C ASP N 155 3.05 22.56 -23.70
N ILE N 156 3.18 21.36 -24.27
CA ILE N 156 4.46 20.71 -24.26
C ILE N 156 5.45 21.52 -25.09
N GLU N 157 4.98 22.10 -26.20
CA GLU N 157 5.83 22.96 -27.03
C GLU N 157 6.29 24.19 -26.24
N ILE N 158 5.37 24.82 -25.54
CA ILE N 158 5.68 25.99 -24.74
C ILE N 158 6.74 25.64 -23.71
N HIS N 159 6.50 24.55 -22.98
CA HIS N 159 7.42 24.19 -21.91
C HIS N 159 8.75 23.65 -22.45
N ALA N 160 8.75 23.05 -23.64
CA ALA N 160 10.01 22.63 -24.22
C ALA N 160 10.83 23.87 -24.61
N ARG N 161 10.17 24.88 -25.19
CA ARG N 161 10.85 26.11 -25.56
C ARG N 161 11.42 26.83 -24.33
N GLU N 162 10.66 26.81 -23.23
CA GLU N 162 11.15 27.46 -22.05
C GLU N 162 12.38 26.71 -21.56
N LEU N 163 12.34 25.38 -21.63
CA LEU N 163 13.47 24.56 -21.21
C LEU N 163 14.74 24.84 -22.01
N LEU N 164 14.57 25.08 -23.31
CA LEU N 164 15.71 25.37 -24.19
C LEU N 164 16.34 26.71 -23.84
N LYS N 165 15.49 27.64 -23.45
CA LYS N 165 15.88 28.98 -23.02
C LYS N 165 16.72 28.90 -21.73
N ILE N 166 16.26 28.09 -20.78
CA ILE N 166 16.97 27.86 -19.53
C ILE N 166 18.34 27.27 -19.79
N LYS N 167 18.37 26.28 -20.69
CA LYS N 167 19.61 25.63 -21.06
C LYS N 167 20.62 26.62 -21.64
N GLU N 168 20.17 27.48 -22.56
CA GLU N 168 21.09 28.45 -23.13
C GLU N 168 21.51 29.52 -22.10
N LYS N 169 20.55 30.02 -21.36
CA LYS N 169 20.83 31.01 -20.31
C LYS N 169 21.88 30.47 -19.33
N LEU N 170 21.67 29.25 -18.86
CA LEU N 170 22.63 28.63 -17.93
C LEU N 170 23.99 28.44 -18.59
N ASN N 171 24.03 28.11 -19.88
CA ASN N 171 25.32 28.00 -20.55
C ASN N 171 26.02 29.35 -20.68
N ARG N 172 25.25 30.38 -21.02
CA ARG N 172 25.74 31.74 -21.17
C ARG N 172 26.28 32.28 -19.85
N LEU N 173 25.54 32.06 -18.77
CA LEU N 173 26.00 32.51 -17.46
C LEU N 173 27.20 31.71 -16.99
N MET N 174 27.18 30.40 -17.24
CA MET N 174 28.28 29.57 -16.80
C MET N 174 29.58 29.90 -17.55
N ALA N 175 29.49 30.21 -18.84
CA ALA N 175 30.66 30.57 -19.63
C ALA N 175 31.29 31.88 -19.11
N LYS N 176 30.44 32.81 -18.69
CA LYS N 176 30.93 34.05 -18.07
C LYS N 176 31.66 33.78 -16.76
N HIS N 177 31.06 32.95 -15.88
CA HIS N 177 31.71 32.61 -14.62
C HIS N 177 33.06 31.98 -14.85
N CYS N 178 33.14 31.13 -15.86
CA CYS N 178 34.36 30.36 -16.07
C CYS N 178 35.35 31.07 -16.99
N ASP N 179 34.95 32.24 -17.50
CA ASP N 179 35.72 32.97 -18.51
C ASP N 179 36.03 32.04 -19.69
N ARG N 180 34.99 31.43 -20.23
CA ARG N 180 35.10 30.47 -21.34
C ARG N 180 34.11 30.75 -22.44
N ASP N 181 34.30 30.10 -23.60
CA ASP N 181 33.35 30.26 -24.71
C ASP N 181 32.05 29.58 -24.43
N LEU N 182 30.98 30.21 -24.90
CA LEU N 182 29.65 29.63 -24.85
C LEU N 182 29.66 28.23 -25.49
N ALA N 183 30.36 28.09 -26.62
CA ALA N 183 30.43 26.82 -27.33
C ALA N 183 31.11 25.74 -26.48
N ASP N 184 32.09 26.14 -25.67
CA ASP N 184 32.76 25.17 -24.81
C ASP N 184 31.82 24.63 -23.74
N LEU N 185 31.05 25.51 -23.12
CA LEU N 185 30.10 25.07 -22.10
C LEU N 185 29.02 24.19 -22.71
N GLU N 186 28.56 24.55 -23.91
CA GLU N 186 27.55 23.78 -24.62
C GLU N 186 28.05 22.37 -24.88
N ARG N 187 29.30 22.29 -25.35
CA ARG N 187 29.96 21.02 -25.60
C ARG N 187 30.09 20.22 -24.32
N ASP N 188 30.54 20.91 -23.26
CA ASP N 188 30.97 20.22 -22.04
C ASP N 188 29.83 19.89 -21.09
N THR N 189 28.61 20.31 -21.39
CA THR N 189 27.49 20.00 -20.50
C THR N 189 26.47 19.08 -21.17
N ASP N 190 26.81 18.59 -22.35
CA ASP N 190 25.88 17.73 -23.09
C ASP N 190 25.51 16.48 -22.28
N ARG N 191 26.51 15.90 -21.61
CA ARG N 191 26.29 14.82 -20.64
C ARG N 191 27.00 15.16 -19.33
N ASP N 192 26.68 14.44 -18.27
CA ASP N 192 27.32 14.64 -16.96
C ASP N 192 28.82 14.77 -17.10
N ASN N 193 29.37 15.87 -16.60
CA ASN N 193 30.80 16.10 -16.71
C ASN N 193 31.39 16.29 -15.31
N PHE N 194 32.05 15.23 -14.82
CA PHE N 194 32.68 15.22 -13.51
C PHE N 194 34.08 15.82 -13.55
N MET N 195 34.37 16.66 -12.56
CA MET N 195 35.69 17.29 -12.46
C MET N 195 36.26 17.20 -11.06
N SER N 196 37.55 16.90 -10.99
CA SER N 196 38.30 17.02 -9.77
C SER N 196 38.45 18.49 -9.42
N ALA N 197 38.94 18.77 -8.22
CA ALA N 197 39.20 20.15 -7.80
C ALA N 197 40.21 20.81 -8.75
N GLU N 198 41.27 20.08 -9.09
CA GLU N 198 42.26 20.66 -10.02
C GLU N 198 41.66 20.91 -11.39
N GLU N 199 40.83 19.97 -11.89
CA GLU N 199 40.16 20.15 -13.17
C GLU N 199 39.15 21.30 -13.14
N ALA N 200 38.46 21.45 -12.01
CA ALA N 200 37.52 22.55 -11.87
C ALA N 200 38.25 23.89 -11.87
N LYS N 201 39.44 23.92 -11.28
CA LYS N 201 40.28 25.12 -11.31
C LYS N 201 40.72 25.44 -12.74
N GLU N 202 41.25 24.43 -13.42
CA GLU N 202 41.72 24.59 -14.79
C GLU N 202 40.62 25.12 -15.70
N TYR N 203 39.40 24.65 -15.48
CA TYR N 203 38.25 25.03 -16.30
C TYR N 203 37.82 26.48 -16.09
N GLY N 204 38.17 27.04 -14.94
CA GLY N 204 37.79 28.41 -14.59
C GLY N 204 36.60 28.46 -13.66
N LEU N 205 36.26 27.31 -13.09
CA LEU N 205 35.08 27.20 -12.26
C LEU N 205 35.36 27.69 -10.85
N ILE N 206 36.55 27.40 -10.34
CA ILE N 206 36.99 27.95 -9.07
C ILE N 206 38.36 28.60 -9.24
N ASP N 207 38.82 29.31 -8.22
CA ASP N 207 40.09 30.01 -8.31
C ASP N 207 41.21 29.23 -7.62
N GLN N 208 40.93 28.65 -6.46
CA GLN N 208 41.98 27.92 -5.73
C GLN N 208 41.47 26.69 -5.03
N ILE N 209 42.37 25.71 -4.90
CA ILE N 209 42.18 24.53 -4.06
C ILE N 209 42.88 24.80 -2.75
N LEU N 210 42.13 24.66 -1.66
CA LEU N 210 42.69 24.85 -0.33
C LEU N 210 42.93 23.52 0.36
N GLU N 211 44.17 23.26 0.72
CA GLU N 211 44.48 22.05 1.47
C GLU N 211 44.30 22.34 2.98
N ASN N 212 44.77 23.49 3.43
CA ASN N 212 44.61 23.90 4.82
C ASN N 212 44.69 25.42 4.94
N ARG N 213 44.51 25.96 6.15
CA ARG N 213 44.52 27.41 6.32
C ARG N 213 45.88 28.02 6.00
N ALA N 214 46.93 27.24 6.15
CA ALA N 214 48.25 27.65 5.69
C ALA N 214 48.24 27.83 4.18
N SER N 215 47.93 29.05 3.75
CA SER N 215 47.92 29.42 2.33
C SER N 215 46.99 28.54 1.49
K K O . 21.65 -38.57 -22.45
K K P . 2.43 -49.57 -1.34
K K Q . -26.72 -41.49 4.11
K K R . -44.02 -20.48 -10.09
K K S . -36.14 -2.00 -33.84
K K T . -9.02 -0.25 -48.84
K K U . 16.59 -16.60 -43.64
K K V . -1.31 49.50 0.55
K K W . -21.54 39.03 21.57
K K X . -17.37 17.12 43.05
K K Y . 8.00 0.33 48.86
K K Z . 35.30 1.32 34.57
K K AA . 43.97 19.11 11.26
K K BA . 28.08 40.44 -3.86
#